data_2RG0
#
_entry.id   2RG0
#
_cell.length_a   50.980
_cell.length_b   94.810
_cell.length_c   190.430
_cell.angle_alpha   90.000
_cell.angle_beta   90.010
_cell.angle_gamma   90.000
#
_symmetry.space_group_name_H-M   'P 1 21 1'
#
loop_
_entity.id
_entity.type
_entity.pdbx_description
1 polymer 'Cellulose 1,4-beta-cellobiosidase'
2 branched beta-D-glucopyranose-(1-4)-beta-D-glucopyranose
3 branched beta-D-glucopyranose-(1-4)-beta-D-glucopyranose-(1-4)-beta-D-glucopyranose-(1-4)-beta-D-glucopyranose
4 water water
#
_entity_poly.entity_id   1
_entity_poly.type   'polypeptide(L)'
_entity_poly.pdbx_seq_one_letter_code
;(PCA)RAGNETPENHPPLTWQRCTAPGNCQTVNAEVVIDANWRWLHDDNMQNCYDGNQWTNACSTATDCAEKCMIEGAGD
YLGTYGASTSGDALTLKFVTKHEYGTNVGSRFYLMNGPDKYQMFNLMGNELAFDVDLSTVECGINSALYFVAMEEDGGMA
SYPSNQAGARYGTGYCDAQCARDLKFVGGKANIEGWKSSTSDPNAGVGPYGSCCAEIDVWESNAYAFAFTPHACTTNEYH
VCETTNCGGTYSEDRFAGKCDANGCDYNPYRMGNPDFYGKGKTLDTSRKFTVVSRFEENKLSQYFIQDGRKIEIPPPTWE
GMPNSSEITPELCSTMFDVFNDRNRFEEVGGFEQLNNALRVPMVLVMSIWDDHYANMLWLDSIYPPEKEGQPGAARGDCP
TDSGVPAEVEAQFPDAQVVWSNIRFGPIGSTYDF
;
_entity_poly.pdbx_strand_id   A,B,C,D
#
loop_
_chem_comp.id
_chem_comp.type
_chem_comp.name
_chem_comp.formula
BGC D-saccharide, beta linking beta-D-glucopyranose 'C6 H12 O6'
#
# COMPACT_ATOMS: atom_id res chain seq x y z
N PCA A 1 -11.52 -30.35 5.58
CA PCA A 1 -11.96 -30.37 6.98
CB PCA A 1 -10.87 -31.17 7.68
CG PCA A 1 -9.99 -31.72 6.62
CD PCA A 1 -10.72 -31.56 5.31
OE PCA A 1 -11.14 -32.55 4.71
C PCA A 1 -12.04 -28.98 7.58
O PCA A 1 -11.82 -27.97 6.90
N ARG A 2 -12.37 -28.89 8.86
CA ARG A 2 -12.46 -27.56 9.47
C ARG A 2 -11.07 -27.07 9.89
N ALA A 3 -11.03 -25.85 10.39
CA ALA A 3 -9.86 -25.16 10.89
C ALA A 3 -9.67 -25.39 12.39
N GLY A 4 -8.43 -25.63 12.80
CA GLY A 4 -8.03 -25.82 14.18
C GLY A 4 -7.77 -24.51 14.91
N ASN A 5 -8.54 -24.32 15.97
CA ASN A 5 -8.72 -23.16 16.80
C ASN A 5 -7.69 -23.01 17.91
N GLU A 6 -6.85 -24.02 18.12
CA GLU A 6 -5.85 -23.93 19.19
C GLU A 6 -4.69 -23.04 18.76
N THR A 7 -4.28 -23.17 17.49
CA THR A 7 -3.16 -22.40 16.98
C THR A 7 -3.61 -21.33 15.99
N PRO A 8 -2.99 -20.16 16.06
CA PRO A 8 -3.13 -19.13 15.03
C PRO A 8 -2.08 -19.33 13.93
N GLU A 9 -2.51 -19.46 12.70
CA GLU A 9 -1.66 -19.73 11.54
C GLU A 9 -0.90 -18.51 11.03
N ASN A 10 0.42 -18.57 11.18
CA ASN A 10 1.33 -17.51 10.76
C ASN A 10 1.84 -17.69 9.33
N HIS A 11 1.78 -16.65 8.51
CA HIS A 11 2.15 -16.64 7.10
C HIS A 11 3.35 -15.74 6.83
N PRO A 12 4.56 -16.26 6.70
CA PRO A 12 5.73 -15.39 6.55
C PRO A 12 5.65 -14.60 5.25
N PRO A 13 6.28 -13.44 5.22
CA PRO A 13 6.21 -12.54 4.07
C PRO A 13 7.25 -12.91 3.03
N LEU A 14 7.17 -12.39 1.80
CA LEU A 14 8.17 -12.77 0.80
C LEU A 14 8.13 -11.95 -0.49
N THR A 15 8.75 -10.78 -0.48
CA THR A 15 8.68 -9.91 -1.66
C THR A 15 9.23 -10.60 -2.91
N TRP A 16 8.44 -10.42 -3.95
CA TRP A 16 8.67 -10.89 -5.30
C TRP A 16 8.26 -9.75 -6.23
N GLN A 17 8.33 -9.93 -7.55
CA GLN A 17 7.95 -8.70 -8.27
C GLN A 17 7.63 -8.93 -9.74
N ARG A 18 6.49 -8.35 -10.13
CA ARG A 18 6.20 -8.24 -11.54
C ARG A 18 7.32 -7.41 -12.17
N CYS A 19 7.56 -7.65 -13.45
CA CYS A 19 8.66 -7.05 -14.19
C CYS A 19 8.22 -6.37 -15.47
N THR A 20 8.01 -5.06 -15.46
CA THR A 20 7.54 -4.43 -16.70
C THR A 20 8.61 -4.47 -17.78
N ALA A 21 9.72 -3.77 -17.59
CA ALA A 21 10.85 -3.80 -18.52
C ALA A 21 12.10 -4.34 -17.84
N PRO A 22 13.08 -4.83 -18.59
CA PRO A 22 14.29 -5.39 -18.00
C PRO A 22 15.12 -4.32 -17.30
N GLY A 23 14.56 -3.81 -16.21
CA GLY A 23 15.05 -2.72 -15.40
C GLY A 23 13.93 -2.07 -14.61
N ASN A 24 12.72 -2.05 -15.17
CA ASN A 24 11.59 -1.45 -14.46
C ASN A 24 10.65 -2.53 -13.92
N CYS A 25 11.09 -3.18 -12.86
CA CYS A 25 10.33 -4.22 -12.19
C CYS A 25 9.79 -3.72 -10.85
N GLN A 26 8.55 -4.07 -10.51
CA GLN A 26 7.97 -3.58 -9.26
C GLN A 26 7.63 -4.77 -8.36
N THR A 27 7.87 -4.59 -7.09
CA THR A 27 7.84 -5.50 -5.97
C THR A 27 6.46 -5.75 -5.35
N VAL A 28 6.19 -7.00 -5.02
CA VAL A 28 4.96 -7.47 -4.38
C VAL A 28 5.25 -8.03 -2.99
N ASN A 29 4.58 -7.45 -2.00
CA ASN A 29 4.84 -7.78 -0.61
C ASN A 29 4.08 -9.04 -0.20
N ALA A 30 4.26 -10.11 -0.98
CA ALA A 30 3.53 -11.34 -0.79
C ALA A 30 3.74 -11.98 0.59
N GLU A 31 3.30 -13.23 0.69
CA GLU A 31 3.42 -13.99 1.93
C GLU A 31 3.56 -15.45 1.57
N VAL A 32 3.77 -16.34 2.54
CA VAL A 32 3.81 -17.75 2.15
C VAL A 32 3.14 -18.65 3.19
N VAL A 33 2.67 -19.82 2.74
CA VAL A 33 2.08 -20.77 3.69
C VAL A 33 2.51 -22.19 3.30
N ILE A 34 2.41 -23.12 4.24
CA ILE A 34 2.84 -24.49 4.03
C ILE A 34 1.68 -25.44 3.73
N ASP A 35 1.99 -26.51 3.00
CA ASP A 35 1.00 -27.53 2.68
C ASP A 35 0.48 -28.16 3.98
N ALA A 36 -0.79 -28.51 3.96
CA ALA A 36 -1.51 -29.06 5.10
C ALA A 36 -0.93 -30.36 5.61
N ASN A 37 -0.19 -31.08 4.76
CA ASN A 37 0.30 -32.39 5.18
C ASN A 37 1.25 -32.27 6.36
N TRP A 38 1.81 -31.09 6.59
CA TRP A 38 2.74 -30.88 7.70
C TRP A 38 2.03 -30.32 8.92
N ARG A 39 0.71 -30.44 8.99
CA ARG A 39 -0.05 -29.82 10.08
C ARG A 39 -0.77 -30.83 10.96
N TRP A 40 -0.96 -30.49 12.23
CA TRP A 40 -1.51 -31.42 13.22
C TRP A 40 -3.02 -31.60 13.05
N LEU A 41 -3.46 -32.83 13.25
CA LEU A 41 -4.81 -33.31 13.04
C LEU A 41 -5.49 -33.73 14.34
N HIS A 42 -6.72 -33.27 14.62
CA HIS A 42 -7.30 -33.64 15.91
C HIS A 42 -8.82 -33.46 16.03
N ASP A 43 -9.37 -34.20 16.97
CA ASP A 43 -10.76 -34.11 17.37
C ASP A 43 -10.88 -33.02 18.43
N ASP A 44 -12.09 -32.73 18.89
CA ASP A 44 -12.35 -31.57 19.73
C ASP A 44 -11.75 -31.65 21.12
N ASN A 45 -10.89 -32.63 21.41
CA ASN A 45 -10.32 -32.67 22.75
C ASN A 45 -8.89 -33.21 22.79
N MET A 46 -8.02 -32.54 22.04
CA MET A 46 -6.60 -32.85 21.99
C MET A 46 -6.31 -34.08 21.13
N GLN A 47 -7.13 -35.11 21.27
CA GLN A 47 -6.92 -36.35 20.52
C GLN A 47 -6.90 -36.08 19.02
N ASN A 48 -5.90 -36.65 18.36
CA ASN A 48 -5.69 -36.47 16.94
C ASN A 48 -6.76 -37.16 16.10
N CYS A 49 -6.76 -36.89 14.80
CA CYS A 49 -7.64 -37.54 13.84
C CYS A 49 -6.80 -38.43 12.91
N TYR A 50 -5.55 -38.63 13.30
CA TYR A 50 -4.53 -39.33 12.51
C TYR A 50 -3.21 -39.27 13.29
N ASP A 51 -2.19 -40.05 12.98
CA ASP A 51 -0.97 -39.95 13.80
C ASP A 51 0.14 -40.82 13.24
N GLY A 52 1.38 -40.46 13.55
CA GLY A 52 2.50 -41.17 12.95
C GLY A 52 2.34 -41.09 11.43
N ASN A 53 1.70 -42.11 10.88
CA ASN A 53 1.26 -42.14 9.50
C ASN A 53 0.02 -43.03 9.40
N GLN A 54 -0.62 -43.19 10.54
CA GLN A 54 -1.83 -43.94 10.76
C GLN A 54 -2.98 -43.03 11.16
N TRP A 55 -4.07 -43.05 10.39
CA TRP A 55 -5.27 -42.32 10.83
C TRP A 55 -5.77 -42.90 12.14
N THR A 56 -6.71 -42.28 12.82
CA THR A 56 -7.04 -42.67 14.19
C THR A 56 -8.41 -43.31 14.38
N ASN A 57 -8.73 -43.53 15.65
CA ASN A 57 -10.03 -43.94 16.16
C ASN A 57 -10.89 -42.68 16.31
N ALA A 58 -10.23 -41.55 16.49
CA ALA A 58 -10.86 -40.23 16.42
C ALA A 58 -10.83 -39.79 14.95
N CYS A 59 -11.81 -40.28 14.22
CA CYS A 59 -12.05 -40.36 12.81
C CYS A 59 -12.61 -41.75 12.47
N SER A 60 -13.43 -41.86 11.43
CA SER A 60 -13.98 -43.14 11.01
C SER A 60 -13.91 -43.31 9.49
N THR A 61 -14.56 -42.41 8.76
CA THR A 61 -14.60 -42.46 7.30
C THR A 61 -14.11 -41.17 6.68
N ALA A 62 -13.97 -41.19 5.35
CA ALA A 62 -13.50 -40.01 4.65
C ALA A 62 -14.41 -38.80 4.92
N THR A 63 -15.66 -39.00 4.56
CA THR A 63 -16.76 -38.06 4.62
C THR A 63 -17.13 -37.70 6.07
N ASP A 64 -16.55 -38.37 7.05
CA ASP A 64 -16.88 -38.05 8.46
C ASP A 64 -15.75 -37.22 9.07
N CYS A 65 -14.53 -37.54 8.63
CA CYS A 65 -13.32 -36.84 9.06
C CYS A 65 -13.35 -35.38 8.64
N ALA A 66 -13.87 -35.10 7.44
CA ALA A 66 -13.95 -33.74 6.94
C ALA A 66 -14.72 -32.82 7.90
N GLU A 67 -15.59 -33.39 8.72
CA GLU A 67 -16.49 -32.64 9.58
C GLU A 67 -16.10 -32.68 11.05
N LYS A 68 -15.58 -33.80 11.51
CA LYS A 68 -15.19 -34.07 12.88
C LYS A 68 -13.79 -33.56 13.24
N CYS A 69 -13.01 -33.23 12.23
CA CYS A 69 -11.62 -32.85 12.51
C CYS A 69 -11.31 -31.42 12.17
N MET A 70 -10.04 -31.04 12.37
CA MET A 70 -9.60 -29.70 11.98
C MET A 70 -8.07 -29.64 11.98
N ILE A 71 -7.58 -28.73 11.17
CA ILE A 71 -6.15 -28.54 10.91
C ILE A 71 -5.62 -27.34 11.65
N GLU A 72 -4.39 -27.43 12.15
CA GLU A 72 -3.90 -26.27 12.91
C GLU A 72 -2.85 -25.52 12.12
N GLY A 73 -2.32 -24.45 12.69
CA GLY A 73 -1.30 -23.64 12.03
C GLY A 73 0.07 -23.98 12.57
N ALA A 74 1.12 -23.68 11.84
CA ALA A 74 2.47 -24.08 12.26
C ALA A 74 3.09 -23.11 13.25
N GLY A 75 3.18 -21.84 12.87
CA GLY A 75 3.78 -20.84 13.74
C GLY A 75 5.30 -20.80 13.62
N ASP A 76 6.00 -21.52 14.49
CA ASP A 76 7.46 -21.55 14.42
C ASP A 76 7.94 -22.20 13.13
N TYR A 77 7.87 -21.48 12.01
CA TYR A 77 8.40 -22.00 10.75
C TYR A 77 9.92 -22.10 10.85
N LEU A 78 10.48 -21.28 11.73
CA LEU A 78 11.91 -21.37 12.00
C LEU A 78 12.17 -22.65 12.79
N GLY A 79 11.76 -22.63 14.05
CA GLY A 79 11.95 -23.71 14.99
C GLY A 79 11.19 -24.98 14.68
N THR A 80 10.16 -24.94 13.83
CA THR A 80 9.50 -26.23 13.58
C THR A 80 9.69 -26.63 12.13
N TYR A 81 9.38 -25.77 11.18
CA TYR A 81 9.49 -26.22 9.78
C TYR A 81 10.68 -25.62 9.05
N GLY A 82 11.65 -25.12 9.80
CA GLY A 82 12.95 -24.71 9.35
C GLY A 82 13.00 -23.65 8.28
N ALA A 83 11.87 -22.99 8.03
CA ALA A 83 11.76 -21.94 7.02
C ALA A 83 12.30 -20.62 7.53
N SER A 84 12.66 -19.73 6.61
CA SER A 84 13.15 -18.40 6.97
C SER A 84 13.04 -17.42 5.80
N THR A 85 12.98 -16.14 6.13
CA THR A 85 12.83 -15.09 5.12
C THR A 85 13.73 -13.89 5.41
N SER A 86 14.27 -13.27 4.36
CA SER A 86 15.14 -12.10 4.49
C SER A 86 14.65 -10.97 3.60
N GLY A 87 13.34 -10.95 3.34
CA GLY A 87 12.80 -9.97 2.40
C GLY A 87 12.39 -10.69 1.12
N ASP A 88 13.36 -10.88 0.25
CA ASP A 88 13.23 -11.62 -1.00
C ASP A 88 13.83 -13.02 -0.83
N ALA A 89 14.79 -13.10 0.08
CA ALA A 89 15.43 -14.34 0.48
C ALA A 89 14.48 -15.13 1.37
N LEU A 90 14.68 -16.43 1.38
CA LEU A 90 13.92 -17.47 2.01
C LEU A 90 14.78 -18.69 2.29
N THR A 91 14.48 -19.46 3.32
CA THR A 91 15.32 -20.63 3.56
C THR A 91 14.55 -21.79 4.17
N LEU A 92 14.85 -22.96 3.64
CA LEU A 92 14.27 -24.21 4.11
C LEU A 92 15.38 -25.23 4.34
N LYS A 93 15.66 -25.45 5.61
CA LYS A 93 16.67 -26.35 6.17
C LYS A 93 16.21 -27.80 6.04
N PHE A 94 17.06 -28.64 5.47
CA PHE A 94 16.65 -30.02 5.19
C PHE A 94 16.13 -30.71 6.44
N VAL A 95 17.00 -31.07 7.39
CA VAL A 95 16.46 -31.82 8.54
C VAL A 95 16.33 -30.92 9.76
N THR A 96 15.15 -31.06 10.36
CA THR A 96 14.66 -30.13 11.36
C THR A 96 14.18 -30.85 12.61
N LYS A 97 15.09 -31.00 13.56
CA LYS A 97 14.89 -31.67 14.83
C LYS A 97 14.33 -30.74 15.90
N HIS A 98 13.03 -30.47 15.84
CA HIS A 98 12.47 -29.53 16.82
C HIS A 98 12.40 -30.18 18.20
N GLU A 99 12.06 -29.36 19.18
CA GLU A 99 11.95 -29.76 20.57
C GLU A 99 11.26 -31.11 20.74
N TYR A 100 10.13 -31.32 20.06
CA TYR A 100 9.41 -32.59 20.24
C TYR A 100 9.25 -33.40 18.95
N GLY A 101 10.34 -33.69 18.25
CA GLY A 101 10.34 -34.50 17.04
C GLY A 101 11.41 -34.11 16.05
N THR A 102 11.36 -34.65 14.83
CA THR A 102 12.29 -34.26 13.78
C THR A 102 11.64 -34.25 12.41
N ASN A 103 11.17 -33.07 11.98
CA ASN A 103 10.41 -32.90 10.74
C ASN A 103 11.29 -32.91 9.49
N VAL A 104 10.82 -33.62 8.46
CA VAL A 104 11.62 -33.76 7.25
C VAL A 104 11.02 -33.06 6.05
N GLY A 105 11.68 -31.98 5.64
CA GLY A 105 11.34 -31.24 4.46
C GLY A 105 10.42 -30.05 4.71
N SER A 106 9.91 -29.51 3.62
CA SER A 106 8.97 -28.40 3.56
C SER A 106 8.40 -28.27 2.15
N ARG A 107 7.27 -27.59 2.04
CA ARG A 107 6.61 -27.22 0.79
C ARG A 107 5.73 -25.98 0.99
N PHE A 108 6.03 -24.95 0.22
CA PHE A 108 5.38 -23.66 0.29
C PHE A 108 4.90 -23.18 -1.09
N TYR A 109 3.92 -22.31 -1.02
CA TYR A 109 3.21 -21.57 -2.04
C TYR A 109 3.17 -20.06 -1.80
N LEU A 110 3.13 -19.31 -2.89
CA LEU A 110 3.03 -17.85 -2.92
C LEU A 110 1.60 -17.44 -2.58
N MET A 111 1.41 -16.27 -1.97
CA MET A 111 0.09 -15.90 -1.49
C MET A 111 -0.26 -14.43 -1.68
N ASN A 112 -1.28 -14.21 -2.50
CA ASN A 112 -1.87 -12.90 -2.77
C ASN A 112 -2.90 -12.50 -1.72
N GLY A 113 -2.54 -12.65 -0.45
CA GLY A 113 -3.46 -12.44 0.67
C GLY A 113 -3.65 -13.75 1.42
N PRO A 114 -4.03 -13.70 2.69
CA PRO A 114 -4.02 -14.88 3.54
C PRO A 114 -5.09 -15.89 3.12
N ASP A 115 -6.09 -15.41 2.41
CA ASP A 115 -7.19 -16.23 1.96
C ASP A 115 -6.92 -16.78 0.56
N LYS A 116 -6.19 -15.97 -0.19
CA LYS A 116 -5.88 -16.15 -1.59
C LYS A 116 -4.44 -16.59 -1.87
N TYR A 117 -4.24 -17.20 -3.03
CA TYR A 117 -2.98 -17.71 -3.54
C TYR A 117 -2.39 -16.79 -4.61
N GLN A 118 -1.17 -17.07 -5.05
CA GLN A 118 -0.61 -16.34 -6.18
C GLN A 118 -0.64 -17.18 -7.45
N MET A 119 -1.66 -16.94 -8.28
CA MET A 119 -1.72 -17.60 -9.58
C MET A 119 -0.85 -16.85 -10.57
N PHE A 120 -0.48 -17.46 -11.70
CA PHE A 120 0.45 -16.75 -12.56
C PHE A 120 0.06 -16.87 -14.03
N ASN A 121 0.29 -15.79 -14.74
CA ASN A 121 0.12 -15.70 -16.18
C ASN A 121 1.25 -16.46 -16.87
N LEU A 122 1.01 -17.75 -17.11
CA LEU A 122 2.09 -18.58 -17.63
C LEU A 122 2.52 -18.19 -19.04
N MET A 123 1.96 -18.87 -20.03
CA MET A 123 2.36 -18.81 -21.44
C MET A 123 2.60 -17.40 -21.95
N GLY A 124 3.80 -17.20 -22.53
CA GLY A 124 4.13 -15.92 -23.12
C GLY A 124 4.68 -14.98 -22.07
N ASN A 125 5.05 -15.57 -20.94
CA ASN A 125 5.64 -14.88 -19.81
C ASN A 125 6.81 -15.69 -19.25
N GLU A 126 7.74 -15.05 -18.55
CA GLU A 126 8.86 -15.80 -17.98
C GLU A 126 8.94 -15.68 -16.46
N LEU A 127 9.42 -16.77 -15.85
CA LEU A 127 9.79 -16.81 -14.45
C LEU A 127 11.32 -16.75 -14.26
N ALA A 128 11.75 -15.90 -13.33
CA ALA A 128 13.12 -15.79 -12.85
C ALA A 128 13.13 -16.00 -11.33
N PHE A 129 14.32 -16.01 -10.73
CA PHE A 129 14.64 -16.17 -9.33
C PHE A 129 16.14 -16.41 -9.15
N ASP A 130 16.59 -16.84 -7.97
CA ASP A 130 17.97 -17.27 -7.74
C ASP A 130 18.00 -18.32 -6.61
N VAL A 131 18.92 -19.27 -6.69
CA VAL A 131 19.00 -20.30 -5.65
C VAL A 131 20.44 -20.57 -5.20
N ASP A 132 20.56 -20.86 -3.91
CA ASP A 132 21.81 -21.25 -3.28
C ASP A 132 21.65 -22.67 -2.73
N LEU A 133 21.71 -23.62 -3.64
CA LEU A 133 21.56 -25.03 -3.26
C LEU A 133 22.97 -25.59 -3.00
N SER A 134 23.89 -24.66 -2.77
CA SER A 134 25.32 -24.91 -2.78
C SER A 134 25.72 -26.12 -1.95
N THR A 135 24.94 -26.44 -0.93
CA THR A 135 25.09 -27.56 -0.04
C THR A 135 23.88 -28.49 -0.06
N VAL A 136 23.09 -28.41 -1.13
CA VAL A 136 22.04 -29.39 -1.37
C VAL A 136 22.70 -30.55 -2.14
N GLU A 137 22.90 -31.64 -1.41
CA GLU A 137 23.65 -32.79 -1.87
C GLU A 137 22.75 -33.86 -2.48
N CYS A 138 23.37 -34.86 -3.11
CA CYS A 138 22.65 -35.94 -3.75
C CYS A 138 21.65 -36.60 -2.82
N GLY A 139 20.45 -36.82 -3.34
CA GLY A 139 19.39 -37.49 -2.59
C GLY A 139 18.28 -36.53 -2.24
N ILE A 140 18.62 -35.24 -2.26
CA ILE A 140 17.73 -34.17 -1.86
C ILE A 140 17.14 -33.44 -3.06
N ASN A 141 15.98 -32.80 -2.82
CA ASN A 141 15.51 -31.96 -3.91
C ASN A 141 14.92 -30.66 -3.36
N SER A 142 15.55 -29.60 -3.79
CA SER A 142 15.09 -28.23 -3.73
C SER A 142 14.37 -27.93 -5.06
N ALA A 143 13.04 -27.88 -5.01
CA ALA A 143 12.29 -27.64 -6.24
C ALA A 143 11.44 -26.38 -6.16
N LEU A 144 11.48 -25.64 -7.25
CA LEU A 144 10.65 -24.50 -7.59
C LEU A 144 9.82 -24.86 -8.82
N TYR A 145 8.53 -24.55 -8.79
CA TYR A 145 7.72 -24.90 -9.94
C TYR A 145 6.27 -24.41 -9.76
N PHE A 146 5.56 -24.38 -10.88
CA PHE A 146 4.15 -24.05 -10.96
C PHE A 146 3.28 -25.31 -11.08
N VAL A 147 2.03 -25.13 -10.69
CA VAL A 147 0.98 -26.11 -10.84
C VAL A 147 -0.40 -25.47 -10.68
N ALA A 148 -1.38 -25.99 -11.41
CA ALA A 148 -2.73 -25.49 -11.41
C ALA A 148 -3.57 -25.91 -10.21
N MET A 149 -3.13 -25.58 -8.98
CA MET A 149 -4.05 -25.71 -7.86
C MET A 149 -4.95 -24.47 -7.81
N GLU A 150 -6.25 -24.70 -7.70
CA GLU A 150 -7.22 -23.61 -7.67
C GLU A 150 -6.86 -22.55 -6.65
N GLU A 151 -7.15 -21.30 -7.01
CA GLU A 151 -6.84 -20.13 -6.21
C GLU A 151 -7.15 -20.32 -4.74
N ASP A 152 -8.31 -20.85 -4.35
CA ASP A 152 -8.58 -20.93 -2.91
C ASP A 152 -8.33 -22.31 -2.30
N GLY A 153 -7.19 -22.92 -2.57
CA GLY A 153 -6.78 -24.19 -2.03
C GLY A 153 -7.81 -25.30 -2.09
N GLY A 154 -8.77 -25.19 -2.99
CA GLY A 154 -9.84 -26.16 -3.17
C GLY A 154 -10.98 -25.96 -2.19
N MET A 155 -11.23 -24.70 -1.80
CA MET A 155 -12.25 -24.48 -0.77
C MET A 155 -13.60 -24.16 -1.37
N ALA A 156 -13.59 -23.30 -2.38
CA ALA A 156 -14.78 -23.04 -3.17
C ALA A 156 -15.42 -24.36 -3.61
N SER A 157 -14.74 -25.02 -4.55
CA SER A 157 -15.16 -26.26 -5.17
C SER A 157 -15.54 -27.32 -4.14
N TYR A 158 -14.88 -27.29 -2.99
CA TYR A 158 -15.16 -28.27 -1.94
C TYR A 158 -15.57 -27.56 -0.65
N PRO A 159 -16.82 -27.86 -0.28
CA PRO A 159 -17.52 -27.23 0.84
C PRO A 159 -17.07 -27.74 2.21
N SER A 160 -16.63 -28.98 2.28
CA SER A 160 -16.21 -29.65 3.50
C SER A 160 -14.85 -29.21 4.02
N ASN A 161 -14.04 -28.61 3.16
CA ASN A 161 -12.78 -28.01 3.56
C ASN A 161 -12.90 -26.49 3.66
N GLN A 162 -13.16 -26.01 4.86
CA GLN A 162 -13.34 -24.60 5.16
C GLN A 162 -12.05 -23.99 5.73
N ALA A 163 -10.94 -24.66 5.49
CA ALA A 163 -9.61 -24.19 5.86
C ALA A 163 -8.96 -23.53 4.64
N GLY A 164 -8.67 -24.33 3.62
CA GLY A 164 -8.23 -23.88 2.32
C GLY A 164 -6.78 -23.48 2.18
N ALA A 165 -6.57 -22.44 1.38
CA ALA A 165 -5.31 -21.86 1.00
C ALA A 165 -4.48 -21.32 2.16
N ARG A 166 -5.11 -20.72 3.16
CA ARG A 166 -4.44 -20.11 4.31
C ARG A 166 -3.76 -21.12 5.22
N TYR A 167 -4.03 -22.40 4.96
CA TYR A 167 -3.38 -23.46 5.72
C TYR A 167 -2.70 -24.45 4.78
N GLY A 168 -2.76 -24.19 3.48
CA GLY A 168 -2.09 -24.97 2.46
C GLY A 168 -2.82 -26.24 2.05
N THR A 169 -4.07 -26.11 1.62
CA THR A 169 -4.86 -27.24 1.16
C THR A 169 -4.99 -27.32 -0.35
N GLY A 170 -5.38 -28.48 -0.87
CA GLY A 170 -5.72 -28.66 -2.26
C GLY A 170 -4.56 -28.86 -3.19
N TYR A 171 -3.56 -29.65 -2.80
CA TYR A 171 -2.42 -29.78 -3.72
C TYR A 171 -2.62 -30.98 -4.64
N CYS A 172 -2.10 -30.84 -5.85
CA CYS A 172 -2.11 -31.85 -6.88
C CYS A 172 -0.86 -31.66 -7.76
N ASP A 173 -0.50 -32.67 -8.54
CA ASP A 173 0.57 -32.63 -9.53
C ASP A 173 0.48 -33.80 -10.51
N ALA A 174 1.54 -34.08 -11.27
CA ALA A 174 1.41 -35.19 -12.21
C ALA A 174 1.60 -36.54 -11.54
N GLN A 175 2.02 -36.55 -10.27
CA GLN A 175 2.20 -37.78 -9.52
C GLN A 175 0.87 -38.28 -8.93
N CYS A 176 -0.10 -37.39 -8.90
CA CYS A 176 -1.37 -37.58 -8.20
C CYS A 176 -1.07 -37.87 -6.73
N ALA A 177 -1.51 -36.99 -5.83
CA ALA A 177 -1.13 -37.18 -4.42
C ALA A 177 -2.06 -38.13 -3.70
N ARG A 178 -1.67 -39.40 -3.66
CA ARG A 178 -2.45 -40.38 -2.91
C ARG A 178 -2.04 -40.28 -1.43
N ASP A 179 -0.90 -39.65 -1.22
CA ASP A 179 -0.27 -39.41 0.06
C ASP A 179 -0.97 -38.31 0.86
N LEU A 180 -1.75 -37.50 0.16
CA LEU A 180 -2.49 -36.42 0.80
C LEU A 180 -3.45 -36.97 1.84
N LYS A 181 -3.42 -36.39 3.03
CA LYS A 181 -4.27 -36.78 4.15
C LYS A 181 -5.75 -36.65 3.79
N PHE A 182 -6.04 -35.66 2.95
CA PHE A 182 -7.39 -35.35 2.50
C PHE A 182 -7.39 -35.11 1.00
N VAL A 183 -8.49 -35.43 0.31
CA VAL A 183 -8.54 -35.15 -1.13
C VAL A 183 -9.97 -34.91 -1.57
N GLY A 184 -10.15 -33.88 -2.40
CA GLY A 184 -11.50 -33.48 -2.80
C GLY A 184 -12.29 -33.00 -1.60
N GLY A 185 -11.58 -32.60 -0.55
CA GLY A 185 -12.22 -32.10 0.64
C GLY A 185 -12.77 -33.20 1.54
N LYS A 186 -12.19 -34.40 1.49
CA LYS A 186 -12.54 -35.46 2.43
C LYS A 186 -11.27 -36.13 2.96
N ALA A 187 -11.37 -37.17 3.79
CA ALA A 187 -10.14 -37.76 4.31
C ALA A 187 -9.73 -38.99 3.49
N ASN A 188 -8.43 -39.26 3.46
CA ASN A 188 -7.86 -40.43 2.80
C ASN A 188 -7.65 -41.56 3.80
N ILE A 189 -8.54 -41.64 4.77
CA ILE A 189 -8.55 -42.56 5.90
C ILE A 189 -9.00 -43.98 5.58
N GLU A 190 -10.03 -44.14 4.74
CA GLU A 190 -10.61 -45.46 4.50
C GLU A 190 -9.79 -46.32 3.56
N GLY A 191 -8.93 -47.19 4.10
CA GLY A 191 -8.06 -48.03 3.29
C GLY A 191 -6.63 -47.52 3.32
N TRP A 192 -6.43 -46.44 4.06
CA TRP A 192 -5.12 -45.81 4.22
C TRP A 192 -4.06 -46.86 4.58
N LYS A 193 -2.99 -46.87 3.81
CA LYS A 193 -1.89 -47.80 4.00
C LYS A 193 -0.57 -47.04 4.21
N SER A 194 0.05 -47.29 5.35
CA SER A 194 1.30 -46.65 5.76
C SER A 194 2.52 -47.43 5.28
N SER A 195 3.43 -46.74 4.62
CA SER A 195 4.62 -47.38 4.05
C SER A 195 5.55 -47.90 5.16
N THR A 196 6.69 -48.40 4.72
CA THR A 196 7.74 -48.97 5.54
C THR A 196 8.72 -47.94 6.10
N SER A 197 9.24 -47.09 5.22
CA SER A 197 10.26 -46.09 5.48
C SER A 197 9.73 -44.84 6.16
N ASP A 198 8.76 -44.21 5.51
CA ASP A 198 8.18 -42.94 5.90
C ASP A 198 7.21 -43.11 7.06
N PRO A 199 7.63 -42.72 8.26
CA PRO A 199 6.80 -42.85 9.46
C PRO A 199 5.76 -41.73 9.57
N ASN A 200 5.91 -40.71 8.74
CA ASN A 200 5.00 -39.58 8.66
C ASN A 200 3.98 -39.80 7.55
N ALA A 201 4.49 -40.41 6.48
CA ALA A 201 3.69 -40.67 5.30
C ALA A 201 3.05 -42.06 5.30
N GLY A 202 2.01 -42.15 4.51
CA GLY A 202 1.23 -43.31 4.13
C GLY A 202 0.64 -43.07 2.74
N VAL A 203 -0.41 -43.79 2.38
CA VAL A 203 -0.99 -43.53 1.05
C VAL A 203 -2.47 -43.89 1.04
N GLY A 204 -3.26 -42.90 0.62
CA GLY A 204 -4.70 -43.06 0.59
C GLY A 204 -5.18 -43.31 -0.84
N PRO A 205 -6.37 -43.87 -0.96
CA PRO A 205 -6.94 -44.19 -2.27
C PRO A 205 -7.34 -42.94 -3.06
N TYR A 206 -7.16 -41.76 -2.47
CA TYR A 206 -7.59 -40.56 -3.17
C TYR A 206 -6.44 -39.55 -3.31
N GLY A 207 -5.99 -39.46 -4.55
CA GLY A 207 -5.04 -38.50 -5.06
C GLY A 207 -5.75 -37.51 -5.97
N SER A 208 -5.18 -36.32 -6.06
CA SER A 208 -5.71 -35.22 -6.88
C SER A 208 -4.71 -34.87 -7.97
N CYS A 209 -5.13 -34.92 -9.24
CA CYS A 209 -4.15 -34.66 -10.29
C CYS A 209 -4.49 -33.38 -11.06
N CYS A 210 -3.45 -32.74 -11.59
CA CYS A 210 -3.48 -31.52 -12.36
C CYS A 210 -2.17 -31.29 -13.10
N ALA A 211 -2.15 -30.30 -13.99
CA ALA A 211 -0.96 -30.03 -14.80
C ALA A 211 0.23 -29.64 -13.95
N GLU A 212 1.43 -30.07 -14.34
CA GLU A 212 2.61 -29.88 -13.51
C GLU A 212 3.78 -29.29 -14.26
N ILE A 213 4.15 -28.06 -13.89
CA ILE A 213 5.22 -27.37 -14.60
C ILE A 213 6.42 -27.11 -13.69
N ASP A 214 7.39 -28.00 -13.84
CA ASP A 214 8.62 -28.05 -13.08
C ASP A 214 9.83 -27.56 -13.86
N VAL A 215 9.93 -26.25 -14.04
CA VAL A 215 11.16 -25.66 -14.55
C VAL A 215 12.38 -26.06 -13.71
N TRP A 216 12.14 -26.31 -12.43
CA TRP A 216 13.18 -26.58 -11.47
C TRP A 216 12.87 -27.84 -10.64
N GLU A 217 13.87 -28.66 -10.68
CA GLU A 217 14.23 -29.90 -10.04
C GLU A 217 15.75 -29.93 -10.05
N SER A 218 16.37 -29.65 -8.91
CA SER A 218 17.82 -29.47 -8.91
C SER A 218 18.54 -29.99 -7.69
N ASN A 219 19.86 -29.77 -7.76
CA ASN A 219 20.74 -30.12 -6.63
C ASN A 219 22.16 -29.71 -7.00
N ALA A 220 23.12 -29.84 -6.10
CA ALA A 220 24.48 -29.40 -6.38
C ALA A 220 25.16 -30.20 -7.48
N TYR A 221 24.53 -31.25 -7.99
CA TYR A 221 25.10 -32.14 -8.99
C TYR A 221 24.29 -32.22 -10.26
N ALA A 222 22.96 -32.04 -10.19
CA ALA A 222 22.22 -32.15 -11.44
C ALA A 222 20.84 -31.54 -11.33
N PHE A 223 20.20 -31.46 -12.50
CA PHE A 223 18.83 -30.95 -12.53
C PHE A 223 18.13 -31.39 -13.83
N ALA A 224 16.95 -30.83 -14.01
CA ALA A 224 16.00 -31.04 -15.06
C ALA A 224 14.96 -29.92 -15.09
N PHE A 225 14.55 -29.57 -16.30
CA PHE A 225 13.41 -28.71 -16.60
C PHE A 225 12.31 -29.65 -17.09
N THR A 226 11.15 -29.65 -16.42
CA THR A 226 10.19 -30.67 -16.86
C THR A 226 8.73 -30.28 -16.72
N PRO A 227 8.06 -30.25 -17.87
CA PRO A 227 6.62 -30.05 -17.93
C PRO A 227 5.90 -31.40 -17.95
N HIS A 228 4.88 -31.51 -17.11
CA HIS A 228 4.02 -32.69 -17.18
C HIS A 228 2.63 -32.22 -17.62
N ALA A 229 1.99 -32.99 -18.48
CA ALA A 229 0.70 -32.73 -19.07
C ALA A 229 -0.34 -33.78 -18.65
N CYS A 230 -1.59 -33.34 -18.49
CA CYS A 230 -2.71 -34.19 -18.15
C CYS A 230 -3.77 -34.12 -19.25
N THR A 231 -4.61 -35.14 -19.32
CA THR A 231 -5.80 -35.04 -20.17
C THR A 231 -6.57 -33.81 -19.71
N THR A 232 -6.82 -33.83 -18.40
CA THR A 232 -7.35 -32.74 -17.62
C THR A 232 -6.18 -32.08 -16.88
N ASN A 233 -5.77 -30.94 -17.42
CA ASN A 233 -4.63 -30.19 -16.94
C ASN A 233 -4.92 -29.52 -15.60
N GLU A 234 -6.17 -29.53 -15.18
CA GLU A 234 -6.56 -28.87 -13.94
C GLU A 234 -6.82 -29.85 -12.81
N TYR A 235 -7.07 -29.29 -11.63
CA TYR A 235 -7.36 -30.10 -10.45
C TYR A 235 -8.47 -31.11 -10.74
N HIS A 236 -8.22 -32.38 -10.45
CA HIS A 236 -9.21 -33.43 -10.65
C HIS A 236 -8.99 -34.54 -9.63
N VAL A 237 -10.06 -35.21 -9.18
CA VAL A 237 -9.83 -36.24 -8.17
C VAL A 237 -9.88 -37.62 -8.81
N CYS A 238 -8.77 -38.32 -8.70
CA CYS A 238 -8.56 -39.67 -9.21
C CYS A 238 -9.00 -40.71 -8.18
N GLU A 239 -9.12 -41.97 -8.60
CA GLU A 239 -9.65 -43.01 -7.73
C GLU A 239 -8.95 -44.35 -7.95
N THR A 240 -8.03 -44.65 -7.06
CA THR A 240 -7.29 -45.89 -6.95
C THR A 240 -6.68 -46.36 -8.25
N THR A 241 -7.17 -47.44 -8.86
CA THR A 241 -6.57 -47.95 -10.09
C THR A 241 -6.50 -46.87 -11.17
N ASN A 242 -7.43 -45.95 -11.13
CA ASN A 242 -7.52 -44.83 -12.06
C ASN A 242 -6.65 -43.66 -11.64
N CYS A 243 -5.71 -43.92 -10.74
CA CYS A 243 -4.69 -42.98 -10.31
C CYS A 243 -3.33 -43.43 -10.86
N GLY A 244 -2.44 -42.49 -11.14
CA GLY A 244 -1.10 -42.84 -11.61
C GLY A 244 -0.02 -42.07 -10.90
N GLY A 245 1.23 -42.24 -11.31
CA GLY A 245 2.38 -41.57 -10.74
C GLY A 245 3.11 -42.44 -9.73
N THR A 246 3.59 -41.81 -8.67
CA THR A 246 4.31 -42.42 -7.58
C THR A 246 3.44 -43.39 -6.79
N TYR A 247 2.46 -42.83 -6.07
CA TYR A 247 1.58 -43.66 -5.28
C TYR A 247 0.35 -44.10 -6.09
N SER A 248 0.54 -45.17 -6.83
CA SER A 248 -0.52 -45.87 -7.57
C SER A 248 0.01 -47.21 -8.05
N GLU A 249 -0.84 -48.08 -8.59
CA GLU A 249 -0.33 -49.41 -8.97
C GLU A 249 0.37 -49.36 -10.33
N ASP A 250 -0.08 -48.50 -11.22
CA ASP A 250 0.65 -48.31 -12.49
C ASP A 250 1.01 -46.84 -12.68
N ARG A 251 2.25 -46.53 -13.01
CA ARG A 251 2.62 -45.11 -13.09
C ARG A 251 1.76 -44.36 -14.09
N PHE A 252 1.63 -44.90 -15.30
CA PHE A 252 0.97 -44.13 -16.35
C PHE A 252 -0.52 -44.40 -16.39
N ALA A 253 -0.98 -45.13 -15.40
CA ALA A 253 -2.38 -45.46 -15.23
C ALA A 253 -3.14 -44.27 -14.70
N GLY A 254 -3.38 -43.24 -15.50
CA GLY A 254 -4.10 -42.11 -14.92
C GLY A 254 -4.64 -41.15 -15.97
N LYS A 255 -4.60 -39.86 -15.67
CA LYS A 255 -5.03 -38.83 -16.61
C LYS A 255 -3.85 -37.92 -16.98
N CYS A 256 -2.72 -38.23 -16.37
CA CYS A 256 -1.54 -37.38 -16.31
C CYS A 256 -0.23 -38.09 -16.62
N ASP A 257 0.76 -37.29 -16.98
CA ASP A 257 2.11 -37.70 -17.30
C ASP A 257 3.07 -37.44 -16.14
N ALA A 258 3.49 -38.50 -15.47
CA ALA A 258 4.30 -38.42 -14.27
C ALA A 258 5.80 -38.57 -14.57
N ASN A 259 6.07 -38.97 -15.81
CA ASN A 259 7.46 -39.11 -16.26
C ASN A 259 7.85 -37.91 -17.10
N GLY A 260 6.99 -37.50 -18.02
CA GLY A 260 7.17 -36.28 -18.78
C GLY A 260 8.50 -36.13 -19.51
N CYS A 261 8.55 -35.10 -20.33
CA CYS A 261 9.57 -34.63 -21.24
C CYS A 261 10.57 -33.70 -20.56
N ASP A 262 11.57 -34.26 -19.89
CA ASP A 262 12.53 -33.45 -19.17
C ASP A 262 13.72 -33.03 -20.00
N TYR A 263 14.25 -31.86 -19.68
CA TYR A 263 15.62 -31.53 -20.01
C TYR A 263 16.45 -31.75 -18.73
N ASN A 264 17.16 -32.86 -18.70
CA ASN A 264 18.16 -33.22 -17.71
C ASN A 264 19.53 -33.23 -18.39
N PRO A 265 20.26 -32.13 -18.24
CA PRO A 265 21.47 -31.86 -19.00
C PRO A 265 22.42 -33.05 -19.06
N TYR A 266 22.80 -33.58 -17.90
CA TYR A 266 23.72 -34.70 -17.81
C TYR A 266 23.10 -35.94 -18.43
N ARG A 267 21.78 -35.93 -18.56
CA ARG A 267 21.05 -37.06 -19.13
C ARG A 267 21.14 -37.02 -20.66
N MET A 268 21.33 -35.80 -21.15
CA MET A 268 21.46 -35.42 -22.55
C MET A 268 22.91 -35.46 -23.04
N GLY A 269 23.85 -35.78 -22.15
CA GLY A 269 25.21 -36.07 -22.47
C GLY A 269 26.25 -35.01 -22.21
N ASN A 270 25.86 -33.93 -21.52
CA ASN A 270 26.80 -32.87 -21.20
C ASN A 270 27.12 -32.89 -19.70
N PRO A 271 28.10 -33.73 -19.36
CA PRO A 271 28.45 -34.12 -17.99
C PRO A 271 29.47 -33.24 -17.27
N ASP A 272 30.17 -32.36 -17.97
CA ASP A 272 31.05 -31.38 -17.34
C ASP A 272 30.56 -29.97 -17.66
N PHE A 273 29.64 -29.47 -16.84
CA PHE A 273 29.02 -28.17 -17.05
C PHE A 273 28.41 -27.65 -15.75
N TYR A 274 27.50 -28.43 -15.19
CA TYR A 274 26.80 -28.01 -13.97
C TYR A 274 27.35 -28.77 -12.76
N GLY A 275 27.67 -28.04 -11.70
CA GLY A 275 28.20 -28.63 -10.48
C GLY A 275 29.18 -27.73 -9.76
N LYS A 276 29.70 -28.18 -8.63
CA LYS A 276 30.68 -27.39 -7.89
C LYS A 276 31.83 -26.98 -8.79
N GLY A 277 31.99 -25.67 -8.97
CA GLY A 277 33.06 -25.11 -9.78
C GLY A 277 32.86 -25.27 -11.28
N LYS A 278 32.02 -26.20 -11.68
CA LYS A 278 31.69 -26.50 -13.06
C LYS A 278 31.33 -25.26 -13.86
N THR A 279 31.01 -25.42 -15.14
CA THR A 279 30.65 -24.31 -16.01
C THR A 279 29.58 -23.42 -15.37
N LEU A 280 28.51 -24.09 -15.00
CA LEU A 280 27.44 -23.72 -14.09
C LEU A 280 27.83 -24.34 -12.74
N ASP A 281 28.62 -23.56 -12.04
CA ASP A 281 29.21 -23.83 -10.74
C ASP A 281 28.20 -23.60 -9.62
N THR A 282 27.78 -24.68 -8.98
CA THR A 282 26.77 -24.77 -7.96
C THR A 282 27.31 -24.82 -6.55
N SER A 283 28.47 -24.21 -6.28
CA SER A 283 28.92 -24.13 -4.88
C SER A 283 28.52 -22.76 -4.32
N ARG A 284 28.09 -21.90 -5.24
CA ARG A 284 27.68 -20.53 -5.03
C ARG A 284 26.43 -20.18 -5.83
N LYS A 285 25.66 -19.23 -5.30
CA LYS A 285 24.44 -18.74 -5.89
C LYS A 285 24.57 -18.41 -7.38
N PHE A 286 23.44 -18.50 -8.07
CA PHE A 286 23.28 -18.23 -9.49
C PHE A 286 21.80 -18.06 -9.85
N THR A 287 21.54 -17.47 -11.01
CA THR A 287 20.20 -17.12 -11.45
C THR A 287 19.70 -17.99 -12.60
N VAL A 288 18.43 -18.40 -12.52
CA VAL A 288 17.73 -19.11 -13.56
C VAL A 288 16.70 -18.24 -14.29
N VAL A 289 16.71 -18.27 -15.62
CA VAL A 289 15.64 -17.58 -16.33
C VAL A 289 14.84 -18.56 -17.18
N SER A 290 13.55 -18.69 -16.89
CA SER A 290 12.76 -19.71 -17.58
C SER A 290 11.62 -19.09 -18.38
N ARG A 291 11.61 -19.30 -19.71
CA ARG A 291 10.44 -18.75 -20.39
C ARG A 291 9.50 -19.87 -20.78
N PHE A 292 8.21 -19.56 -21.00
CA PHE A 292 7.20 -20.54 -21.33
C PHE A 292 6.37 -20.14 -22.56
N GLU A 293 6.74 -20.65 -23.74
CA GLU A 293 6.07 -20.21 -24.95
C GLU A 293 5.45 -21.37 -25.74
N GLU A 294 4.45 -21.03 -26.55
CA GLU A 294 3.73 -22.00 -27.36
C GLU A 294 4.74 -22.86 -28.14
N ASN A 295 4.51 -24.16 -28.08
CA ASN A 295 5.37 -25.18 -28.62
C ASN A 295 6.85 -24.97 -28.40
N LYS A 296 7.26 -24.24 -27.34
CA LYS A 296 8.67 -24.14 -27.03
C LYS A 296 8.93 -23.63 -25.61
N LEU A 297 9.97 -24.19 -25.00
CA LEU A 297 10.37 -23.80 -23.65
C LEU A 297 11.87 -23.50 -23.62
N SER A 298 12.25 -22.53 -22.80
CA SER A 298 13.62 -22.06 -22.71
C SER A 298 13.99 -21.64 -21.28
N GLN A 299 15.30 -21.63 -21.06
CA GLN A 299 15.83 -21.40 -19.73
C GLN A 299 17.29 -20.98 -19.77
N TYR A 300 17.64 -19.77 -19.33
CA TYR A 300 19.09 -19.53 -19.27
C TYR A 300 19.52 -19.46 -17.79
N PHE A 301 20.69 -18.89 -17.57
CA PHE A 301 21.29 -18.68 -16.27
C PHE A 301 22.19 -17.45 -16.36
N ILE A 302 22.54 -16.87 -15.22
CA ILE A 302 23.39 -15.69 -15.16
C ILE A 302 24.34 -15.78 -13.96
N GLN A 303 25.60 -16.13 -14.18
CA GLN A 303 26.53 -16.25 -13.06
C GLN A 303 27.71 -15.30 -13.10
N ASP A 304 27.95 -14.61 -11.99
CA ASP A 304 29.03 -13.63 -11.97
C ASP A 304 28.88 -12.64 -13.12
N GLY A 305 27.64 -12.19 -13.32
CA GLY A 305 27.27 -11.26 -14.35
C GLY A 305 27.12 -11.92 -15.71
N ARG A 306 27.59 -13.14 -15.86
CA ARG A 306 27.65 -13.84 -17.13
C ARG A 306 26.46 -14.77 -17.37
N LYS A 307 25.79 -14.54 -18.48
CA LYS A 307 24.65 -15.27 -19.00
C LYS A 307 25.06 -16.66 -19.46
N ILE A 308 24.55 -17.71 -18.83
CA ILE A 308 24.96 -19.05 -19.22
C ILE A 308 23.88 -19.79 -20.00
N GLU A 309 24.29 -20.23 -21.18
CA GLU A 309 23.52 -21.03 -22.11
C GLU A 309 23.32 -22.44 -21.58
N ILE A 310 22.61 -23.25 -22.35
CA ILE A 310 22.36 -24.64 -21.96
C ILE A 310 22.91 -25.60 -23.01
N PRO A 311 23.59 -26.61 -22.49
CA PRO A 311 24.20 -27.65 -23.31
C PRO A 311 23.19 -28.36 -24.19
N PRO A 312 23.57 -28.61 -25.44
CA PRO A 312 22.72 -29.38 -26.34
C PRO A 312 22.99 -30.88 -26.18
N PRO A 313 22.00 -31.69 -26.53
CA PRO A 313 22.09 -33.15 -26.41
C PRO A 313 23.06 -33.76 -27.42
N THR A 314 23.83 -34.73 -26.95
CA THR A 314 24.87 -35.36 -27.77
C THR A 314 24.26 -36.38 -28.73
N TRP A 315 23.53 -37.30 -28.13
CA TRP A 315 22.68 -38.32 -28.70
C TRP A 315 22.32 -38.10 -30.15
N GLU A 316 22.77 -38.97 -31.04
CA GLU A 316 22.40 -38.89 -32.45
C GLU A 316 20.89 -39.11 -32.54
N GLY A 317 20.27 -38.65 -33.62
CA GLY A 317 18.85 -38.60 -33.82
C GLY A 317 18.19 -37.36 -33.22
N MET A 318 18.70 -36.87 -32.10
CA MET A 318 18.17 -35.78 -31.29
C MET A 318 18.60 -34.38 -31.74
N PRO A 319 17.64 -33.46 -31.72
CA PRO A 319 17.81 -32.06 -32.15
C PRO A 319 18.80 -31.27 -31.31
N ASN A 320 19.52 -30.38 -31.97
CA ASN A 320 20.61 -29.65 -31.33
C ASN A 320 20.13 -28.36 -30.65
N SER A 321 19.58 -28.49 -29.44
CA SER A 321 19.19 -27.31 -28.70
C SER A 321 18.58 -27.65 -27.35
N SER A 322 18.61 -26.65 -26.47
CA SER A 322 18.09 -26.76 -25.12
C SER A 322 16.56 -26.63 -25.11
N GLU A 323 16.07 -25.72 -25.94
CA GLU A 323 14.67 -25.33 -26.10
C GLU A 323 13.73 -26.53 -26.06
N ILE A 324 12.68 -26.47 -25.24
CA ILE A 324 11.76 -27.62 -25.25
C ILE A 324 10.86 -27.48 -26.48
N THR A 325 10.86 -28.49 -27.31
CA THR A 325 10.12 -28.53 -28.55
C THR A 325 9.63 -29.96 -28.86
N PRO A 326 8.62 -30.05 -29.70
CA PRO A 326 8.18 -31.37 -30.18
C PRO A 326 9.35 -32.13 -30.80
N GLU A 327 10.18 -31.42 -31.56
CA GLU A 327 11.38 -32.01 -32.15
C GLU A 327 12.20 -32.71 -31.07
N LEU A 328 12.21 -32.11 -29.89
CA LEU A 328 12.78 -32.75 -28.71
C LEU A 328 11.91 -33.92 -28.29
N CYS A 329 10.71 -33.56 -27.85
CA CYS A 329 9.76 -34.45 -27.21
C CYS A 329 9.44 -35.69 -28.04
N SER A 330 9.63 -35.58 -29.34
CA SER A 330 9.41 -36.67 -30.26
C SER A 330 10.62 -37.58 -30.39
N THR A 331 11.77 -37.00 -30.73
CA THR A 331 12.98 -37.75 -31.06
C THR A 331 13.76 -38.15 -29.81
N MET A 332 13.04 -38.15 -28.72
CA MET A 332 13.47 -38.28 -27.34
C MET A 332 13.20 -39.67 -26.75
N PHE A 333 12.05 -40.26 -27.03
CA PHE A 333 11.57 -41.41 -26.29
C PHE A 333 12.05 -42.76 -26.78
N ASP A 334 11.97 -43.11 -28.07
CA ASP A 334 12.50 -44.46 -28.35
C ASP A 334 14.03 -44.44 -28.22
N VAL A 335 14.63 -43.31 -28.60
CA VAL A 335 16.06 -43.10 -28.48
C VAL A 335 16.51 -43.50 -27.07
N PHE A 336 16.05 -42.72 -26.10
CA PHE A 336 16.30 -43.01 -24.69
C PHE A 336 15.68 -44.36 -24.32
N ASN A 337 14.51 -44.61 -24.88
CA ASN A 337 13.77 -45.85 -24.75
C ASN A 337 12.94 -45.90 -23.47
N ASP A 338 11.97 -45.01 -23.35
CA ASP A 338 11.08 -44.99 -22.18
C ASP A 338 9.62 -44.89 -22.60
N ARG A 339 8.69 -45.01 -21.65
CA ARG A 339 7.28 -45.01 -22.05
C ARG A 339 6.80 -43.59 -22.34
N ASN A 340 6.27 -43.33 -23.54
CA ASN A 340 5.94 -41.94 -23.83
C ASN A 340 4.51 -41.59 -23.47
N ARG A 341 4.39 -40.86 -22.37
CA ARG A 341 3.08 -40.36 -21.96
C ARG A 341 2.93 -38.90 -22.39
N PHE A 342 4.03 -38.29 -22.83
CA PHE A 342 4.00 -36.91 -23.30
C PHE A 342 2.90 -36.77 -24.36
N GLU A 343 3.12 -37.51 -25.44
CA GLU A 343 2.18 -37.51 -26.56
C GLU A 343 1.15 -38.61 -26.39
N GLU A 344 1.34 -39.52 -25.42
CA GLU A 344 0.26 -40.49 -25.22
C GLU A 344 -0.97 -39.80 -24.63
N VAL A 345 -0.75 -38.61 -24.08
CA VAL A 345 -1.82 -37.79 -23.51
C VAL A 345 -1.94 -36.46 -24.25
N GLY A 346 -1.40 -36.39 -25.46
CA GLY A 346 -1.57 -35.33 -26.41
C GLY A 346 -0.48 -34.30 -26.60
N GLY A 347 0.68 -34.72 -27.08
CA GLY A 347 1.76 -33.89 -27.54
C GLY A 347 1.91 -32.50 -27.00
N PHE A 348 2.74 -31.68 -27.64
CA PHE A 348 3.02 -30.32 -27.21
C PHE A 348 1.74 -29.48 -27.22
N GLU A 349 0.75 -29.92 -27.98
CA GLU A 349 -0.53 -29.21 -27.90
C GLU A 349 -1.14 -29.35 -26.51
N GLN A 350 -1.28 -30.55 -25.95
CA GLN A 350 -1.90 -30.62 -24.62
C GLN A 350 -1.12 -29.82 -23.59
N LEU A 351 0.19 -29.69 -23.81
CA LEU A 351 1.03 -28.88 -22.93
C LEU A 351 0.96 -27.41 -23.30
N ASN A 352 0.73 -27.16 -24.60
CA ASN A 352 0.52 -25.78 -25.07
C ASN A 352 -0.82 -25.30 -24.52
N ASN A 353 -1.66 -26.27 -24.17
CA ASN A 353 -2.85 -26.14 -23.35
C ASN A 353 -2.47 -25.94 -21.89
N ALA A 354 -1.78 -26.91 -21.30
CA ALA A 354 -1.31 -26.88 -19.93
C ALA A 354 -0.70 -25.52 -19.58
N LEU A 355 0.10 -25.04 -20.52
CA LEU A 355 0.75 -23.75 -20.31
C LEU A 355 -0.27 -22.68 -20.00
N ARG A 356 -1.36 -22.63 -20.78
CA ARG A 356 -2.33 -21.56 -20.56
C ARG A 356 -3.28 -21.85 -19.39
N VAL A 357 -2.80 -22.57 -18.39
CA VAL A 357 -3.58 -22.72 -17.16
C VAL A 357 -2.91 -21.95 -16.04
N PRO A 358 -3.71 -21.24 -15.24
CA PRO A 358 -3.18 -20.35 -14.20
C PRO A 358 -2.46 -21.14 -13.12
N MET A 359 -1.24 -20.74 -12.83
CA MET A 359 -0.37 -21.56 -11.98
C MET A 359 0.06 -20.87 -10.70
N VAL A 360 0.60 -21.64 -9.76
CA VAL A 360 1.09 -21.20 -8.47
C VAL A 360 2.57 -21.54 -8.29
N LEU A 361 3.36 -20.63 -7.74
CA LEU A 361 4.81 -20.82 -7.64
C LEU A 361 5.20 -21.62 -6.41
N VAL A 362 5.28 -22.94 -6.51
CA VAL A 362 5.63 -23.77 -5.36
C VAL A 362 7.11 -23.61 -5.02
N MET A 363 7.53 -24.06 -3.85
CA MET A 363 8.91 -24.00 -3.38
C MET A 363 9.16 -25.14 -2.40
N SER A 364 10.11 -26.04 -2.71
CA SER A 364 10.23 -27.24 -1.90
C SER A 364 11.64 -27.80 -1.77
N ILE A 365 11.82 -28.49 -0.64
CA ILE A 365 12.95 -29.33 -0.30
C ILE A 365 12.38 -30.64 0.25
N TRP A 366 12.98 -31.77 -0.06
CA TRP A 366 12.54 -33.10 0.33
C TRP A 366 13.72 -34.09 0.28
N ASP A 367 13.37 -35.36 0.26
CA ASP A 367 14.23 -36.50 -0.02
C ASP A 367 13.36 -37.67 -0.50
N ASP A 368 13.73 -38.25 -1.64
CA ASP A 368 12.87 -39.32 -2.15
C ASP A 368 13.28 -40.68 -1.58
N HIS A 369 12.27 -41.34 -1.06
CA HIS A 369 12.31 -42.63 -0.41
C HIS A 369 12.03 -43.75 -1.41
N TYR A 370 11.64 -43.36 -2.64
CA TYR A 370 11.18 -44.32 -3.63
C TYR A 370 12.17 -44.57 -4.76
N ALA A 371 13.00 -43.60 -5.08
CA ALA A 371 14.02 -43.73 -6.12
C ALA A 371 15.36 -43.19 -5.64
N ASN A 372 15.33 -42.69 -4.41
CA ASN A 372 16.49 -42.13 -3.74
C ASN A 372 17.11 -41.02 -4.60
N MET A 373 16.21 -40.33 -5.27
CA MET A 373 16.34 -39.30 -6.26
C MET A 373 17.19 -39.77 -7.44
N LEU A 374 17.30 -41.08 -7.59
CA LEU A 374 18.21 -41.61 -8.61
C LEU A 374 17.83 -41.09 -9.99
N TRP A 375 16.55 -40.79 -10.18
CA TRP A 375 15.99 -40.29 -11.42
C TRP A 375 16.51 -38.90 -11.78
N LEU A 376 17.11 -38.21 -10.79
CA LEU A 376 17.65 -36.89 -11.06
C LEU A 376 19.16 -36.86 -11.08
N ASP A 377 19.81 -37.53 -10.13
CA ASP A 377 21.25 -37.30 -9.98
C ASP A 377 22.09 -38.55 -10.15
N SER A 378 21.57 -39.62 -10.75
CA SER A 378 22.53 -40.71 -11.00
C SER A 378 22.16 -41.52 -12.24
N ILE A 379 22.55 -42.79 -12.20
CA ILE A 379 22.24 -43.78 -13.21
C ILE A 379 20.86 -44.37 -12.98
N TYR A 380 19.88 -43.88 -13.72
CA TYR A 380 18.51 -44.32 -13.56
C TYR A 380 17.86 -44.59 -14.91
N PRO A 381 17.18 -45.71 -14.96
CA PRO A 381 17.15 -46.64 -13.81
C PRO A 381 18.28 -47.66 -13.87
N PRO A 382 18.72 -48.11 -12.71
CA PRO A 382 19.85 -49.04 -12.58
C PRO A 382 19.41 -50.49 -12.79
N GLU A 383 18.36 -50.65 -13.58
CA GLU A 383 17.86 -51.93 -14.04
C GLU A 383 18.77 -52.46 -15.14
N LYS A 384 19.77 -51.66 -15.53
CA LYS A 384 20.74 -52.05 -16.53
C LYS A 384 21.95 -51.11 -16.62
N GLU A 385 21.76 -49.84 -16.94
CA GLU A 385 22.88 -48.90 -17.09
C GLU A 385 23.76 -49.32 -18.27
N GLY A 386 24.33 -48.34 -18.95
CA GLY A 386 25.16 -48.52 -20.11
C GLY A 386 24.50 -47.97 -21.37
N GLN A 387 23.34 -47.34 -21.20
CA GLN A 387 22.52 -46.79 -22.27
C GLN A 387 22.20 -45.31 -22.08
N PRO A 388 21.73 -44.63 -23.12
CA PRO A 388 21.34 -43.22 -22.97
C PRO A 388 20.17 -43.04 -22.00
N GLY A 389 20.16 -41.90 -21.32
CA GLY A 389 19.07 -41.54 -20.43
C GLY A 389 19.21 -42.19 -19.07
N ALA A 390 19.92 -43.30 -19.03
CA ALA A 390 20.29 -43.98 -17.79
C ALA A 390 20.81 -42.95 -16.79
N ALA A 391 22.03 -42.51 -17.09
CA ALA A 391 22.70 -41.56 -16.23
C ALA A 391 21.82 -40.34 -15.99
N ARG A 392 22.29 -39.48 -15.10
CA ARG A 392 21.51 -38.27 -14.83
C ARG A 392 22.44 -37.21 -14.24
N GLY A 393 23.41 -37.66 -13.45
CA GLY A 393 24.26 -36.74 -12.73
C GLY A 393 25.55 -37.36 -12.24
N ASP A 394 26.31 -36.63 -11.43
CA ASP A 394 27.59 -37.17 -10.99
C ASP A 394 27.42 -37.99 -9.71
N CYS A 395 26.18 -38.20 -9.29
CA CYS A 395 25.97 -38.90 -8.02
C CYS A 395 25.94 -40.43 -8.21
N PRO A 396 26.27 -41.13 -7.14
CA PRO A 396 26.26 -42.59 -7.07
C PRO A 396 24.87 -43.15 -6.74
N THR A 397 24.79 -44.47 -6.73
CA THR A 397 23.64 -45.34 -6.72
C THR A 397 23.16 -45.79 -5.35
N ASP A 398 23.97 -45.68 -4.30
CA ASP A 398 23.49 -46.07 -2.97
C ASP A 398 23.06 -44.82 -2.18
N SER A 399 23.17 -43.70 -2.87
CA SER A 399 22.82 -42.38 -2.39
C SER A 399 21.32 -42.14 -2.61
N GLY A 400 20.75 -41.25 -1.79
CA GLY A 400 19.34 -40.92 -1.83
C GLY A 400 18.56 -41.65 -0.76
N VAL A 401 19.20 -42.62 -0.09
CA VAL A 401 18.54 -43.28 1.03
C VAL A 401 18.27 -42.25 2.13
N PRO A 402 17.00 -41.89 2.23
CA PRO A 402 16.52 -40.79 3.05
C PRO A 402 17.18 -40.72 4.43
N ALA A 403 17.11 -41.81 5.17
CA ALA A 403 17.73 -41.95 6.47
C ALA A 403 19.19 -41.48 6.46
N GLU A 404 20.04 -42.35 5.95
CA GLU A 404 21.49 -42.21 5.83
C GLU A 404 21.89 -40.85 5.30
N VAL A 405 21.09 -40.33 4.37
CA VAL A 405 21.36 -39.01 3.79
C VAL A 405 20.90 -37.93 4.77
N GLU A 406 19.90 -38.28 5.57
CA GLU A 406 19.39 -37.39 6.60
C GLU A 406 20.30 -37.41 7.83
N ALA A 407 21.43 -38.09 7.72
CA ALA A 407 22.31 -38.28 8.87
C ALA A 407 23.71 -37.69 8.66
N GLN A 408 24.11 -37.58 7.40
CA GLN A 408 25.42 -37.07 7.00
C GLN A 408 25.39 -35.56 6.80
N PHE A 409 24.26 -35.07 6.29
CA PHE A 409 24.06 -33.64 6.12
C PHE A 409 22.62 -33.23 6.46
N PRO A 410 22.23 -33.23 7.73
CA PRO A 410 20.87 -32.79 8.08
C PRO A 410 20.71 -31.29 8.18
N ASP A 411 21.75 -30.49 7.95
CA ASP A 411 21.59 -29.04 8.15
C ASP A 411 21.63 -28.29 6.82
N ALA A 412 21.85 -29.04 5.75
CA ALA A 412 21.81 -28.49 4.39
C ALA A 412 20.52 -27.70 4.20
N GLN A 413 20.52 -26.85 3.19
CA GLN A 413 19.41 -25.92 2.98
C GLN A 413 19.39 -25.39 1.56
N VAL A 414 18.21 -24.99 1.10
CA VAL A 414 18.05 -24.30 -0.17
C VAL A 414 17.77 -22.83 0.12
N VAL A 415 18.32 -21.95 -0.71
CA VAL A 415 18.00 -20.52 -0.54
C VAL A 415 17.46 -19.99 -1.87
N TRP A 416 16.13 -19.96 -1.88
CA TRP A 416 15.21 -19.41 -2.86
C TRP A 416 15.20 -17.88 -2.72
N SER A 417 15.20 -17.13 -3.81
CA SER A 417 15.21 -15.68 -3.68
C SER A 417 15.26 -15.01 -5.06
N ASN A 418 15.07 -13.69 -5.04
CA ASN A 418 15.05 -12.81 -6.18
C ASN A 418 14.01 -13.23 -7.21
N ILE A 419 12.84 -13.69 -6.76
CA ILE A 419 11.92 -14.19 -7.78
C ILE A 419 11.36 -13.07 -8.66
N ARG A 420 11.44 -13.30 -9.96
CA ARG A 420 11.00 -12.33 -10.95
C ARG A 420 10.05 -12.97 -11.95
N PHE A 421 9.14 -12.19 -12.50
CA PHE A 421 8.13 -12.65 -13.46
C PHE A 421 7.63 -11.48 -14.31
N GLY A 422 7.25 -11.79 -15.56
CA GLY A 422 6.67 -10.78 -16.43
C GLY A 422 6.67 -11.24 -17.88
N PRO A 423 6.36 -10.32 -18.79
CA PRO A 423 6.41 -10.61 -20.22
C PRO A 423 7.73 -11.24 -20.61
N ILE A 424 7.81 -11.86 -21.78
CA ILE A 424 9.03 -12.58 -22.14
C ILE A 424 10.19 -11.63 -22.28
N GLY A 425 11.31 -11.98 -21.63
CA GLY A 425 12.53 -11.22 -21.66
C GLY A 425 12.44 -9.92 -20.88
N SER A 426 11.74 -9.94 -19.74
CA SER A 426 11.51 -8.71 -19.00
C SER A 426 11.85 -8.79 -17.52
N THR A 427 12.68 -9.75 -17.09
CA THR A 427 13.15 -9.73 -15.71
C THR A 427 14.68 -9.57 -15.68
N TYR A 428 15.30 -9.78 -16.84
CA TYR A 428 16.72 -9.55 -17.05
C TYR A 428 16.98 -9.05 -18.47
N ASP A 429 18.17 -8.50 -18.72
CA ASP A 429 18.41 -7.89 -20.03
C ASP A 429 19.21 -8.83 -20.92
N PHE A 430 18.68 -10.03 -21.16
CA PHE A 430 19.37 -11.04 -21.96
C PHE A 430 18.45 -11.77 -22.93
N PCA B 1 13.18 18.77 -24.72
CA PCA B 1 13.73 19.63 -23.66
CB PCA B 1 12.62 20.67 -23.50
CG PCA B 1 11.37 19.90 -23.74
CD PCA B 1 11.70 18.83 -24.74
OE PCA B 1 10.97 17.86 -24.95
C PCA B 1 13.92 18.89 -22.34
O PCA B 1 14.46 17.78 -22.34
N ARG B 2 13.46 19.50 -21.26
CA ARG B 2 13.44 18.92 -19.93
C ARG B 2 12.01 18.88 -19.40
N ALA B 3 11.78 18.09 -18.37
CA ALA B 3 10.47 17.76 -17.86
C ALA B 3 9.91 18.78 -16.86
N GLY B 4 8.76 19.33 -17.22
CA GLY B 4 7.92 20.31 -16.61
C GLY B 4 7.34 19.92 -15.26
N ASN B 5 7.29 20.88 -14.35
CA ASN B 5 6.97 20.64 -12.96
C ASN B 5 5.80 21.45 -12.42
N GLU B 6 5.43 22.54 -13.08
CA GLU B 6 4.29 23.34 -12.66
C GLU B 6 3.07 22.45 -12.47
N THR B 7 2.35 22.30 -13.58
CA THR B 7 1.26 21.34 -13.67
C THR B 7 1.91 20.01 -14.03
N PRO B 8 1.38 18.94 -13.48
CA PRO B 8 1.98 17.61 -13.58
C PRO B 8 1.20 16.62 -14.42
N GLU B 9 1.96 15.61 -14.79
CA GLU B 9 1.72 14.43 -15.57
C GLU B 9 1.10 13.28 -14.77
N ASN B 10 -0.21 13.16 -14.92
CA ASN B 10 -0.88 11.99 -14.36
C ASN B 10 -1.48 11.18 -15.51
N HIS B 11 -1.05 9.94 -15.63
CA HIS B 11 -1.59 9.08 -16.69
C HIS B 11 -2.68 8.17 -16.12
N PRO B 12 -3.93 8.45 -16.44
CA PRO B 12 -5.04 7.57 -16.07
C PRO B 12 -4.94 6.23 -16.78
N PRO B 13 -4.96 5.13 -16.03
CA PRO B 13 -4.70 3.82 -16.62
C PRO B 13 -5.87 3.31 -17.47
N LEU B 14 -5.60 2.19 -18.11
CA LEU B 14 -6.56 1.47 -18.93
C LEU B 14 -6.40 -0.02 -18.66
N THR B 15 -7.49 -0.77 -18.52
CA THR B 15 -7.30 -2.21 -18.51
C THR B 15 -7.38 -2.68 -19.95
N TRP B 16 -6.23 -2.92 -20.57
CA TRP B 16 -6.25 -3.43 -21.95
C TRP B 16 -5.75 -4.87 -21.88
N GLN B 17 -6.36 -5.79 -22.62
CA GLN B 17 -6.09 -7.19 -22.41
C GLN B 17 -5.19 -7.84 -23.46
N ARG B 18 -4.29 -8.65 -22.96
CA ARG B 18 -3.35 -9.53 -23.61
C ARG B 18 -3.90 -10.96 -23.66
N CYS B 19 -4.45 -11.31 -24.82
CA CYS B 19 -5.07 -12.61 -25.03
C CYS B 19 -4.06 -13.61 -25.58
N THR B 20 -3.82 -14.66 -24.79
CA THR B 20 -2.92 -15.75 -25.12
C THR B 20 -3.37 -16.53 -26.35
N ALA B 21 -4.66 -16.80 -26.34
CA ALA B 21 -5.36 -17.53 -27.38
C ALA B 21 -6.85 -17.42 -27.12
N PRO B 22 -7.70 -17.78 -28.06
CA PRO B 22 -9.15 -17.67 -27.82
C PRO B 22 -9.55 -18.42 -26.56
N GLY B 23 -10.03 -17.70 -25.56
CA GLY B 23 -10.58 -18.32 -24.37
C GLY B 23 -9.84 -18.12 -23.09
N ASN B 24 -8.75 -17.35 -23.09
CA ASN B 24 -8.02 -17.09 -21.86
C ASN B 24 -7.15 -15.83 -21.99
N CYS B 25 -7.80 -14.68 -21.90
CA CYS B 25 -7.19 -13.37 -22.07
C CYS B 25 -6.55 -12.86 -20.80
N GLN B 26 -5.58 -11.95 -20.92
CA GLN B 26 -4.88 -11.44 -19.75
C GLN B 26 -4.98 -9.92 -19.65
N THR B 27 -5.65 -9.41 -18.62
CA THR B 27 -5.74 -7.96 -18.51
C THR B 27 -4.37 -7.33 -18.29
N VAL B 28 -4.21 -6.14 -18.86
CA VAL B 28 -3.06 -5.27 -18.66
C VAL B 28 -3.57 -3.94 -18.09
N ASN B 29 -3.05 -3.54 -16.95
CA ASN B 29 -3.56 -2.43 -16.17
C ASN B 29 -3.17 -1.04 -16.70
N ALA B 30 -2.21 -1.01 -17.58
CA ALA B 30 -1.51 0.04 -18.27
C ALA B 30 -2.20 1.40 -18.27
N GLU B 31 -1.87 2.22 -19.28
CA GLU B 31 -2.35 3.58 -19.25
C GLU B 31 -2.03 4.42 -20.47
N VAL B 32 -3.01 5.25 -20.84
CA VAL B 32 -2.77 6.20 -21.93
C VAL B 32 -1.85 7.34 -21.49
N VAL B 33 -1.55 8.26 -22.39
CA VAL B 33 -0.81 9.49 -22.15
C VAL B 33 -0.89 10.42 -23.37
N ILE B 34 -1.34 11.65 -23.13
CA ILE B 34 -1.49 12.62 -24.21
C ILE B 34 -0.14 13.22 -24.65
N ASP B 35 -0.13 13.53 -25.93
CA ASP B 35 0.83 14.06 -26.84
C ASP B 35 1.41 15.43 -26.46
N ALA B 36 2.73 15.52 -26.50
CA ALA B 36 3.50 16.69 -26.12
C ALA B 36 3.11 17.93 -26.91
N ASN B 37 2.66 17.80 -28.16
CA ASN B 37 2.25 19.05 -28.83
C ASN B 37 1.07 19.66 -28.08
N TRP B 38 0.30 18.85 -27.37
CA TRP B 38 -0.86 19.30 -26.62
C TRP B 38 -0.58 20.09 -25.35
N ARG B 39 0.62 20.03 -24.82
CA ARG B 39 1.09 20.60 -23.57
C ARG B 39 1.58 22.05 -23.65
N TRP B 40 1.65 22.69 -22.49
CA TRP B 40 2.27 24.00 -22.30
C TRP B 40 3.79 23.82 -22.29
N LEU B 41 4.47 24.75 -22.94
CA LEU B 41 5.92 24.72 -23.13
C LEU B 41 6.56 25.96 -22.53
N HIS B 42 7.39 25.85 -21.48
CA HIS B 42 7.86 27.17 -21.01
C HIS B 42 9.07 27.15 -20.09
N ASP B 43 9.30 28.31 -19.52
CA ASP B 43 10.41 28.97 -18.88
C ASP B 43 10.55 28.73 -17.37
N ASP B 44 11.62 29.31 -16.84
CA ASP B 44 11.94 29.35 -15.41
C ASP B 44 11.20 30.50 -14.73
N ASN B 45 10.98 31.57 -15.49
CA ASN B 45 10.17 32.68 -15.02
C ASN B 45 8.70 32.40 -15.37
N MET B 46 8.47 31.17 -15.76
CA MET B 46 7.24 30.58 -16.25
C MET B 46 6.80 31.22 -17.57
N GLN B 47 7.64 32.08 -18.15
CA GLN B 47 7.30 32.70 -19.42
C GLN B 47 7.00 31.60 -20.44
N ASN B 48 5.89 31.78 -21.17
CA ASN B 48 5.54 30.78 -22.16
C ASN B 48 6.69 30.62 -23.15
N CYS B 49 7.17 29.40 -23.36
CA CYS B 49 8.26 29.23 -24.32
C CYS B 49 7.69 29.23 -25.75
N TYR B 50 6.37 29.22 -25.78
CA TYR B 50 5.56 29.17 -26.98
C TYR B 50 4.15 29.68 -26.66
N ASP B 51 3.77 30.81 -27.27
CA ASP B 51 2.47 31.39 -26.99
C ASP B 51 1.50 31.24 -28.17
N GLY B 52 0.38 30.58 -27.89
CA GLY B 52 -0.63 30.32 -28.90
C GLY B 52 -0.07 29.57 -30.09
N ASN B 53 0.23 30.30 -31.17
CA ASN B 53 0.77 29.67 -32.36
C ASN B 53 1.96 30.43 -32.94
N GLN B 54 2.67 31.17 -32.11
CA GLN B 54 3.93 31.81 -32.50
C GLN B 54 4.88 31.71 -31.32
N TRP B 55 6.11 31.24 -31.52
CA TRP B 55 7.01 31.09 -30.36
C TRP B 55 7.20 32.44 -29.66
N THR B 56 7.37 32.37 -28.34
CA THR B 56 7.56 33.60 -27.56
C THR B 56 8.91 34.22 -27.86
N ASN B 57 9.19 35.40 -27.31
CA ASN B 57 10.49 36.00 -27.60
C ASN B 57 11.57 35.50 -26.64
N ALA B 58 11.51 34.20 -26.37
CA ALA B 58 12.46 33.50 -25.51
C ALA B 58 13.01 32.26 -26.22
N CYS B 59 13.25 32.40 -27.52
CA CYS B 59 13.80 31.26 -28.26
C CYS B 59 14.37 31.67 -29.61
N SER B 60 15.31 30.85 -30.09
CA SER B 60 16.03 31.06 -31.33
C SER B 60 16.53 29.76 -31.95
N THR B 61 17.67 29.28 -31.47
CA THR B 61 18.35 28.09 -31.93
C THR B 61 17.73 26.80 -31.42
N ALA B 62 17.79 25.78 -32.27
CA ALA B 62 17.32 24.43 -32.10
C ALA B 62 17.66 23.76 -30.77
N THR B 63 18.61 24.30 -30.03
CA THR B 63 19.08 23.80 -28.75
C THR B 63 18.79 24.80 -27.63
N ASP B 64 18.74 26.08 -27.99
CA ASP B 64 18.38 27.03 -26.93
C ASP B 64 16.96 26.69 -26.49
N CYS B 65 16.12 26.40 -27.48
CA CYS B 65 14.73 26.07 -27.22
C CYS B 65 14.65 24.84 -26.33
N ALA B 66 15.20 23.74 -26.85
CA ALA B 66 15.23 22.47 -26.14
C ALA B 66 15.68 22.62 -24.70
N GLU B 67 16.77 23.37 -24.42
CA GLU B 67 17.16 23.40 -23.00
C GLU B 67 16.77 24.69 -22.31
N LYS B 68 16.16 25.64 -23.00
CA LYS B 68 15.66 26.82 -22.28
C LYS B 68 14.15 26.65 -22.07
N CYS B 69 13.64 25.48 -22.45
CA CYS B 69 12.23 25.16 -22.29
C CYS B 69 12.03 23.73 -21.73
N MET B 70 10.78 23.44 -21.45
CA MET B 70 10.20 22.25 -20.87
C MET B 70 8.69 22.18 -21.12
N ILE B 71 8.15 20.98 -21.32
CA ILE B 71 6.73 20.74 -21.54
C ILE B 71 6.03 20.52 -20.20
N GLU B 72 4.90 21.18 -19.97
CA GLU B 72 4.18 21.04 -18.71
C GLU B 72 3.28 19.81 -18.72
N GLY B 73 2.84 19.40 -17.53
CA GLY B 73 2.06 18.19 -17.36
C GLY B 73 0.63 18.31 -17.81
N ALA B 74 -0.22 17.40 -17.36
CA ALA B 74 -1.60 17.41 -17.86
C ALA B 74 -2.63 17.86 -16.84
N GLY B 75 -2.41 17.64 -15.55
CA GLY B 75 -3.40 18.06 -14.56
C GLY B 75 -4.67 17.24 -14.63
N ASP B 76 -5.77 17.90 -15.00
CA ASP B 76 -7.06 17.25 -15.19
C ASP B 76 -7.35 17.13 -16.70
N TYR B 77 -7.36 15.88 -17.16
CA TYR B 77 -7.55 15.57 -18.57
C TYR B 77 -8.95 15.95 -19.05
N LEU B 78 -9.95 15.55 -18.28
CA LEU B 78 -11.37 15.75 -18.55
C LEU B 78 -11.65 17.10 -19.21
N GLY B 79 -11.88 18.15 -18.43
CA GLY B 79 -12.22 19.44 -18.97
C GLY B 79 -11.17 20.04 -19.89
N THR B 80 -9.96 19.48 -19.89
CA THR B 80 -8.84 20.05 -20.63
C THR B 80 -8.82 19.62 -22.08
N TYR B 81 -8.65 18.31 -22.33
CA TYR B 81 -8.58 17.81 -23.70
C TYR B 81 -9.92 17.19 -24.12
N GLY B 82 -10.71 16.91 -23.10
CA GLY B 82 -12.03 16.32 -23.22
C GLY B 82 -11.92 14.80 -23.22
N ALA B 83 -10.81 14.35 -22.64
CA ALA B 83 -10.44 12.94 -22.62
C ALA B 83 -10.55 12.34 -21.22
N SER B 84 -11.31 11.26 -21.14
CA SER B 84 -11.69 10.48 -19.99
C SER B 84 -11.15 9.05 -20.01
N THR B 85 -11.09 8.47 -18.82
CA THR B 85 -10.70 7.10 -18.49
C THR B 85 -11.77 6.47 -17.61
N SER B 86 -11.91 5.16 -17.64
CA SER B 86 -12.85 4.38 -16.84
C SER B 86 -12.98 2.96 -17.38
N GLY B 87 -12.36 2.01 -16.67
CA GLY B 87 -12.40 0.62 -17.08
C GLY B 87 -11.38 0.37 -18.19
N ASP B 88 -11.89 0.20 -19.40
CA ASP B 88 -11.15 -0.08 -20.61
C ASP B 88 -11.37 1.02 -21.66
N ALA B 89 -11.98 2.09 -21.18
CA ALA B 89 -12.55 3.21 -21.86
C ALA B 89 -11.71 4.49 -21.80
N LEU B 90 -11.51 5.04 -22.98
CA LEU B 90 -10.88 6.29 -23.29
C LEU B 90 -11.81 7.04 -24.26
N THR B 91 -12.55 7.97 -23.68
CA THR B 91 -13.51 8.83 -24.31
C THR B 91 -12.89 10.20 -24.64
N LEU B 92 -12.22 10.30 -25.79
CA LEU B 92 -11.66 11.55 -26.25
C LEU B 92 -12.75 12.52 -26.70
N LYS B 93 -12.71 13.74 -26.19
CA LYS B 93 -13.63 14.74 -26.75
C LYS B 93 -12.96 15.49 -27.90
N PHE B 94 -13.69 15.55 -29.01
CA PHE B 94 -13.22 16.33 -30.15
C PHE B 94 -12.97 17.75 -29.67
N VAL B 95 -14.07 18.51 -29.57
CA VAL B 95 -13.96 19.90 -29.18
C VAL B 95 -14.21 20.16 -27.70
N THR B 96 -13.31 20.96 -27.11
CA THR B 96 -13.37 21.30 -25.70
C THR B 96 -13.10 22.78 -25.49
N LYS B 97 -14.16 23.58 -25.56
CA LYS B 97 -14.05 25.03 -25.39
C LYS B 97 -13.97 25.36 -23.92
N HIS B 98 -13.21 26.40 -23.56
CA HIS B 98 -13.05 26.61 -22.12
C HIS B 98 -12.91 28.06 -21.69
N GLU B 99 -12.80 28.14 -20.37
CA GLU B 99 -12.71 29.23 -19.44
C GLU B 99 -11.69 30.28 -19.83
N TYR B 100 -10.76 29.90 -20.70
CA TYR B 100 -9.71 30.80 -21.18
C TYR B 100 -9.43 30.61 -22.67
N GLY B 101 -10.39 30.07 -23.42
CA GLY B 101 -10.17 29.83 -24.84
C GLY B 101 -10.91 28.64 -25.41
N THR B 102 -10.22 27.75 -26.12
CA THR B 102 -10.84 26.63 -26.82
C THR B 102 -9.90 25.50 -27.19
N ASN B 103 -10.30 24.25 -26.99
CA ASN B 103 -9.46 23.12 -27.37
C ASN B 103 -10.18 22.22 -28.37
N VAL B 104 -9.47 21.65 -29.34
CA VAL B 104 -10.08 20.73 -30.29
C VAL B 104 -9.12 19.60 -30.67
N GLY B 105 -9.58 18.36 -30.54
CA GLY B 105 -8.81 17.21 -30.97
C GLY B 105 -7.89 16.63 -29.92
N SER B 106 -7.90 15.30 -29.80
CA SER B 106 -7.06 14.57 -28.86
C SER B 106 -6.28 13.47 -29.59
N ARG B 107 -5.30 12.88 -28.93
CA ARG B 107 -4.40 11.85 -29.40
C ARG B 107 -3.53 11.27 -28.29
N PHE B 108 -3.76 10.02 -27.89
CA PHE B 108 -3.09 9.39 -26.76
C PHE B 108 -2.19 8.23 -27.14
N TYR B 109 -1.64 7.52 -26.14
CA TYR B 109 -0.91 6.29 -26.45
C TYR B 109 -1.14 5.23 -25.37
N LEU B 110 -1.21 3.96 -25.78
CA LEU B 110 -1.32 2.93 -24.75
C LEU B 110 0.09 2.48 -24.37
N MET B 111 0.53 2.90 -23.18
CA MET B 111 1.87 2.46 -22.77
C MET B 111 1.75 1.38 -21.70
N ASN B 112 2.85 1.08 -21.03
CA ASN B 112 2.81 0.13 -19.92
C ASN B 112 3.83 0.58 -18.89
N GLY B 113 3.33 1.29 -17.88
CA GLY B 113 4.16 1.96 -16.90
C GLY B 113 4.19 3.46 -17.23
N PRO B 114 4.83 4.25 -16.38
CA PRO B 114 4.84 5.71 -16.53
C PRO B 114 6.00 6.26 -17.35
N ASP B 115 6.94 5.43 -17.79
CA ASP B 115 8.08 5.99 -18.54
C ASP B 115 8.34 5.27 -19.85
N LYS B 116 7.59 4.22 -20.16
CA LYS B 116 7.81 3.46 -21.39
C LYS B 116 6.55 3.41 -22.24
N TYR B 117 6.75 3.23 -23.54
CA TYR B 117 5.62 3.12 -24.47
C TYR B 117 5.24 1.65 -24.58
N GLN B 118 3.97 1.29 -24.58
CA GLN B 118 3.68 -0.12 -24.79
C GLN B 118 3.86 -0.43 -26.28
N MET B 119 4.78 -1.32 -26.60
CA MET B 119 5.13 -1.75 -27.95
C MET B 119 4.44 -3.05 -28.32
N PHE B 120 4.23 -3.28 -29.61
CA PHE B 120 3.49 -4.48 -30.01
C PHE B 120 4.12 -5.17 -31.21
N ASN B 121 4.06 -6.50 -31.22
CA ASN B 121 4.66 -7.31 -32.27
C ASN B 121 3.62 -7.85 -33.24
N LEU B 122 3.22 -6.96 -34.14
CA LEU B 122 2.15 -7.15 -35.09
C LEU B 122 2.32 -8.44 -35.91
N MET B 123 3.51 -8.67 -36.44
CA MET B 123 3.87 -9.81 -37.27
C MET B 123 3.23 -11.09 -36.74
N GLY B 124 2.14 -11.50 -37.38
CA GLY B 124 1.40 -12.71 -37.07
C GLY B 124 0.40 -12.54 -35.93
N ASN B 125 0.27 -11.34 -35.42
CA ASN B 125 -0.61 -10.96 -34.33
C ASN B 125 -1.73 -10.02 -34.78
N GLU B 126 -2.71 -9.82 -33.91
CA GLU B 126 -3.84 -8.93 -34.16
C GLU B 126 -4.25 -8.15 -32.90
N LEU B 127 -5.10 -7.17 -33.13
CA LEU B 127 -5.82 -6.32 -32.20
C LEU B 127 -7.28 -6.13 -32.65
N ALA B 128 -8.13 -6.10 -31.63
CA ALA B 128 -9.56 -5.91 -31.68
C ALA B 128 -9.99 -4.75 -30.78
N PHE B 129 -11.00 -3.98 -31.20
CA PHE B 129 -11.40 -2.87 -30.33
C PHE B 129 -12.81 -2.37 -30.59
N ASP B 130 -13.72 -2.67 -29.68
CA ASP B 130 -15.07 -2.11 -29.74
C ASP B 130 -14.98 -0.59 -29.90
N VAL B 131 -15.85 -0.02 -30.74
CA VAL B 131 -15.77 1.42 -30.91
C VAL B 131 -17.15 1.98 -31.21
N ASP B 132 -17.41 3.13 -30.60
CA ASP B 132 -18.63 3.90 -30.78
C ASP B 132 -18.29 5.27 -31.39
N LEU B 133 -18.58 5.44 -32.69
CA LEU B 133 -18.30 6.73 -33.32
C LEU B 133 -19.57 7.35 -33.91
N SER B 134 -20.72 6.88 -33.42
CA SER B 134 -22.00 7.31 -33.95
C SER B 134 -22.19 8.82 -33.91
N THR B 135 -21.44 9.52 -33.06
CA THR B 135 -21.56 10.98 -33.04
C THR B 135 -20.31 11.62 -33.62
N VAL B 136 -19.34 10.78 -34.01
CA VAL B 136 -18.22 11.36 -34.75
C VAL B 136 -18.69 11.68 -36.17
N GLU B 137 -19.19 12.90 -36.31
CA GLU B 137 -19.82 13.38 -37.52
C GLU B 137 -18.83 13.61 -38.66
N CYS B 138 -19.36 13.67 -39.88
CA CYS B 138 -18.60 13.86 -41.10
C CYS B 138 -17.49 14.90 -40.97
N GLY B 139 -16.47 14.75 -41.80
CA GLY B 139 -15.33 15.62 -41.83
C GLY B 139 -14.44 15.44 -40.61
N ILE B 140 -14.73 14.44 -39.79
CA ILE B 140 -13.89 14.25 -38.60
C ILE B 140 -13.21 12.88 -38.66
N ASN B 141 -12.01 12.79 -38.12
CA ASN B 141 -11.32 11.49 -38.08
C ASN B 141 -10.93 11.19 -36.63
N SER B 142 -11.36 10.03 -36.14
CA SER B 142 -11.05 9.45 -34.85
C SER B 142 -10.49 8.05 -35.07
N ALA B 143 -9.16 7.98 -35.19
CA ALA B 143 -8.49 6.78 -35.64
C ALA B 143 -7.67 6.07 -34.58
N LEU B 144 -7.65 4.75 -34.64
CA LEU B 144 -6.72 3.95 -33.86
C LEU B 144 -5.64 3.45 -34.84
N TYR B 145 -4.39 3.40 -34.38
CA TYR B 145 -3.38 2.90 -35.32
C TYR B 145 -2.01 2.77 -34.67
N PHE B 146 -1.16 2.10 -35.44
CA PHE B 146 0.20 1.80 -35.05
C PHE B 146 1.20 2.69 -35.77
N VAL B 147 2.12 3.29 -35.01
CA VAL B 147 3.25 3.95 -35.64
C VAL B 147 4.51 3.53 -34.89
N ALA B 148 5.64 3.49 -35.58
CA ALA B 148 6.83 3.00 -34.90
C ALA B 148 7.63 4.16 -34.35
N MET B 149 7.38 4.46 -33.10
CA MET B 149 8.02 5.40 -32.20
C MET B 149 9.08 4.68 -31.38
N GLU B 150 9.91 5.46 -30.68
CA GLU B 150 10.82 4.75 -29.75
C GLU B 150 10.05 4.56 -28.46
N GLU B 151 10.16 3.42 -27.78
CA GLU B 151 9.37 3.12 -26.60
C GLU B 151 9.64 4.08 -25.45
N ASP B 152 10.74 4.83 -25.55
CA ASP B 152 11.11 5.88 -24.63
C ASP B 152 10.78 7.25 -25.22
N GLY B 153 10.18 7.23 -26.40
CA GLY B 153 9.83 8.45 -27.11
C GLY B 153 11.09 9.21 -27.49
N GLY B 154 12.16 8.45 -27.69
CA GLY B 154 13.43 8.98 -28.13
C GLY B 154 14.13 9.85 -27.08
N MET B 155 14.03 9.42 -25.84
CA MET B 155 14.68 10.11 -24.74
C MET B 155 16.21 10.07 -24.87
N ALA B 156 16.76 8.87 -24.88
CA ALA B 156 18.19 8.62 -24.97
C ALA B 156 18.68 8.48 -26.41
N SER B 157 17.85 7.91 -27.30
CA SER B 157 18.17 7.90 -28.72
C SER B 157 18.47 9.32 -29.17
N TYR B 158 17.69 10.24 -28.62
CA TYR B 158 17.87 11.67 -28.65
C TYR B 158 18.04 12.23 -27.24
N PRO B 159 19.27 12.17 -26.75
CA PRO B 159 19.69 12.68 -25.45
C PRO B 159 19.11 14.04 -25.06
N SER B 160 18.84 14.93 -26.01
CA SER B 160 18.38 16.26 -25.60
C SER B 160 17.05 16.17 -24.87
N ASN B 161 16.11 15.43 -25.44
CA ASN B 161 14.81 15.23 -24.80
C ASN B 161 15.02 14.70 -23.39
N GLN B 162 14.30 15.29 -22.45
CA GLN B 162 14.46 14.90 -21.06
C GLN B 162 13.14 14.43 -20.48
N ALA B 163 12.05 14.61 -21.24
CA ALA B 163 10.76 14.16 -20.71
C ALA B 163 10.47 12.74 -21.18
N GLY B 164 10.41 12.56 -22.49
CA GLY B 164 10.23 11.21 -23.02
C GLY B 164 8.79 10.76 -23.07
N ALA B 165 8.57 9.46 -22.87
CA ALA B 165 7.22 8.94 -23.01
C ALA B 165 6.37 9.34 -21.81
N ARG B 166 7.03 9.84 -20.76
CA ARG B 166 6.37 10.15 -19.50
C ARG B 166 5.52 11.41 -19.61
N TYR B 167 5.58 12.04 -20.77
CA TYR B 167 4.86 13.22 -21.20
C TYR B 167 4.57 13.11 -22.71
N GLY B 168 4.69 11.91 -23.24
CA GLY B 168 4.34 11.46 -24.56
C GLY B 168 5.00 12.16 -25.71
N THR B 169 6.06 12.93 -25.45
CA THR B 169 6.68 13.62 -26.58
C THR B 169 7.29 12.62 -27.54
N GLY B 170 7.73 13.08 -28.71
CA GLY B 170 8.33 12.13 -29.65
C GLY B 170 7.24 11.32 -30.33
N TYR B 171 7.24 11.36 -31.65
CA TYR B 171 6.20 10.75 -32.45
C TYR B 171 6.51 10.87 -33.94
N CYS B 172 6.16 9.84 -34.70
CA CYS B 172 6.41 9.89 -36.14
C CYS B 172 5.35 9.14 -36.90
N ASP B 173 4.97 9.58 -38.10
CA ASP B 173 4.08 8.78 -38.95
C ASP B 173 4.40 8.99 -40.43
N ALA B 174 3.48 8.55 -41.27
CA ALA B 174 3.63 8.47 -42.70
C ALA B 174 3.37 9.80 -43.40
N GLN B 175 3.53 10.91 -42.69
CA GLN B 175 3.51 12.22 -43.35
C GLN B 175 4.73 13.02 -42.92
N CYS B 176 5.49 12.45 -42.00
CA CYS B 176 6.61 13.15 -41.39
C CYS B 176 6.07 14.30 -40.55
N ALA B 177 6.26 14.20 -39.23
CA ALA B 177 5.70 15.16 -38.28
C ALA B 177 6.54 16.43 -38.20
N ARG B 178 6.27 17.34 -39.14
CA ARG B 178 7.02 18.58 -39.26
C ARG B 178 6.35 19.74 -38.56
N ASP B 179 5.14 19.50 -38.05
CA ASP B 179 4.37 20.46 -37.29
C ASP B 179 4.62 20.33 -35.79
N LEU B 180 5.64 19.54 -35.47
CA LEU B 180 6.05 19.23 -34.11
C LEU B 180 6.84 20.37 -33.47
N LYS B 181 6.51 20.64 -32.21
CA LYS B 181 7.25 21.62 -31.43
C LYS B 181 8.67 21.09 -31.26
N PHE B 182 8.78 19.76 -31.14
CA PHE B 182 10.08 19.14 -30.92
C PHE B 182 10.29 17.93 -31.84
N VAL B 183 11.09 18.12 -32.88
CA VAL B 183 11.38 16.97 -33.75
C VAL B 183 12.78 16.44 -33.42
N GLY B 184 12.84 15.19 -33.00
CA GLY B 184 14.08 14.54 -32.59
C GLY B 184 14.91 15.43 -31.70
N GLY B 185 14.65 15.47 -30.40
CA GLY B 185 15.36 16.32 -29.47
C GLY B 185 15.23 17.81 -29.65
N LYS B 186 15.03 18.30 -30.86
CA LYS B 186 15.11 19.68 -31.27
C LYS B 186 13.78 20.32 -31.62
N ALA B 187 13.69 21.61 -31.28
CA ALA B 187 12.49 22.41 -31.45
C ALA B 187 11.96 22.33 -32.88
N ASN B 188 11.97 23.46 -33.56
CA ASN B 188 11.39 23.65 -34.88
C ASN B 188 11.14 25.15 -35.09
N ILE B 189 11.51 25.95 -34.09
CA ILE B 189 11.32 27.39 -34.13
C ILE B 189 11.90 28.06 -35.37
N GLU B 190 13.07 27.66 -35.85
CA GLU B 190 13.69 28.39 -36.96
C GLU B 190 12.77 28.42 -38.19
N GLY B 191 12.66 29.58 -38.80
CA GLY B 191 11.81 29.79 -39.97
C GLY B 191 10.42 29.23 -39.72
N TRP B 192 9.96 29.41 -38.48
CA TRP B 192 8.70 28.79 -38.07
C TRP B 192 7.51 29.57 -38.59
N LYS B 193 6.55 28.80 -39.13
CA LYS B 193 5.39 29.52 -39.68
C LYS B 193 4.09 28.89 -39.22
N SER B 194 3.37 29.67 -38.42
CA SER B 194 2.07 29.33 -37.89
C SER B 194 1.04 29.22 -39.01
N SER B 195 -0.14 28.74 -38.63
CA SER B 195 -1.25 28.55 -39.55
C SER B 195 -2.35 29.60 -39.37
N THR B 196 -3.04 29.85 -40.48
CA THR B 196 -4.23 30.68 -40.49
C THR B 196 -5.45 29.79 -40.81
N SER B 197 -5.21 28.51 -40.68
CA SER B 197 -6.15 27.40 -40.74
C SER B 197 -6.26 26.77 -39.34
N ASP B 198 -5.13 26.79 -38.66
CA ASP B 198 -4.91 26.37 -37.29
C ASP B 198 -4.35 27.52 -36.46
N PRO B 199 -5.14 28.03 -35.51
CA PRO B 199 -4.67 29.09 -34.61
C PRO B 199 -3.78 28.53 -33.50
N ASN B 200 -3.40 27.27 -33.63
CA ASN B 200 -2.60 26.58 -32.64
C ASN B 200 -1.34 25.97 -33.23
N ALA B 201 -1.38 25.69 -34.54
CA ALA B 201 -0.29 24.96 -35.17
C ALA B 201 0.58 25.87 -36.05
N GLY B 202 1.70 25.29 -36.46
CA GLY B 202 2.66 25.85 -37.39
C GLY B 202 3.38 24.75 -38.16
N VAL B 203 4.32 25.13 -39.04
CA VAL B 203 5.07 24.07 -39.70
C VAL B 203 6.56 24.41 -39.70
N GLY B 204 7.35 23.38 -39.45
CA GLY B 204 8.80 23.49 -39.33
C GLY B 204 9.55 22.69 -40.37
N PRO B 205 10.85 22.94 -40.43
CA PRO B 205 11.77 22.28 -41.35
C PRO B 205 12.06 20.85 -40.92
N TYR B 206 11.48 20.47 -39.77
CA TYR B 206 11.76 19.15 -39.25
C TYR B 206 10.52 18.28 -39.20
N GLY B 207 10.47 17.34 -40.13
CA GLY B 207 9.47 16.28 -40.15
C GLY B 207 10.03 15.03 -39.50
N SER B 208 9.22 14.35 -38.70
CA SER B 208 9.62 13.10 -38.06
C SER B 208 8.85 11.94 -38.66
N CYS B 209 9.55 11.07 -39.40
CA CYS B 209 8.79 10.02 -40.08
C CYS B 209 8.98 8.66 -39.43
N CYS B 210 8.38 7.67 -40.06
CA CYS B 210 8.41 6.26 -39.78
C CYS B 210 7.14 5.59 -40.31
N ALA B 211 7.11 4.26 -40.34
CA ALA B 211 5.92 3.68 -40.98
C ALA B 211 4.67 3.95 -40.15
N GLU B 212 3.64 3.20 -40.46
CA GLU B 212 2.33 3.35 -39.84
C GLU B 212 1.34 2.44 -40.55
N ILE B 213 0.80 1.48 -39.80
CA ILE B 213 -0.25 0.60 -40.26
C ILE B 213 -1.61 1.15 -39.83
N ASP B 214 -2.22 2.00 -40.65
CA ASP B 214 -3.47 2.62 -40.21
C ASP B 214 -4.62 1.61 -40.18
N VAL B 215 -4.63 0.87 -39.09
CA VAL B 215 -5.70 -0.02 -38.69
C VAL B 215 -7.07 0.59 -39.01
N TRP B 216 -7.22 1.87 -38.71
CA TRP B 216 -8.54 2.47 -38.63
C TRP B 216 -8.49 3.98 -38.65
N GLU B 217 -9.03 4.57 -39.71
CA GLU B 217 -9.27 5.98 -39.88
C GLU B 217 -10.76 6.15 -40.13
N SER B 218 -11.51 6.58 -39.10
CA SER B 218 -12.95 6.55 -39.34
C SER B 218 -13.71 7.74 -38.76
N ASN B 219 -15.00 7.66 -38.99
CA ASN B 219 -16.15 8.37 -38.52
C ASN B 219 -17.36 7.45 -38.67
N ALA B 220 -18.55 8.03 -38.76
CA ALA B 220 -19.79 7.28 -38.91
C ALA B 220 -20.22 7.18 -40.38
N TYR B 221 -19.42 7.69 -41.31
CA TYR B 221 -19.78 7.53 -42.71
C TYR B 221 -18.73 6.72 -43.47
N ALA B 222 -17.45 6.81 -43.10
CA ALA B 222 -16.48 5.97 -43.80
C ALA B 222 -15.34 5.57 -42.87
N PHE B 223 -14.58 4.58 -43.29
CA PHE B 223 -13.43 3.94 -42.68
C PHE B 223 -12.44 3.53 -43.77
N ALA B 224 -11.15 3.45 -43.41
CA ALA B 224 -10.13 3.27 -44.44
C ALA B 224 -8.90 2.54 -43.94
N PHE B 225 -9.00 1.22 -43.82
CA PHE B 225 -7.83 0.43 -43.44
C PHE B 225 -6.69 0.69 -44.40
N THR B 226 -5.62 1.35 -43.95
CA THR B 226 -4.51 1.65 -44.85
C THR B 226 -3.13 1.44 -44.25
N PRO B 227 -2.44 0.37 -44.65
CA PRO B 227 -1.04 0.20 -44.24
C PRO B 227 -0.18 1.30 -44.87
N HIS B 228 0.99 1.57 -44.29
CA HIS B 228 1.91 2.56 -44.85
C HIS B 228 3.34 2.03 -44.78
N ALA B 229 4.24 2.62 -45.56
CA ALA B 229 5.62 2.15 -45.61
C ALA B 229 6.58 3.20 -46.17
N CYS B 230 7.71 3.36 -45.50
CA CYS B 230 8.77 4.26 -45.95
C CYS B 230 9.84 3.48 -46.71
N THR B 231 11.10 3.81 -46.43
CA THR B 231 12.22 3.11 -47.06
C THR B 231 13.30 2.88 -46.00
N THR B 232 12.88 3.22 -44.80
CA THR B 232 13.52 3.10 -43.52
C THR B 232 12.40 3.15 -42.47
N ASN B 233 11.82 1.99 -42.18
CA ASN B 233 10.62 2.01 -41.33
C ASN B 233 10.99 2.08 -39.86
N GLU B 234 11.19 3.32 -39.43
CA GLU B 234 11.63 3.65 -38.09
C GLU B 234 11.76 5.17 -37.93
N TYR B 235 11.83 5.63 -36.69
CA TYR B 235 11.93 7.05 -36.40
C TYR B 235 13.03 7.72 -37.19
N HIS B 236 12.63 8.60 -38.14
CA HIS B 236 13.65 9.34 -38.86
C HIS B 236 13.20 10.78 -39.12
N VAL B 237 14.19 11.68 -39.07
CA VAL B 237 13.95 13.08 -39.39
C VAL B 237 14.40 13.39 -40.82
N CYS B 238 13.65 14.28 -41.44
CA CYS B 238 13.94 14.83 -42.76
C CYS B 238 14.03 16.36 -42.60
N GLU B 239 14.41 17.08 -43.63
CA GLU B 239 14.51 18.54 -43.63
C GLU B 239 13.77 19.15 -44.82
N THR B 240 12.75 19.94 -44.53
CA THR B 240 11.84 20.62 -45.42
C THR B 240 11.66 19.91 -46.78
N THR B 241 12.52 20.29 -47.71
CA THR B 241 12.51 19.91 -49.11
C THR B 241 12.87 18.46 -49.36
N ASN B 242 13.51 17.82 -48.38
CA ASN B 242 13.90 16.42 -48.52
C ASN B 242 12.94 15.51 -47.73
N CYS B 243 12.05 16.17 -47.02
CA CYS B 243 10.92 15.71 -46.24
C CYS B 243 9.75 15.30 -47.13
N GLY B 244 8.57 15.12 -46.54
CA GLY B 244 7.39 14.78 -47.31
C GLY B 244 6.10 15.10 -46.58
N GLY B 245 4.99 14.61 -47.13
CA GLY B 245 3.67 14.78 -46.58
C GLY B 245 3.00 16.10 -46.90
N THR B 246 1.75 16.17 -46.46
CA THR B 246 0.91 17.34 -46.48
C THR B 246 1.67 18.63 -46.23
N TYR B 247 2.39 18.68 -45.10
CA TYR B 247 3.11 19.89 -44.72
C TYR B 247 4.18 20.25 -45.75
N SER B 248 4.93 19.24 -46.19
CA SER B 248 5.94 19.50 -47.20
C SER B 248 5.29 19.91 -48.52
N GLU B 249 5.86 20.91 -49.17
CA GLU B 249 5.33 21.41 -50.44
C GLU B 249 5.10 20.27 -51.42
N ASP B 250 6.10 19.41 -51.55
CA ASP B 250 6.15 18.25 -52.42
C ASP B 250 5.83 16.97 -51.67
N ARG B 251 4.59 16.53 -51.65
CA ARG B 251 4.09 15.40 -50.87
C ARG B 251 4.84 14.09 -51.09
N PHE B 252 5.64 14.02 -52.15
CA PHE B 252 6.33 12.80 -52.53
C PHE B 252 7.83 12.98 -52.47
N ALA B 253 8.32 13.15 -51.23
CA ALA B 253 9.76 13.37 -51.03
C ALA B 253 10.23 12.76 -49.73
N GLY B 254 9.38 12.76 -48.69
CA GLY B 254 9.82 12.03 -47.50
C GLY B 254 9.95 10.58 -47.91
N LYS B 255 11.00 9.85 -47.58
CA LYS B 255 11.17 8.48 -48.07
C LYS B 255 10.17 7.53 -47.40
N CYS B 256 8.90 7.80 -47.59
CA CYS B 256 7.69 7.29 -47.00
C CYS B 256 6.54 7.46 -47.98
N ASP B 257 5.56 6.58 -47.94
CA ASP B 257 4.34 6.80 -48.72
C ASP B 257 3.24 7.48 -47.90
N ALA B 258 2.99 8.76 -48.19
CA ALA B 258 2.02 9.57 -47.46
C ALA B 258 0.59 9.20 -47.84
N ASN B 259 0.44 8.20 -48.70
CA ASN B 259 -0.91 7.82 -49.13
C ASN B 259 -1.26 6.40 -48.70
N GLY B 260 -0.48 5.41 -49.13
CA GLY B 260 -0.75 4.03 -48.75
C GLY B 260 -1.73 3.30 -49.64
N CYS B 261 -2.17 2.14 -49.21
CA CYS B 261 -3.09 1.19 -49.82
C CYS B 261 -4.42 1.19 -49.07
N ASP B 262 -5.33 2.11 -49.39
CA ASP B 262 -6.50 2.32 -48.53
C ASP B 262 -7.76 1.62 -49.00
N TYR B 263 -8.13 0.56 -48.25
CA TYR B 263 -9.34 -0.17 -48.59
C TYR B 263 -10.49 0.24 -47.68
N ASN B 264 -11.32 1.06 -48.28
CA ASN B 264 -12.61 1.58 -47.84
C ASN B 264 -13.61 0.99 -48.82
N PRO B 265 -14.49 0.11 -48.35
CA PRO B 265 -15.41 -0.62 -49.24
C PRO B 265 -16.43 0.26 -49.94
N TYR B 266 -16.40 1.57 -49.72
CA TYR B 266 -17.25 2.51 -50.43
C TYR B 266 -16.58 2.90 -51.75
N ARG B 267 -15.29 3.21 -51.67
CA ARG B 267 -14.49 3.57 -52.82
C ARG B 267 -14.45 2.49 -53.89
N MET B 268 -14.83 1.26 -53.55
CA MET B 268 -14.74 0.10 -54.42
C MET B 268 -16.10 -0.48 -54.82
N GLY B 269 -17.17 0.23 -54.50
CA GLY B 269 -18.51 -0.15 -54.92
C GLY B 269 -19.44 -0.65 -53.85
N ASN B 270 -19.12 -0.50 -52.57
CA ASN B 270 -20.07 -1.01 -51.59
C ASN B 270 -20.65 0.09 -50.73
N PRO B 271 -21.61 0.83 -51.28
CA PRO B 271 -22.17 1.99 -50.59
C PRO B 271 -23.29 1.66 -49.63
N ASP B 272 -23.36 0.41 -49.17
CA ASP B 272 -24.43 0.02 -48.25
C ASP B 272 -23.91 -0.60 -46.96
N PHE B 273 -22.63 -0.95 -46.96
CA PHE B 273 -21.92 -1.57 -45.87
C PHE B 273 -21.85 -0.67 -44.63
N TYR B 274 -20.64 -0.30 -44.23
CA TYR B 274 -20.41 0.67 -43.16
C TYR B 274 -21.31 1.87 -43.37
N GLY B 275 -21.73 2.52 -42.28
CA GLY B 275 -22.53 3.72 -42.39
C GLY B 275 -23.62 3.87 -41.35
N LYS B 276 -24.19 5.07 -41.28
CA LYS B 276 -25.26 5.33 -40.32
C LYS B 276 -26.46 4.45 -40.60
N GLY B 277 -26.67 3.41 -39.77
CA GLY B 277 -27.81 2.55 -39.93
C GLY B 277 -27.82 1.75 -41.21
N LYS B 278 -26.83 0.87 -41.41
CA LYS B 278 -26.86 -0.02 -42.56
C LYS B 278 -26.36 -1.40 -42.16
N THR B 279 -25.70 -2.08 -43.09
CA THR B 279 -25.01 -3.35 -42.85
C THR B 279 -24.21 -3.26 -41.55
N LEU B 280 -23.14 -2.48 -41.64
CA LEU B 280 -22.42 -1.99 -40.48
C LEU B 280 -23.08 -0.67 -40.03
N ASP B 281 -23.75 -0.77 -38.90
CA ASP B 281 -24.51 0.26 -38.22
C ASP B 281 -23.64 1.22 -37.43
N THR B 282 -23.11 2.30 -37.99
CA THR B 282 -22.27 3.16 -37.14
C THR B 282 -23.11 4.16 -36.35
N SER B 283 -24.37 3.81 -36.13
CA SER B 283 -25.24 4.50 -35.19
C SER B 283 -25.14 3.78 -33.85
N ARG B 284 -24.60 2.57 -33.91
CA ARG B 284 -24.43 1.74 -32.72
C ARG B 284 -22.99 1.24 -32.57
N LYS B 285 -22.64 0.79 -31.38
CA LYS B 285 -21.32 0.31 -30.98
C LYS B 285 -20.99 -1.07 -31.55
N PHE B 286 -19.74 -1.20 -31.99
CA PHE B 286 -19.25 -2.39 -32.68
C PHE B 286 -17.79 -2.74 -32.35
N THR B 287 -17.41 -3.93 -32.78
CA THR B 287 -16.14 -4.60 -32.54
C THR B 287 -15.27 -4.64 -33.79
N VAL B 288 -14.14 -3.94 -33.76
CA VAL B 288 -13.26 -4.01 -34.93
C VAL B 288 -12.06 -4.91 -34.63
N VAL B 289 -11.88 -5.88 -35.51
CA VAL B 289 -10.75 -6.80 -35.38
C VAL B 289 -9.97 -6.78 -36.70
N SER B 290 -8.67 -6.67 -36.55
CA SER B 290 -7.72 -6.59 -37.66
C SER B 290 -6.53 -7.49 -37.38
N ARG B 291 -5.93 -8.07 -38.40
CA ARG B 291 -4.86 -9.06 -38.23
C ARG B 291 -3.70 -8.79 -39.17
N PHE B 292 -2.48 -9.15 -38.78
CA PHE B 292 -1.31 -8.81 -39.59
C PHE B 292 -0.44 -10.02 -39.92
N GLU B 293 -0.03 -10.13 -41.18
CA GLU B 293 0.77 -11.27 -41.60
C GLU B 293 1.45 -11.00 -42.94
N GLU B 294 2.46 -11.80 -43.28
CA GLU B 294 3.23 -11.61 -44.52
C GLU B 294 2.30 -11.49 -45.72
N ASN B 295 2.47 -10.42 -46.47
CA ASN B 295 1.70 -10.13 -47.66
C ASN B 295 0.19 -10.29 -47.45
N LYS B 296 -0.35 -9.80 -46.35
CA LYS B 296 -1.80 -9.84 -46.15
C LYS B 296 -2.20 -9.06 -44.89
N LEU B 297 -3.06 -8.06 -45.08
CA LEU B 297 -3.64 -7.35 -43.95
C LEU B 297 -5.14 -7.67 -43.95
N SER B 298 -5.71 -8.07 -42.81
CA SER B 298 -7.12 -8.47 -42.83
C SER B 298 -7.86 -8.08 -41.56
N GLN B 299 -9.17 -7.95 -41.66
CA GLN B 299 -10.00 -7.53 -40.54
C GLN B 299 -11.45 -7.93 -40.74
N TYR B 300 -12.28 -7.73 -39.74
CA TYR B 300 -13.71 -7.98 -39.84
C TYR B 300 -14.48 -7.21 -38.77
N PHE B 301 -15.78 -7.46 -38.69
CA PHE B 301 -16.63 -6.84 -37.69
C PHE B 301 -17.42 -7.86 -36.86
N ILE B 302 -17.90 -7.41 -35.70
CA ILE B 302 -18.74 -8.13 -34.77
C ILE B 302 -19.77 -7.24 -34.06
N GLN B 303 -20.67 -6.58 -34.76
CA GLN B 303 -21.78 -5.82 -34.19
C GLN B 303 -22.87 -6.79 -33.72
N ASP B 304 -23.69 -6.36 -32.78
CA ASP B 304 -24.72 -7.07 -32.06
C ASP B 304 -24.58 -8.60 -32.14
N GLY B 305 -23.38 -9.10 -31.88
CA GLY B 305 -23.06 -10.49 -31.73
C GLY B 305 -22.50 -11.24 -32.90
N ARG B 306 -22.89 -10.88 -34.12
CA ARG B 306 -22.51 -11.68 -35.29
C ARG B 306 -21.57 -10.91 -36.20
N LYS B 307 -20.57 -11.61 -36.70
CA LYS B 307 -19.54 -11.07 -37.58
C LYS B 307 -20.11 -10.56 -38.89
N ILE B 308 -19.41 -9.60 -39.45
CA ILE B 308 -19.68 -8.91 -40.70
C ILE B 308 -18.38 -8.77 -41.48
N GLU B 309 -18.17 -9.63 -42.47
CA GLU B 309 -16.93 -9.58 -43.24
C GLU B 309 -16.90 -8.34 -44.11
N ILE B 310 -15.72 -7.96 -44.58
CA ILE B 310 -15.61 -6.83 -45.51
C ILE B 310 -15.50 -7.33 -46.95
N PRO B 311 -16.57 -7.09 -47.70
CA PRO B 311 -16.70 -7.59 -49.07
C PRO B 311 -15.58 -7.07 -49.99
N PRO B 312 -15.40 -7.83 -51.07
CA PRO B 312 -14.44 -7.58 -52.14
C PRO B 312 -14.66 -6.27 -52.90
N PRO B 313 -13.76 -5.90 -53.79
CA PRO B 313 -13.99 -4.71 -54.60
C PRO B 313 -14.99 -4.96 -55.73
N THR B 314 -15.68 -3.90 -56.17
CA THR B 314 -16.52 -4.01 -57.35
C THR B 314 -15.91 -3.25 -58.52
N TRP B 315 -14.59 -3.23 -58.53
CA TRP B 315 -13.81 -2.59 -59.58
C TRP B 315 -13.23 -3.64 -60.52
N GLU B 316 -13.63 -3.60 -61.79
CA GLU B 316 -13.17 -4.61 -62.74
C GLU B 316 -11.64 -4.67 -62.76
N GLY B 317 -11.12 -5.88 -62.64
CA GLY B 317 -9.71 -6.18 -62.59
C GLY B 317 -9.21 -6.50 -61.19
N MET B 318 -9.76 -5.83 -60.19
CA MET B 318 -9.33 -6.02 -58.81
C MET B 318 -9.80 -7.37 -58.28
N PRO B 319 -8.90 -8.06 -57.58
CA PRO B 319 -9.20 -9.36 -57.00
C PRO B 319 -10.53 -9.36 -56.24
N ASN B 320 -11.12 -10.54 -56.11
CA ASN B 320 -12.40 -10.69 -55.42
C ASN B 320 -12.20 -10.77 -53.91
N SER B 321 -11.29 -9.96 -53.40
CA SER B 321 -10.97 -9.87 -51.99
C SER B 321 -10.67 -8.43 -51.54
N SER B 322 -10.91 -8.18 -50.26
CA SER B 322 -10.71 -6.92 -49.57
C SER B 322 -9.42 -6.91 -48.77
N GLU B 323 -8.83 -8.08 -48.60
CA GLU B 323 -7.55 -8.17 -47.88
C GLU B 323 -6.55 -7.25 -48.59
N ILE B 324 -5.59 -6.71 -47.87
CA ILE B 324 -4.55 -5.78 -48.32
C ILE B 324 -3.32 -6.55 -48.79
N THR B 325 -3.17 -6.76 -50.10
CA THR B 325 -2.13 -7.70 -50.55
C THR B 325 -1.32 -7.15 -51.72
N PRO B 326 -0.14 -7.71 -51.98
CA PRO B 326 0.74 -7.16 -53.04
C PRO B 326 0.03 -7.09 -54.38
N GLU B 327 -0.51 -8.23 -54.78
CA GLU B 327 -1.39 -8.28 -55.96
C GLU B 327 -2.51 -7.27 -55.75
N LEU B 328 -2.97 -7.13 -54.50
CA LEU B 328 -4.00 -6.12 -54.28
C LEU B 328 -3.47 -4.71 -54.55
N CYS B 329 -2.56 -4.25 -53.72
CA CYS B 329 -2.07 -2.88 -53.73
C CYS B 329 -1.71 -2.37 -55.11
N SER B 330 -1.10 -3.18 -55.95
CA SER B 330 -0.71 -2.74 -57.29
C SER B 330 -1.93 -2.53 -58.19
N THR B 331 -2.74 -3.56 -58.35
CA THR B 331 -3.93 -3.57 -59.19
C THR B 331 -4.78 -2.29 -59.07
N MET B 332 -4.80 -1.73 -57.88
CA MET B 332 -5.57 -0.59 -57.42
C MET B 332 -5.13 0.72 -58.03
N PHE B 333 -3.83 1.05 -57.96
CA PHE B 333 -3.43 2.30 -58.65
C PHE B 333 -3.64 2.10 -60.15
N ASP B 334 -3.56 0.85 -60.59
CA ASP B 334 -3.89 0.44 -61.95
C ASP B 334 -5.40 0.25 -62.10
N VAL B 335 -6.14 1.16 -61.50
CA VAL B 335 -7.57 1.32 -61.48
C VAL B 335 -7.91 2.75 -61.04
N PHE B 336 -7.28 3.16 -59.93
CA PHE B 336 -7.54 4.47 -59.34
C PHE B 336 -6.63 5.55 -59.89
N ASN B 337 -5.57 5.15 -60.58
CA ASN B 337 -4.77 6.09 -61.36
C ASN B 337 -3.90 7.02 -60.55
N ASP B 338 -4.05 7.15 -59.23
CA ASP B 338 -3.18 8.10 -58.53
C ASP B 338 -1.72 7.64 -58.62
N ARG B 339 -0.86 8.18 -57.75
CA ARG B 339 0.52 7.70 -57.86
C ARG B 339 0.68 6.44 -57.04
N ASN B 340 1.26 5.39 -57.65
CA ASN B 340 1.62 4.20 -56.90
C ASN B 340 2.85 4.47 -56.03
N ARG B 341 2.65 5.35 -55.06
CA ARG B 341 3.62 5.69 -54.04
C ARG B 341 4.06 4.40 -53.35
N PHE B 342 3.06 3.55 -53.12
CA PHE B 342 3.25 2.27 -52.49
C PHE B 342 4.35 1.47 -53.19
N GLU B 343 4.33 1.60 -54.51
CA GLU B 343 5.34 1.01 -55.37
C GLU B 343 6.70 1.63 -55.08
N GLU B 344 6.73 2.96 -55.08
CA GLU B 344 7.97 3.72 -55.01
C GLU B 344 8.87 3.26 -53.86
N VAL B 345 8.31 3.17 -52.67
CA VAL B 345 9.15 2.85 -51.50
C VAL B 345 9.24 1.36 -51.26
N GLY B 346 9.33 0.59 -52.36
CA GLY B 346 9.58 -0.82 -52.18
C GLY B 346 8.35 -1.69 -52.28
N GLY B 347 7.15 -1.12 -52.27
CA GLY B 347 5.96 -1.94 -52.40
C GLY B 347 5.75 -2.88 -51.23
N PHE B 348 4.89 -3.88 -51.39
CA PHE B 348 4.51 -4.77 -50.30
C PHE B 348 5.70 -5.45 -49.63
N GLU B 349 6.83 -5.53 -50.33
CA GLU B 349 8.04 -6.08 -49.74
C GLU B 349 8.63 -5.08 -48.75
N GLN B 350 8.16 -3.84 -48.83
CA GLN B 350 8.65 -2.82 -47.92
C GLN B 350 7.77 -2.70 -46.68
N LEU B 351 6.53 -3.16 -46.79
CA LEU B 351 5.50 -3.09 -45.76
C LEU B 351 5.63 -4.22 -44.75
N ASN B 352 6.11 -5.38 -45.24
CA ASN B 352 6.31 -6.47 -44.28
C ASN B 352 7.38 -6.01 -43.29
N ASN B 353 8.45 -5.42 -43.82
CA ASN B 353 9.51 -4.87 -42.99
C ASN B 353 8.97 -4.00 -41.88
N ALA B 354 8.14 -3.02 -42.22
CA ALA B 354 7.53 -2.20 -41.17
C ALA B 354 6.81 -3.09 -40.15
N LEU B 355 6.09 -4.11 -40.62
CA LEU B 355 5.38 -5.01 -39.71
C LEU B 355 6.33 -5.70 -38.74
N ARG B 356 7.62 -5.76 -39.07
CA ARG B 356 8.66 -6.25 -38.18
C ARG B 356 9.15 -5.11 -37.29
N VAL B 357 8.83 -3.89 -37.69
CA VAL B 357 9.14 -2.67 -36.96
C VAL B 357 8.12 -2.45 -35.84
N PRO B 358 8.63 -2.25 -34.62
CA PRO B 358 7.78 -2.07 -33.43
C PRO B 358 6.69 -1.04 -33.64
N MET B 359 5.53 -1.22 -32.98
CA MET B 359 4.47 -0.25 -33.21
C MET B 359 3.72 0.17 -31.95
N VAL B 360 3.17 1.37 -32.03
CA VAL B 360 2.41 2.00 -30.96
C VAL B 360 0.93 2.08 -31.29
N LEU B 361 0.10 1.65 -30.36
CA LEU B 361 -1.36 1.69 -30.45
C LEU B 361 -1.85 3.09 -30.13
N VAL B 362 -2.29 3.84 -31.14
CA VAL B 362 -2.73 5.22 -30.98
C VAL B 362 -4.26 5.37 -30.94
N MET B 363 -4.68 6.31 -30.12
CA MET B 363 -6.03 6.77 -29.86
C MET B 363 -6.21 8.22 -30.27
N SER B 364 -7.06 8.52 -31.26
CA SER B 364 -7.02 9.94 -31.65
C SER B 364 -8.40 10.56 -31.87
N ILE B 365 -8.33 11.76 -32.42
CA ILE B 365 -9.42 12.59 -32.89
C ILE B 365 -8.85 13.78 -33.67
N TRP B 366 -9.44 14.14 -34.81
CA TRP B 366 -9.01 15.34 -35.52
C TRP B 366 -9.91 15.73 -36.70
N ASP B 367 -9.55 16.89 -37.20
CA ASP B 367 -9.91 17.86 -38.17
C ASP B 367 -8.84 18.10 -39.24
N ASP B 368 -9.23 18.60 -40.41
CA ASP B 368 -8.30 18.82 -41.50
C ASP B 368 -8.54 20.16 -42.18
N HIS B 369 -7.55 21.02 -42.15
CA HIS B 369 -7.59 22.40 -42.65
C HIS B 369 -6.72 22.61 -43.88
N TYR B 370 -6.42 21.50 -44.52
CA TYR B 370 -5.67 21.37 -45.75
C TYR B 370 -6.56 20.78 -46.85
N ALA B 371 -7.60 20.10 -46.38
CA ALA B 371 -8.51 19.34 -47.22
C ALA B 371 -9.87 19.11 -46.60
N ASN B 372 -10.08 19.56 -45.35
CA ASN B 372 -11.39 19.44 -44.71
C ASN B 372 -11.82 17.99 -44.56
N MET B 373 -10.88 17.07 -44.65
CA MET B 373 -11.06 15.63 -44.49
C MET B 373 -11.79 14.98 -45.65
N LEU B 374 -11.84 15.64 -46.80
CA LEU B 374 -12.66 15.11 -47.90
C LEU B 374 -11.93 14.01 -48.66
N TRP B 375 -11.29 13.10 -47.94
CA TRP B 375 -10.56 12.00 -48.53
C TRP B 375 -10.92 10.69 -47.82
N LEU B 376 -11.87 10.81 -46.91
CA LEU B 376 -12.31 9.75 -46.04
C LEU B 376 -13.81 9.82 -45.81
N ASP B 377 -14.43 10.85 -46.38
CA ASP B 377 -15.87 11.00 -46.23
C ASP B 377 -16.47 11.67 -47.46
N SER B 378 -15.70 11.72 -48.55
CA SER B 378 -16.29 12.38 -49.72
C SER B 378 -15.44 12.28 -50.98
N ILE B 379 -15.68 13.19 -51.90
CA ILE B 379 -15.15 13.24 -53.25
C ILE B 379 -13.78 13.89 -53.35
N TYR B 380 -12.73 13.06 -53.43
CA TYR B 380 -11.38 13.60 -53.50
C TYR B 380 -10.63 13.10 -54.72
N PRO B 381 -9.79 13.94 -55.32
CA PRO B 381 -9.62 15.36 -54.97
C PRO B 381 -10.73 16.19 -55.58
N PRO B 382 -10.80 17.51 -55.37
CA PRO B 382 -11.94 18.24 -55.93
C PRO B 382 -11.83 18.36 -57.44
N GLU B 383 -10.70 17.95 -58.00
CA GLU B 383 -10.49 17.97 -59.45
C GLU B 383 -11.11 16.73 -60.09
N LYS B 384 -12.26 16.30 -59.57
CA LYS B 384 -12.96 15.17 -60.17
C LYS B 384 -14.48 15.17 -59.96
N GLU B 385 -15.02 13.97 -60.03
CA GLU B 385 -16.37 13.49 -60.14
C GLU B 385 -16.44 12.40 -61.21
N GLY B 386 -17.36 11.45 -61.10
CA GLY B 386 -17.57 10.42 -62.09
C GLY B 386 -16.40 9.50 -62.35
N GLN B 387 -15.30 9.66 -61.66
CA GLN B 387 -14.08 8.89 -61.79
C GLN B 387 -13.81 8.09 -60.51
N PRO B 388 -13.57 6.79 -60.67
CA PRO B 388 -13.53 5.85 -59.55
C PRO B 388 -12.47 6.18 -58.51
N GLY B 389 -12.80 5.88 -57.27
CA GLY B 389 -11.96 6.15 -56.12
C GLY B 389 -12.33 7.49 -55.51
N ALA B 390 -12.83 8.37 -56.37
CA ALA B 390 -13.27 9.71 -56.03
C ALA B 390 -14.41 9.70 -55.00
N ALA B 391 -15.05 8.56 -54.84
CA ALA B 391 -16.09 8.40 -53.84
C ALA B 391 -15.52 7.73 -52.59
N ARG B 392 -15.30 8.54 -51.54
CA ARG B 392 -14.72 7.93 -50.34
C ARG B 392 -15.80 7.63 -49.30
N GLY B 393 -16.80 8.50 -49.26
CA GLY B 393 -17.96 8.41 -48.40
C GLY B 393 -19.14 9.11 -49.06
N ASP B 394 -20.13 9.59 -48.29
CA ASP B 394 -21.20 10.30 -48.99
C ASP B 394 -21.62 11.59 -48.30
N CYS B 395 -20.68 12.34 -47.74
CA CYS B 395 -21.03 13.64 -47.17
C CYS B 395 -20.70 14.75 -48.18
N PRO B 396 -21.61 15.71 -48.19
CA PRO B 396 -21.55 16.91 -49.02
C PRO B 396 -20.12 17.44 -49.15
N THR B 397 -19.67 17.61 -50.39
CA THR B 397 -18.28 17.97 -50.62
C THR B 397 -17.86 19.33 -50.07
N ASP B 398 -18.70 20.07 -49.35
CA ASP B 398 -18.15 21.33 -48.86
C ASP B 398 -17.85 21.22 -47.36
N SER B 399 -18.39 20.18 -46.75
CA SER B 399 -18.19 19.90 -45.34
C SER B 399 -16.72 19.80 -44.97
N GLY B 400 -16.45 19.42 -43.72
CA GLY B 400 -15.11 19.19 -43.24
C GLY B 400 -14.40 20.46 -42.85
N VAL B 401 -14.98 21.57 -43.29
CA VAL B 401 -14.51 22.90 -42.96
C VAL B 401 -14.35 23.00 -41.44
N PRO B 402 -13.07 22.93 -41.07
CA PRO B 402 -12.61 22.90 -39.68
C PRO B 402 -13.39 23.79 -38.74
N ALA B 403 -13.26 25.11 -38.87
CA ALA B 403 -13.89 26.03 -37.94
C ALA B 403 -15.41 25.90 -37.97
N GLU B 404 -15.90 25.40 -39.10
CA GLU B 404 -17.32 25.16 -39.29
C GLU B 404 -17.81 23.99 -38.44
N VAL B 405 -17.09 22.87 -38.56
CA VAL B 405 -17.49 21.63 -37.91
C VAL B 405 -17.36 21.69 -36.40
N GLU B 406 -16.39 22.42 -35.86
CA GLU B 406 -16.31 22.53 -34.41
C GLU B 406 -17.56 23.25 -33.86
N ALA B 407 -18.11 24.14 -34.66
CA ALA B 407 -19.26 24.96 -34.30
C ALA B 407 -20.50 24.12 -34.04
N GLN B 408 -20.86 23.36 -35.07
CA GLN B 408 -22.08 22.56 -35.13
C GLN B 408 -21.98 21.29 -34.31
N PHE B 409 -20.88 20.55 -34.43
CA PHE B 409 -20.75 19.26 -33.75
C PHE B 409 -19.58 19.23 -32.77
N PRO B 410 -19.63 20.01 -31.69
CA PRO B 410 -18.53 19.98 -30.72
C PRO B 410 -18.69 18.87 -29.69
N ASP B 411 -19.93 18.63 -29.30
CA ASP B 411 -20.17 17.68 -28.20
C ASP B 411 -19.98 16.24 -28.67
N ALA B 412 -19.82 16.07 -29.98
CA ALA B 412 -19.57 14.77 -30.56
C ALA B 412 -18.42 14.05 -29.86
N GLN B 413 -18.27 12.77 -30.19
CA GLN B 413 -17.28 11.95 -29.52
C GLN B 413 -17.14 10.53 -30.09
N VAL B 414 -16.03 9.92 -29.71
CA VAL B 414 -15.71 8.52 -29.94
C VAL B 414 -15.28 7.92 -28.61
N VAL B 415 -15.72 6.70 -28.29
CA VAL B 415 -15.21 6.05 -27.09
C VAL B 415 -14.49 4.75 -27.48
N TRP B 416 -13.28 4.58 -26.96
CA TRP B 416 -12.53 3.36 -27.24
C TRP B 416 -12.41 2.51 -25.97
N SER B 417 -12.70 1.22 -26.12
CA SER B 417 -12.74 0.32 -24.97
C SER B 417 -12.37 -1.10 -25.38
N ASN B 418 -12.24 -1.96 -24.38
CA ASN B 418 -12.11 -3.40 -24.57
C ASN B 418 -11.07 -3.76 -25.62
N ILE B 419 -9.85 -3.30 -25.40
CA ILE B 419 -8.77 -3.58 -26.36
C ILE B 419 -8.08 -4.91 -26.08
N ARG B 420 -7.89 -5.68 -27.14
CA ARG B 420 -7.17 -6.93 -27.10
C ARG B 420 -6.15 -7.02 -28.24
N PHE B 421 -5.13 -7.82 -28.02
CA PHE B 421 -4.02 -8.12 -28.90
C PHE B 421 -3.62 -9.58 -28.69
N GLY B 422 -3.15 -10.25 -29.74
CA GLY B 422 -2.72 -11.63 -29.65
C GLY B 422 -2.49 -12.31 -30.99
N PRO B 423 -2.06 -13.57 -30.90
CA PRO B 423 -1.89 -14.40 -32.10
C PRO B 423 -3.19 -14.39 -32.91
N ILE B 424 -3.08 -14.39 -34.23
CA ILE B 424 -4.25 -14.30 -35.10
C ILE B 424 -5.31 -15.32 -34.68
N GLY B 425 -6.35 -14.84 -34.00
CA GLY B 425 -7.44 -15.66 -33.54
C GLY B 425 -7.61 -15.74 -32.04
N SER B 426 -6.90 -14.95 -31.24
CA SER B 426 -6.96 -15.05 -29.79
C SER B 426 -7.94 -14.05 -29.18
N THR B 427 -7.97 -12.87 -29.78
CA THR B 427 -8.96 -11.88 -29.35
C THR B 427 -10.37 -12.44 -29.55
N TYR B 428 -10.60 -12.98 -30.74
CA TYR B 428 -11.93 -13.45 -31.11
C TYR B 428 -11.86 -14.67 -32.03
N ASP B 429 -12.68 -15.66 -31.68
CA ASP B 429 -12.72 -16.91 -32.41
C ASP B 429 -13.73 -16.85 -33.57
N PHE B 430 -13.16 -16.57 -34.73
CA PHE B 430 -13.69 -16.49 -36.06
C PHE B 430 -12.53 -16.74 -37.04
N PCA C 1 -26.83 35.39 -11.81
CA PCA C 1 -26.73 35.12 -13.24
CB PCA C 1 -25.23 35.20 -13.48
CG PCA C 1 -24.60 34.80 -12.21
CD PCA C 1 -25.62 34.89 -11.12
OE PCA C 1 -25.36 35.02 -9.93
C PCA C 1 -27.26 33.74 -13.62
O PCA C 1 -28.02 33.13 -12.87
N ARG C 2 -26.81 33.26 -14.77
CA ARG C 2 -27.13 31.95 -15.31
C ARG C 2 -25.91 31.06 -15.43
N ALA C 3 -26.13 29.80 -15.79
CA ALA C 3 -25.01 28.89 -15.99
C ALA C 3 -24.81 28.61 -17.47
N GLY C 4 -23.53 28.53 -17.84
CA GLY C 4 -23.18 28.34 -19.23
C GLY C 4 -22.77 26.91 -19.55
N ASN C 5 -22.35 26.75 -20.80
CA ASN C 5 -21.89 25.54 -21.44
C ASN C 5 -20.62 25.80 -22.25
N GLU C 6 -20.07 27.00 -22.07
CA GLU C 6 -18.84 27.35 -22.79
C GLU C 6 -17.64 26.80 -22.04
N THR C 7 -17.90 26.17 -20.89
CA THR C 7 -16.93 25.45 -20.08
C THR C 7 -17.63 24.46 -19.14
N PRO C 8 -17.55 23.18 -19.46
CA PRO C 8 -18.14 22.14 -18.63
C PRO C 8 -17.53 22.07 -17.23
N GLU C 9 -18.43 21.94 -16.26
CA GLU C 9 -18.12 21.86 -14.85
C GLU C 9 -18.14 20.43 -14.31
N ASN C 10 -17.10 20.01 -13.62
CA ASN C 10 -17.15 18.70 -12.95
C ASN C 10 -16.36 18.74 -11.65
N HIS C 11 -17.12 18.59 -10.57
CA HIS C 11 -16.63 18.68 -9.21
C HIS C 11 -15.86 17.44 -8.80
N PRO C 12 -14.63 17.66 -8.35
CA PRO C 12 -13.81 16.58 -7.80
C PRO C 12 -14.57 15.82 -6.73
N PRO C 13 -14.91 14.57 -7.03
CA PRO C 13 -15.60 13.72 -6.06
C PRO C 13 -14.75 13.39 -4.83
N LEU C 14 -15.10 14.01 -3.70
CA LEU C 14 -14.42 13.77 -2.43
C LEU C 14 -15.34 13.18 -1.36
N THR C 15 -14.79 12.21 -0.66
CA THR C 15 -15.44 11.44 0.38
C THR C 15 -15.03 11.82 1.80
N TRP C 16 -15.97 11.65 2.71
CA TRP C 16 -15.82 11.74 4.14
C TRP C 16 -16.50 10.52 4.76
N GLN C 17 -16.65 10.41 6.08
CA GLN C 17 -17.42 9.25 6.57
C GLN C 17 -18.30 9.64 7.75
N ARG C 18 -19.30 8.82 8.04
CA ARG C 18 -20.30 9.16 9.05
C ARG C 18 -20.37 8.14 10.17
N CYS C 19 -20.17 8.59 11.41
CA CYS C 19 -20.08 7.64 12.51
C CYS C 19 -21.23 7.73 13.50
N THR C 20 -21.60 6.59 14.06
CA THR C 20 -22.54 6.39 15.13
C THR C 20 -21.83 6.49 16.49
N ALA C 21 -20.76 5.72 16.61
CA ALA C 21 -19.87 5.64 17.75
C ALA C 21 -18.44 5.43 17.25
N PRO C 22 -17.42 5.50 18.09
CA PRO C 22 -16.07 5.21 17.59
C PRO C 22 -16.03 3.79 17.01
N GLY C 23 -15.25 3.64 15.94
CA GLY C 23 -15.07 2.40 15.24
C GLY C 23 -16.33 1.98 14.49
N ASN C 24 -17.25 2.91 14.38
CA ASN C 24 -18.53 2.85 13.71
C ASN C 24 -18.73 4.11 12.86
N CYS C 25 -18.39 4.04 11.58
CA CYS C 25 -18.61 5.14 10.66
C CYS C 25 -19.27 4.58 9.39
N GLN C 26 -19.47 5.41 8.37
CA GLN C 26 -20.07 4.92 7.14
C GLN C 26 -19.47 5.66 5.95
N THR C 27 -19.07 4.91 4.92
CA THR C 27 -18.50 5.63 3.78
C THR C 27 -19.62 6.30 2.99
N VAL C 28 -19.59 7.62 3.05
CA VAL C 28 -20.54 8.51 2.41
C VAL C 28 -19.85 9.33 1.33
N ASN C 29 -19.91 8.82 0.11
CA ASN C 29 -19.28 9.40 -1.07
C ASN C 29 -19.97 10.70 -1.52
N ALA C 30 -19.23 11.80 -1.47
CA ALA C 30 -19.79 13.10 -1.84
C ALA C 30 -18.79 13.87 -2.70
N GLU C 31 -19.05 15.14 -2.98
CA GLU C 31 -18.09 15.96 -3.69
C GLU C 31 -18.12 17.41 -3.18
N VAL C 32 -16.98 18.07 -3.32
CA VAL C 32 -16.79 19.45 -2.91
C VAL C 32 -16.70 20.37 -4.11
N VAL C 33 -16.77 21.68 -3.89
CA VAL C 33 -16.94 22.57 -5.04
C VAL C 33 -16.35 23.96 -4.84
N ILE C 34 -15.77 24.52 -5.89
CA ILE C 34 -15.20 25.84 -5.89
C ILE C 34 -16.27 26.92 -6.11
N ASP C 35 -15.98 28.05 -5.49
CA ASP C 35 -16.68 29.29 -5.45
C ASP C 35 -16.76 30.04 -6.79
N ALA C 36 -17.99 30.40 -7.11
CA ALA C 36 -18.44 31.08 -8.30
C ALA C 36 -17.47 32.16 -8.77
N ASN C 37 -16.98 32.98 -7.86
CA ASN C 37 -16.14 34.14 -8.13
C ASN C 37 -14.81 33.83 -8.82
N TRP C 38 -14.54 32.58 -9.09
CA TRP C 38 -13.46 31.99 -9.85
C TRP C 38 -13.97 31.52 -11.22
N ARG C 39 -15.27 31.25 -11.32
CA ARG C 39 -15.92 30.89 -12.57
C ARG C 39 -15.82 32.00 -13.61
N TRP C 40 -16.02 31.66 -14.89
CA TRP C 40 -15.99 32.65 -15.96
C TRP C 40 -17.37 33.26 -16.17
N LEU C 41 -17.41 34.59 -16.28
CA LEU C 41 -18.64 35.34 -16.50
C LEU C 41 -18.65 36.00 -17.87
N HIS C 42 -19.60 35.70 -18.75
CA HIS C 42 -19.63 36.40 -20.02
C HIS C 42 -21.00 36.45 -20.67
N ASP C 43 -21.27 37.54 -21.39
CA ASP C 43 -22.55 37.69 -22.08
C ASP C 43 -22.87 36.50 -22.98
N ASP C 44 -24.00 36.61 -23.66
CA ASP C 44 -24.51 35.60 -24.57
C ASP C 44 -23.68 35.52 -25.84
N ASN C 45 -23.16 36.68 -26.27
CA ASN C 45 -22.28 36.70 -27.43
C ASN C 45 -20.99 35.92 -27.13
N MET C 46 -20.35 36.23 -26.04
CA MET C 46 -19.22 35.61 -25.37
C MET C 46 -18.20 36.61 -24.83
N GLN C 47 -18.48 37.89 -24.70
CA GLN C 47 -17.47 38.80 -24.14
C GLN C 47 -17.55 38.86 -22.62
N ASN C 48 -16.48 39.35 -21.99
CA ASN C 48 -16.29 39.44 -20.56
C ASN C 48 -17.13 40.51 -19.86
N CYS C 49 -17.84 40.11 -18.79
CA CYS C 49 -18.46 41.09 -17.91
C CYS C 49 -17.48 41.46 -16.80
N TYR C 50 -16.34 40.77 -16.74
CA TYR C 50 -15.29 41.03 -15.77
C TYR C 50 -13.90 40.67 -16.30
N ASP C 51 -13.02 41.66 -16.27
CA ASP C 51 -11.62 41.55 -16.65
C ASP C 51 -10.81 42.63 -15.93
N GLY C 52 -10.10 42.25 -14.88
CA GLY C 52 -9.36 43.22 -14.08
C GLY C 52 -10.08 43.56 -12.79
N ASN C 53 -10.13 44.84 -12.43
CA ASN C 53 -10.85 45.23 -11.22
C ASN C 53 -12.10 46.03 -11.54
N GLN C 54 -12.80 45.67 -12.61
CA GLN C 54 -14.07 46.33 -12.93
C GLN C 54 -14.88 45.49 -13.91
N TRP C 55 -16.17 45.78 -13.92
CA TRP C 55 -17.15 45.21 -14.83
C TRP C 55 -17.02 45.81 -16.22
N THR C 56 -17.77 45.29 -17.18
CA THR C 56 -17.63 45.78 -18.55
C THR C 56 -18.90 46.47 -19.04
N ASN C 57 -18.83 47.11 -20.20
CA ASN C 57 -19.98 47.77 -20.79
C ASN C 57 -20.97 46.74 -21.33
N ALA C 58 -20.60 45.47 -21.29
CA ALA C 58 -21.47 44.35 -21.63
C ALA C 58 -22.59 44.19 -20.62
N CYS C 59 -22.50 44.90 -19.51
CA CYS C 59 -23.42 44.79 -18.38
C CYS C 59 -24.01 46.14 -17.96
N SER C 60 -25.24 46.13 -17.49
CA SER C 60 -26.07 47.31 -17.29
C SER C 60 -26.49 47.55 -15.85
N THR C 61 -27.52 46.85 -15.37
CA THR C 61 -28.10 47.10 -14.05
C THR C 61 -27.89 45.92 -13.09
N ALA C 62 -28.34 46.07 -11.85
CA ALA C 62 -28.17 45.08 -10.79
C ALA C 62 -29.00 43.82 -11.04
N THR C 63 -30.03 43.99 -11.88
CA THR C 63 -30.89 42.89 -12.27
C THR C 63 -30.59 42.40 -13.68
N ASP C 64 -30.70 43.31 -14.64
CA ASP C 64 -30.49 43.03 -16.06
C ASP C 64 -29.28 42.15 -16.29
N CYS C 65 -28.19 42.40 -15.56
CA CYS C 65 -27.01 41.57 -15.69
C CYS C 65 -27.33 40.10 -15.41
N ALA C 66 -28.13 39.88 -14.38
CA ALA C 66 -28.51 38.55 -13.90
C ALA C 66 -28.87 37.61 -15.05
N GLU C 67 -29.51 38.16 -16.07
CA GLU C 67 -29.93 37.39 -17.24
C GLU C 67 -29.02 37.63 -18.43
N LYS C 68 -28.02 38.48 -18.23
CA LYS C 68 -27.07 38.81 -19.28
C LYS C 68 -25.81 37.96 -19.13
N CYS C 69 -25.22 38.02 -17.94
CA CYS C 69 -23.99 37.29 -17.70
C CYS C 69 -24.23 35.98 -16.96
N MET C 70 -23.34 35.02 -17.22
CA MET C 70 -23.43 33.71 -16.59
C MET C 70 -22.06 33.29 -16.08
N ILE C 71 -22.00 32.20 -15.33
CA ILE C 71 -20.70 31.76 -14.80
C ILE C 71 -20.37 30.37 -15.31
N GLU C 72 -19.32 30.27 -16.11
CA GLU C 72 -18.96 29.06 -16.84
C GLU C 72 -18.14 28.11 -16.00
N GLY C 73 -18.27 26.81 -16.28
CA GLY C 73 -17.58 25.76 -15.55
C GLY C 73 -16.12 26.05 -15.31
N ALA C 74 -15.44 25.18 -14.56
CA ALA C 74 -14.02 25.45 -14.35
C ALA C 74 -13.15 24.85 -15.44
N GLY C 75 -13.46 23.62 -15.84
CA GLY C 75 -12.61 22.83 -16.72
C GLY C 75 -11.55 22.08 -15.93
N ASP C 76 -10.28 22.29 -16.25
CA ASP C 76 -9.22 21.66 -15.47
C ASP C 76 -9.10 22.28 -14.09
N TYR C 77 -9.76 21.72 -13.09
CA TYR C 77 -9.79 22.23 -11.72
C TYR C 77 -8.38 22.36 -11.13
N LEU C 78 -7.44 21.61 -11.69
CA LEU C 78 -6.04 21.68 -11.33
C LEU C 78 -5.39 22.93 -11.91
N GLY C 79 -4.67 22.76 -13.01
CA GLY C 79 -3.84 23.69 -13.70
C GLY C 79 -4.12 25.15 -13.54
N THR C 80 -5.37 25.55 -13.36
CA THR C 80 -5.67 26.96 -13.16
C THR C 80 -5.57 27.39 -11.69
N TYR C 81 -6.12 26.57 -10.82
CA TYR C 81 -6.39 26.75 -9.42
C TYR C 81 -5.48 25.95 -8.51
N GLY C 82 -5.11 24.73 -8.92
CA GLY C 82 -4.17 23.92 -8.17
C GLY C 82 -4.84 23.08 -7.11
N ALA C 83 -6.15 22.90 -7.29
CA ALA C 83 -6.94 22.09 -6.37
C ALA C 83 -7.20 20.71 -6.95
N SER C 84 -7.01 19.70 -6.11
CA SER C 84 -7.18 18.32 -6.57
C SER C 84 -7.82 17.44 -5.50
N THR C 85 -8.05 16.18 -5.84
CA THR C 85 -8.82 15.23 -5.05
C THR C 85 -8.26 13.82 -5.13
N SER C 86 -8.20 13.17 -3.98
CA SER C 86 -7.66 11.85 -3.80
C SER C 86 -8.38 11.08 -2.69
N GLY C 87 -9.38 10.31 -3.10
CA GLY C 87 -10.20 9.52 -2.21
C GLY C 87 -10.71 10.30 -1.01
N ASP C 88 -9.89 10.30 0.04
CA ASP C 88 -10.11 10.82 1.37
C ASP C 88 -9.71 12.27 1.54
N ALA C 89 -9.10 12.89 0.53
CA ALA C 89 -8.53 14.20 0.87
C ALA C 89 -8.64 15.26 -0.22
N LEU C 90 -8.97 16.49 0.20
CA LEU C 90 -8.89 17.61 -0.71
C LEU C 90 -7.62 18.41 -0.42
N THR C 91 -6.89 18.72 -1.49
CA THR C 91 -5.64 19.44 -1.45
C THR C 91 -5.73 20.80 -2.14
N LEU C 92 -5.08 21.80 -1.56
CA LEU C 92 -5.06 23.16 -2.09
C LEU C 92 -3.67 23.68 -2.43
N LYS C 93 -3.31 23.63 -3.71
CA LYS C 93 -2.06 24.30 -4.07
C LYS C 93 -2.30 25.80 -3.88
N PHE C 94 -1.38 26.46 -3.20
CA PHE C 94 -1.56 27.90 -2.99
C PHE C 94 -1.80 28.64 -4.31
N VAL C 95 -0.71 29.11 -4.90
CA VAL C 95 -0.67 29.76 -6.19
C VAL C 95 -0.37 28.78 -7.32
N THR C 96 -1.04 28.93 -8.45
CA THR C 96 -0.60 28.24 -9.67
C THR C 96 -0.53 29.23 -10.82
N LYS C 97 0.36 28.95 -11.78
CA LYS C 97 0.43 29.74 -13.00
C LYS C 97 0.23 28.79 -14.20
N HIS C 98 -0.60 29.24 -15.13
CA HIS C 98 -0.75 28.42 -16.33
C HIS C 98 -0.74 29.36 -17.53
N GLU C 99 -0.91 28.85 -18.74
CA GLU C 99 -0.90 29.68 -19.94
C GLU C 99 -1.82 30.88 -19.82
N TYR C 100 -2.88 30.83 -19.01
CA TYR C 100 -3.81 31.94 -18.93
C TYR C 100 -4.13 32.41 -17.52
N GLY C 101 -3.28 32.23 -16.50
CA GLY C 101 -3.65 32.84 -15.24
C GLY C 101 -2.98 32.49 -13.95
N THR C 102 -2.26 33.45 -13.37
CA THR C 102 -1.72 33.29 -12.02
C THR C 102 -2.81 33.28 -10.96
N ASN C 103 -3.09 32.11 -10.37
CA ASN C 103 -4.12 32.02 -9.35
C ASN C 103 -3.52 31.72 -7.97
N VAL C 104 -3.99 32.51 -7.02
CA VAL C 104 -3.69 32.54 -5.61
C VAL C 104 -4.86 32.03 -4.77
N GLY C 105 -4.69 30.89 -4.11
CA GLY C 105 -5.77 30.31 -3.33
C GLY C 105 -7.02 30.02 -4.15
N SER C 106 -7.94 29.29 -3.52
CA SER C 106 -9.23 28.87 -4.03
C SER C 106 -10.21 28.68 -2.89
N ARG C 107 -11.50 28.59 -3.21
CA ARG C 107 -12.52 28.39 -2.17
C ARG C 107 -13.47 27.26 -2.52
N PHE C 108 -13.44 26.21 -1.70
CA PHE C 108 -14.35 25.10 -2.00
C PHE C 108 -15.40 24.95 -0.91
N TYR C 109 -16.47 24.23 -1.23
CA TYR C 109 -17.56 23.97 -0.31
C TYR C 109 -17.88 22.48 -0.31
N LEU C 110 -18.35 21.97 0.84
CA LEU C 110 -18.83 20.58 0.79
C LEU C 110 -20.13 20.59 0.02
N MET C 111 -20.77 19.44 -0.15
CA MET C 111 -21.93 19.36 -1.01
C MET C 111 -22.76 18.11 -0.78
N ASN C 112 -23.86 18.02 -1.51
CA ASN C 112 -24.71 16.85 -1.57
C ASN C 112 -25.17 16.62 -3.02
N GLY C 113 -24.36 15.85 -3.74
CA GLY C 113 -24.56 15.54 -5.14
C GLY C 113 -23.85 16.54 -6.01
N PRO C 114 -24.17 16.61 -7.29
CA PRO C 114 -23.51 17.62 -8.13
C PRO C 114 -24.19 18.97 -7.89
N ASP C 115 -25.28 18.93 -7.12
CA ASP C 115 -26.07 20.16 -7.05
C ASP C 115 -25.94 20.90 -5.73
N LYS C 116 -26.74 20.51 -4.75
CA LYS C 116 -26.80 21.23 -3.50
C LYS C 116 -25.65 20.89 -2.55
N TYR C 117 -25.54 21.71 -1.52
CA TYR C 117 -24.58 21.60 -0.44
C TYR C 117 -25.12 20.73 0.69
N GLN C 118 -24.31 19.79 1.19
CA GLN C 118 -24.79 19.13 2.41
C GLN C 118 -24.70 20.08 3.59
N MET C 119 -25.64 19.99 4.53
CA MET C 119 -25.55 20.96 5.63
C MET C 119 -25.24 20.26 6.94
N PHE C 120 -24.41 20.86 7.79
CA PHE C 120 -24.13 20.18 9.04
C PHE C 120 -24.78 20.93 10.20
N ASN C 121 -25.42 20.13 11.06
CA ASN C 121 -25.98 20.64 12.30
C ASN C 121 -25.01 20.27 13.42
N LEU C 122 -24.40 21.28 14.01
CA LEU C 122 -23.28 21.28 14.92
C LEU C 122 -23.67 21.01 16.37
N MET C 123 -24.68 21.73 16.83
CA MET C 123 -25.12 21.63 18.21
C MET C 123 -25.37 20.16 18.59
N GLY C 124 -24.63 19.75 19.60
CA GLY C 124 -24.54 18.44 20.16
C GLY C 124 -23.65 17.53 19.35
N ASN C 125 -22.80 18.06 18.46
CA ASN C 125 -22.01 17.14 17.64
C ASN C 125 -20.55 17.54 17.55
N GLU C 126 -19.75 16.69 16.90
CA GLU C 126 -18.34 17.10 16.73
C GLU C 126 -17.90 16.96 15.27
N LEU C 127 -16.75 17.54 14.99
CA LEU C 127 -16.08 17.44 13.70
C LEU C 127 -14.70 16.82 13.91
N ALA C 128 -13.94 16.66 12.83
CA ALA C 128 -12.58 16.12 12.85
C ALA C 128 -11.99 16.06 11.44
N PHE C 129 -10.70 16.38 11.37
CA PHE C 129 -10.00 16.28 10.09
C PHE C 129 -8.50 16.11 10.31
N ASP C 130 -7.84 15.38 9.43
CA ASP C 130 -6.37 15.33 9.54
C ASP C 130 -5.85 16.50 8.73
N VAL C 131 -4.64 17.01 8.96
CA VAL C 131 -4.28 18.17 8.13
C VAL C 131 -2.76 18.37 8.06
N ASP C 132 -2.31 18.66 6.86
CA ASP C 132 -0.94 19.00 6.52
C ASP C 132 -0.90 20.49 6.15
N LEU C 133 -0.15 21.25 6.94
CA LEU C 133 -0.04 22.68 6.67
C LEU C 133 1.31 23.24 7.10
N SER C 134 2.34 22.40 7.15
CA SER C 134 3.67 22.92 7.46
C SER C 134 4.11 23.90 6.36
N THR C 135 3.87 23.50 5.12
CA THR C 135 4.32 24.32 3.99
C THR C 135 3.53 25.62 3.90
N VAL C 136 2.43 25.71 4.67
CA VAL C 136 1.73 26.98 4.77
C VAL C 136 2.54 27.90 5.67
N GLU C 137 3.04 29.00 5.13
CA GLU C 137 3.92 29.85 5.95
C GLU C 137 3.19 31.12 6.36
N CYS C 138 3.92 32.04 6.96
CA CYS C 138 3.33 33.28 7.45
C CYS C 138 2.53 33.98 6.36
N GLY C 139 1.44 34.62 6.78
CA GLY C 139 0.66 35.39 5.81
C GLY C 139 -0.12 34.52 4.86
N ILE C 140 -0.10 33.20 5.08
CA ILE C 140 -0.93 32.35 4.23
C ILE C 140 -2.05 31.76 5.07
N ASN C 141 -3.26 31.62 4.52
CA ASN C 141 -4.29 31.01 5.36
C ASN C 141 -4.88 29.74 4.75
N SER C 142 -4.58 28.66 5.44
CA SER C 142 -5.08 27.31 5.23
C SER C 142 -6.18 27.08 6.29
N ALA C 143 -7.37 27.57 5.94
CA ALA C 143 -8.49 27.42 6.84
C ALA C 143 -9.61 26.58 6.23
N LEU C 144 -10.52 26.25 7.12
CA LEU C 144 -11.70 25.44 7.11
C LEU C 144 -12.74 26.10 8.02
N TYR C 145 -14.03 25.87 7.74
CA TYR C 145 -15.01 26.54 8.60
C TYR C 145 -16.42 26.09 8.23
N PHE C 146 -17.31 26.69 8.98
CA PHE C 146 -18.75 26.53 8.97
C PHE C 146 -19.44 27.88 8.77
N VAL C 147 -19.89 28.11 7.54
CA VAL C 147 -20.79 29.21 7.23
C VAL C 147 -22.13 28.63 6.80
N ALA C 148 -23.16 29.03 7.53
CA ALA C 148 -24.54 28.66 7.33
C ALA C 148 -25.13 29.32 6.09
N MET C 149 -24.73 28.82 4.93
CA MET C 149 -25.23 29.28 3.63
C MET C 149 -26.46 28.46 3.25
N GLU C 150 -26.90 28.54 2.00
CA GLU C 150 -28.05 27.78 1.53
C GLU C 150 -27.62 26.46 0.89
N GLU C 151 -28.58 25.54 0.88
CA GLU C 151 -28.40 24.20 0.37
C GLU C 151 -28.22 24.16 -1.14
N ASP C 152 -28.98 24.97 -1.86
CA ASP C 152 -28.95 24.96 -3.32
C ASP C 152 -28.13 26.09 -3.89
N GLY C 153 -27.38 26.80 -3.06
CA GLY C 153 -26.57 27.91 -3.58
C GLY C 153 -27.36 29.20 -3.59
N GLY C 154 -28.58 29.11 -3.06
CA GLY C 154 -29.50 30.22 -3.04
C GLY C 154 -30.28 30.33 -4.34
N MET C 155 -30.35 29.25 -5.09
CA MET C 155 -31.02 29.16 -6.38
C MET C 155 -32.53 29.27 -6.26
N ALA C 156 -33.05 28.91 -5.09
CA ALA C 156 -34.47 28.98 -4.77
C ALA C 156 -34.79 30.25 -3.98
N SER C 157 -33.83 30.66 -3.14
CA SER C 157 -33.98 31.84 -2.31
C SER C 157 -34.21 33.08 -3.14
N TYR C 158 -33.34 33.24 -4.14
CA TYR C 158 -33.40 34.39 -5.04
C TYR C 158 -33.61 33.92 -6.48
N PRO C 159 -34.86 33.99 -6.87
CA PRO C 159 -35.38 33.59 -8.18
C PRO C 159 -34.41 33.71 -9.33
N SER C 160 -33.59 34.76 -9.37
CA SER C 160 -32.69 34.99 -10.49
C SER C 160 -31.41 34.16 -10.40
N ASN C 161 -31.52 33.03 -9.74
CA ASN C 161 -30.48 32.04 -9.58
C ASN C 161 -30.96 30.74 -10.21
N GLN C 162 -30.30 30.34 -11.29
CA GLN C 162 -30.54 29.09 -11.98
C GLN C 162 -29.18 28.40 -12.26
N ALA C 163 -28.47 28.20 -11.16
CA ALA C 163 -27.13 27.66 -11.10
C ALA C 163 -26.89 27.06 -9.72
N GLY C 164 -27.15 27.93 -8.74
CA GLY C 164 -27.02 27.61 -7.34
C GLY C 164 -25.77 26.81 -7.03
N ALA C 165 -25.77 26.17 -5.88
CA ALA C 165 -24.75 25.36 -5.27
C ALA C 165 -23.82 24.66 -6.25
N ARG C 166 -24.35 24.19 -7.37
CA ARG C 166 -23.58 23.53 -8.40
C ARG C 166 -22.26 24.23 -8.70
N TYR C 167 -22.38 25.53 -8.94
CA TYR C 167 -21.27 26.39 -9.32
C TYR C 167 -20.90 27.33 -8.18
N GLY C 168 -21.03 26.79 -6.97
CA GLY C 168 -20.69 27.39 -5.71
C GLY C 168 -21.26 28.77 -5.48
N THR C 169 -22.57 28.95 -5.57
CA THR C 169 -23.13 30.28 -5.32
C THR C 169 -23.58 30.41 -3.86
N GLY C 170 -23.74 31.66 -3.42
CA GLY C 170 -24.30 31.98 -2.15
C GLY C 170 -23.42 31.92 -0.93
N TYR C 171 -22.10 31.87 -1.05
CA TYR C 171 -21.24 31.95 0.13
C TYR C 171 -21.62 33.24 0.87
N CYS C 172 -21.48 33.18 2.18
CA CYS C 172 -21.72 34.21 3.18
C CYS C 172 -20.84 33.93 4.38
N ASP C 173 -20.82 34.80 5.38
CA ASP C 173 -20.09 34.45 6.60
C ASP C 173 -20.51 35.39 7.73
N ALA C 174 -19.55 35.91 8.50
CA ALA C 174 -19.86 36.87 9.56
C ALA C 174 -19.21 38.22 9.31
N GLN C 175 -19.03 38.57 8.04
CA GLN C 175 -18.45 39.86 7.69
C GLN C 175 -19.15 40.44 6.47
N CYS C 176 -19.98 39.63 5.82
CA CYS C 176 -20.66 39.98 4.58
C CYS C 176 -19.69 40.01 3.42
N ALA C 177 -19.47 38.86 2.79
CA ALA C 177 -18.57 38.78 1.65
C ALA C 177 -19.11 39.59 0.48
N ARG C 178 -19.09 40.90 0.62
CA ARG C 178 -19.51 41.87 -0.38
C ARG C 178 -18.47 42.05 -1.47
N ASP C 179 -17.46 41.19 -1.45
CA ASP C 179 -16.41 41.27 -2.48
C ASP C 179 -16.92 40.67 -3.79
N LEU C 180 -17.76 39.67 -3.68
CA LEU C 180 -18.39 38.87 -4.72
C LEU C 180 -18.92 39.70 -5.87
N LYS C 181 -19.27 39.05 -6.98
CA LYS C 181 -19.83 39.81 -8.09
C LYS C 181 -21.34 39.67 -8.18
N PHE C 182 -21.87 38.66 -7.48
CA PHE C 182 -23.30 38.38 -7.38
C PHE C 182 -23.58 37.91 -5.95
N VAL C 183 -24.58 38.48 -5.29
CA VAL C 183 -25.10 38.18 -3.96
C VAL C 183 -26.61 38.05 -4.01
N GLY C 184 -27.13 36.95 -3.45
CA GLY C 184 -28.54 36.64 -3.64
C GLY C 184 -28.87 36.57 -5.13
N GLY C 185 -27.90 36.17 -5.94
CA GLY C 185 -27.98 36.18 -7.38
C GLY C 185 -27.82 37.58 -7.96
N LYS C 186 -27.75 38.57 -7.07
CA LYS C 186 -27.73 39.97 -7.48
C LYS C 186 -26.32 40.49 -7.68
N ALA C 187 -26.13 41.28 -8.75
CA ALA C 187 -24.79 41.76 -9.05
C ALA C 187 -24.39 42.91 -8.14
N ASN C 188 -23.09 43.04 -7.88
CA ASN C 188 -22.55 44.11 -7.07
C ASN C 188 -21.90 45.16 -7.96
N ILE C 189 -22.34 45.16 -9.22
CA ILE C 189 -21.76 46.01 -10.25
C ILE C 189 -21.92 47.49 -9.92
N GLU C 190 -23.07 47.89 -9.40
CA GLU C 190 -23.35 49.31 -9.13
C GLU C 190 -22.23 49.97 -8.33
N GLY C 191 -21.61 50.98 -8.92
CA GLY C 191 -20.55 51.79 -8.35
C GLY C 191 -19.51 50.99 -7.57
N TRP C 192 -19.25 49.78 -8.00
CA TRP C 192 -18.33 48.82 -7.44
C TRP C 192 -17.06 49.49 -6.93
N LYS C 193 -16.57 48.95 -5.82
CA LYS C 193 -15.32 49.32 -5.21
C LYS C 193 -14.15 48.82 -6.07
N SER C 194 -13.51 49.70 -6.83
CA SER C 194 -12.27 49.32 -7.51
C SER C 194 -11.31 48.70 -6.51
N SER C 195 -10.66 47.58 -6.84
CA SER C 195 -9.70 47.08 -5.85
C SER C 195 -8.29 47.56 -6.23
N THR C 196 -7.79 48.49 -5.43
CA THR C 196 -6.48 49.06 -5.63
C THR C 196 -5.43 47.97 -5.81
N SER C 197 -5.47 47.01 -4.90
CA SER C 197 -4.51 45.92 -4.79
C SER C 197 -4.80 44.77 -5.74
N ASP C 198 -5.59 43.79 -5.27
CA ASP C 198 -5.93 42.63 -6.06
C ASP C 198 -6.39 42.97 -7.48
N PRO C 199 -5.79 42.29 -8.45
CA PRO C 199 -6.05 42.54 -9.87
C PRO C 199 -7.18 41.67 -10.42
N ASN C 200 -8.19 41.43 -9.60
CA ASN C 200 -9.38 40.72 -10.03
C ASN C 200 -10.42 40.75 -8.93
N ALA C 201 -10.03 41.32 -7.79
CA ALA C 201 -10.97 41.44 -6.68
C ALA C 201 -11.47 42.87 -6.57
N GLY C 202 -12.37 43.07 -5.61
CA GLY C 202 -13.05 44.33 -5.40
C GLY C 202 -14.23 44.15 -4.45
N VAL C 203 -14.98 45.21 -4.24
CA VAL C 203 -16.12 45.23 -3.33
C VAL C 203 -17.34 45.85 -3.98
N GLY C 204 -18.55 45.39 -3.65
CA GLY C 204 -19.71 46.06 -4.24
C GLY C 204 -20.62 46.61 -3.16
N PRO C 205 -21.83 47.00 -3.56
CA PRO C 205 -22.83 47.33 -2.54
C PRO C 205 -22.98 46.10 -1.61
N TYR C 206 -24.11 45.45 -1.74
CA TYR C 206 -24.54 44.26 -1.03
C TYR C 206 -23.41 43.38 -0.54
N GLY C 207 -23.56 42.93 0.70
CA GLY C 207 -22.70 41.93 1.31
C GLY C 207 -23.54 40.70 1.58
N SER C 208 -22.89 39.56 1.82
CA SER C 208 -23.65 38.33 2.07
C SER C 208 -23.29 37.75 3.42
N CYS C 209 -24.15 37.99 4.41
CA CYS C 209 -23.85 37.57 5.77
C CYS C 209 -24.79 36.46 6.25
N CYS C 210 -24.29 35.75 7.23
CA CYS C 210 -24.85 34.64 7.99
C CYS C 210 -24.00 34.49 9.25
N ALA C 211 -24.09 33.40 10.00
CA ALA C 211 -23.12 33.27 11.11
C ALA C 211 -21.99 32.38 10.62
N GLU C 212 -20.95 32.16 11.42
CA GLU C 212 -19.90 31.28 10.92
C GLU C 212 -18.90 30.91 11.99
N ILE C 213 -18.59 29.62 12.00
CA ILE C 213 -17.65 29.01 12.92
C ILE C 213 -16.36 28.65 12.18
N ASP C 214 -15.33 29.45 12.39
CA ASP C 214 -13.99 29.23 11.90
C ASP C 214 -13.29 28.07 12.63
N VAL C 215 -13.84 26.88 12.52
CA VAL C 215 -13.29 25.67 13.10
C VAL C 215 -11.78 25.59 12.95
N TRP C 216 -11.25 26.05 11.81
CA TRP C 216 -9.81 25.94 11.60
C TRP C 216 -9.24 26.99 10.67
N GLU C 217 -8.92 28.17 11.17
CA GLU C 217 -8.12 29.14 10.43
C GLU C 217 -6.64 28.88 10.72
N SER C 218 -5.75 28.86 9.72
CA SER C 218 -4.38 28.58 10.15
C SER C 218 -3.29 28.73 9.09
N ASN C 219 -2.25 27.98 9.39
CA ASN C 219 -0.99 27.80 8.70
C ASN C 219 -0.02 27.06 9.62
N ALA C 220 1.19 26.84 9.15
CA ALA C 220 2.19 26.08 9.88
C ALA C 220 2.62 26.76 11.19
N TYR C 221 2.21 28.00 11.41
CA TYR C 221 2.70 28.76 12.57
C TYR C 221 1.62 29.18 13.55
N ALA C 222 0.34 28.98 13.26
CA ALA C 222 -0.70 29.39 14.23
C ALA C 222 -2.10 29.06 13.73
N PHE C 223 -3.08 29.20 14.62
CA PHE C 223 -4.48 29.00 14.28
C PHE C 223 -5.42 29.75 15.23
N ALA C 224 -6.73 29.50 15.11
CA ALA C 224 -7.69 30.14 16.00
C ALA C 224 -9.11 29.59 15.84
N PHE C 225 -9.58 28.83 16.81
CA PHE C 225 -11.01 28.49 16.87
C PHE C 225 -11.77 29.79 17.05
N THR C 226 -12.55 30.25 16.06
CA THR C 226 -13.11 31.60 16.21
C THR C 226 -14.55 31.75 15.73
N PRO C 227 -15.48 31.08 16.38
CA PRO C 227 -16.91 31.18 16.05
C PRO C 227 -17.43 32.61 16.23
N HIS C 228 -18.58 32.88 15.62
CA HIS C 228 -19.18 34.21 15.75
C HIS C 228 -20.59 34.19 15.15
N ALA C 229 -21.56 34.80 15.85
CA ALA C 229 -22.93 34.75 15.34
C ALA C 229 -23.50 36.15 15.08
N CYS C 230 -24.79 36.29 14.79
CA CYS C 230 -25.40 37.60 14.64
C CYS C 230 -26.85 37.64 15.14
N THR C 231 -27.46 38.80 14.90
CA THR C 231 -28.88 39.04 15.21
C THR C 231 -29.76 38.18 14.30
N THR C 232 -29.27 37.95 13.09
CA THR C 232 -29.78 36.95 12.18
C THR C 232 -28.63 35.99 11.87
N ASN C 233 -28.83 34.72 12.21
CA ASN C 233 -27.76 33.74 11.98
C ASN C 233 -27.94 33.03 10.65
N GLU C 234 -28.83 33.60 9.84
CA GLU C 234 -29.11 33.12 8.51
C GLU C 234 -28.58 34.10 7.48
N TYR C 235 -28.42 33.60 6.25
CA TYR C 235 -28.13 34.48 5.13
C TYR C 235 -29.13 35.65 5.16
N HIS C 236 -28.66 36.78 4.70
CA HIS C 236 -29.39 38.04 4.64
C HIS C 236 -28.48 39.04 3.93
N VAL C 237 -29.01 40.05 3.26
CA VAL C 237 -28.05 40.95 2.60
C VAL C 237 -28.08 42.32 3.25
N CYS C 238 -27.03 43.09 2.97
CA CYS C 238 -26.95 44.48 3.39
C CYS C 238 -26.16 45.28 2.35
N GLU C 239 -26.40 46.59 2.36
CA GLU C 239 -25.75 47.56 1.50
C GLU C 239 -24.96 48.56 2.34
N THR C 240 -23.83 49.00 1.82
CA THR C 240 -23.02 50.06 2.37
C THR C 240 -22.91 50.10 3.89
N THR C 241 -23.83 50.88 4.44
CA THR C 241 -23.92 51.23 5.85
C THR C 241 -24.41 50.06 6.71
N ASN C 242 -25.52 49.44 6.32
CA ASN C 242 -26.11 48.36 7.09
C ASN C 242 -25.16 47.16 7.19
N CYS C 243 -24.23 47.10 6.24
CA CYS C 243 -23.23 46.04 6.17
C CYS C 243 -21.92 46.55 6.77
N GLY C 244 -21.14 45.65 7.36
CA GLY C 244 -19.86 46.02 7.94
C GLY C 244 -18.74 45.13 7.41
N GLY C 245 -17.72 44.90 8.23
CA GLY C 245 -16.66 43.99 7.88
C GLY C 245 -15.43 44.59 7.23
N THR C 246 -14.38 43.78 7.19
CA THR C 246 -13.11 44.08 6.56
C THR C 246 -13.27 44.84 5.26
N TYR C 247 -14.18 44.38 4.39
CA TYR C 247 -14.42 45.02 3.11
C TYR C 247 -15.18 46.33 3.28
N SER C 248 -15.83 46.50 4.42
CA SER C 248 -16.64 47.72 4.56
C SER C 248 -15.90 48.75 5.38
N GLU C 249 -16.34 49.99 5.27
CA GLU C 249 -15.66 51.05 6.00
C GLU C 249 -15.86 50.86 7.50
N ASP C 250 -17.02 50.34 7.92
CA ASP C 250 -17.27 50.09 9.34
C ASP C 250 -17.32 48.60 9.66
N ARG C 251 -16.34 48.11 10.43
CA ARG C 251 -16.34 46.69 10.78
C ARG C 251 -17.52 46.33 11.67
N PHE C 252 -18.07 47.31 12.38
CA PHE C 252 -19.24 47.05 13.22
C PHE C 252 -20.49 47.67 12.61
N ALA C 253 -20.56 47.66 11.28
CA ALA C 253 -21.70 48.25 10.59
C ALA C 253 -22.80 47.24 10.30
N GLY C 254 -22.70 46.01 10.80
CA GLY C 254 -23.73 45.06 10.43
C GLY C 254 -24.57 44.52 11.58
N LYS C 255 -24.62 43.20 11.67
CA LYS C 255 -25.39 42.48 12.66
C LYS C 255 -24.58 41.32 13.22
N CYS C 256 -23.55 40.96 12.45
CA CYS C 256 -22.68 39.85 12.79
C CYS C 256 -21.39 40.34 13.44
N ASP C 257 -20.87 39.50 14.32
CA ASP C 257 -19.60 39.77 14.98
C ASP C 257 -18.46 39.39 14.04
N ALA C 258 -17.85 40.40 13.45
CA ALA C 258 -16.69 40.18 12.59
C ALA C 258 -15.53 39.50 13.29
N ASN C 259 -15.50 39.57 14.62
CA ASN C 259 -14.29 39.07 15.28
C ASN C 259 -14.51 37.77 16.01
N GLY C 260 -15.63 37.68 16.73
CA GLY C 260 -15.94 36.46 17.44
C GLY C 260 -14.91 36.14 18.53
N CYS C 261 -15.29 35.22 19.38
CA CYS C 261 -14.60 34.64 20.51
C CYS C 261 -13.66 33.53 20.07
N ASP C 262 -12.37 33.82 19.97
CA ASP C 262 -11.40 32.94 19.38
C ASP C 262 -10.40 32.34 20.36
N TYR C 263 -9.98 31.12 20.03
CA TYR C 263 -8.99 30.44 20.83
C TYR C 263 -7.74 30.11 20.03
N ASN C 264 -6.74 30.95 20.20
CA ASN C 264 -5.37 30.84 19.72
C ASN C 264 -4.44 30.63 20.90
N PRO C 265 -4.07 29.39 21.16
CA PRO C 265 -3.03 29.03 22.14
C PRO C 265 -1.90 30.02 22.24
N TYR C 266 -1.41 30.56 21.11
CA TYR C 266 -0.37 31.59 21.19
C TYR C 266 -1.00 32.91 21.63
N ARG C 267 -2.21 33.21 21.15
CA ARG C 267 -2.83 34.44 21.60
C ARG C 267 -3.20 34.33 23.09
N MET C 268 -3.55 33.11 23.49
CA MET C 268 -4.09 32.76 24.78
C MET C 268 -3.06 32.75 25.91
N GLY C 269 -1.78 32.77 25.54
CA GLY C 269 -0.74 32.81 26.56
C GLY C 269 0.16 31.59 26.42
N ASN C 270 -0.06 30.83 25.37
CA ASN C 270 0.74 29.63 25.12
C ASN C 270 1.63 29.85 23.90
N PRO C 271 2.76 30.51 24.14
CA PRO C 271 3.72 30.94 23.12
C PRO C 271 4.24 29.80 22.26
N ASP C 272 4.47 28.65 22.89
CA ASP C 272 4.91 27.48 22.13
C ASP C 272 4.03 26.27 22.43
N PHE C 273 2.79 26.30 21.94
CA PHE C 273 1.92 25.14 22.02
C PHE C 273 1.93 24.41 20.67
N TYR C 274 1.38 25.08 19.69
CA TYR C 274 1.23 24.79 18.28
C TYR C 274 2.44 25.34 17.50
N GLY C 275 2.83 24.63 16.45
CA GLY C 275 3.91 25.16 15.63
C GLY C 275 4.93 24.13 15.22
N LYS C 276 5.90 24.56 14.43
CA LYS C 276 6.93 23.63 13.97
C LYS C 276 7.80 23.17 15.13
N GLY C 277 7.61 21.91 15.52
CA GLY C 277 8.40 21.26 16.53
C GLY C 277 7.86 21.47 17.94
N LYS C 278 6.83 22.30 18.04
CA LYS C 278 6.17 22.66 19.28
C LYS C 278 5.33 21.50 19.80
N THR C 279 4.56 21.66 20.87
CA THR C 279 3.80 20.53 21.42
C THR C 279 2.91 19.92 20.34
N LEU C 280 2.23 20.81 19.62
CA LEU C 280 1.60 20.38 18.38
C LEU C 280 2.56 20.69 17.24
N ASP C 281 3.34 19.71 16.79
CA ASP C 281 4.33 19.94 15.73
C ASP C 281 3.68 20.10 14.36
N THR C 282 3.69 21.31 13.83
CA THR C 282 3.03 21.61 12.55
C THR C 282 3.78 21.05 11.35
N SER C 283 5.01 20.59 11.53
CA SER C 283 5.79 20.02 10.43
C SER C 283 5.03 18.95 9.66
N ARG C 284 4.11 18.27 10.31
CA ARG C 284 3.36 17.16 9.75
C ARG C 284 1.85 17.42 9.65
N LYS C 285 1.21 16.28 9.40
CA LYS C 285 -0.22 16.09 9.26
C LYS C 285 -0.79 15.67 10.62
N PHE C 286 -1.87 16.31 11.07
CA PHE C 286 -2.35 15.94 12.41
C PHE C 286 -3.87 15.78 12.44
N THR C 287 -4.49 16.36 13.47
CA THR C 287 -5.92 16.16 13.68
C THR C 287 -6.54 17.16 14.62
N VAL C 288 -7.72 17.66 14.25
CA VAL C 288 -8.47 18.47 15.18
C VAL C 288 -9.83 17.85 15.48
N VAL C 289 -10.28 17.96 16.73
CA VAL C 289 -11.66 17.59 17.02
C VAL C 289 -12.36 18.73 17.74
N SER C 290 -12.98 19.58 16.93
CA SER C 290 -13.79 20.69 17.40
C SER C 290 -15.19 20.23 17.79
N ARG C 291 -15.78 20.80 18.83
CA ARG C 291 -17.11 20.33 19.22
C ARG C 291 -18.09 21.47 19.48
N PHE C 292 -19.36 21.21 19.24
CA PHE C 292 -20.46 22.16 19.29
C PHE C 292 -21.61 21.73 20.19
N GLU C 293 -21.50 21.99 21.48
CA GLU C 293 -22.54 21.67 22.45
C GLU C 293 -23.04 22.94 23.15
N GLU C 294 -24.24 22.84 23.70
CA GLU C 294 -24.98 23.89 24.38
C GLU C 294 -24.06 24.80 25.17
N ASN C 295 -23.90 26.02 24.68
CA ASN C 295 -22.97 26.98 25.29
C ASN C 295 -21.62 26.34 25.53
N LYS C 296 -21.06 25.55 24.59
CA LYS C 296 -19.72 25.05 24.87
C LYS C 296 -18.97 24.65 23.61
N LEU C 297 -18.12 25.55 23.10
CA LEU C 297 -17.23 25.09 22.03
C LEU C 297 -15.94 24.58 22.67
N SER C 298 -15.49 23.42 22.21
CA SER C 298 -14.23 22.87 22.71
C SER C 298 -13.43 22.33 21.52
N GLN C 299 -12.24 21.80 21.80
CA GLN C 299 -11.36 21.44 20.68
C GLN C 299 -10.12 20.72 21.19
N TYR C 300 -9.63 19.68 20.50
CA TYR C 300 -8.35 19.09 20.89
C TYR C 300 -7.55 18.66 19.66
N PHE C 301 -6.49 17.91 19.88
CA PHE C 301 -5.69 17.23 18.88
C PHE C 301 -5.35 15.78 19.28
N ILE C 302 -5.03 15.05 18.23
CA ILE C 302 -4.45 13.73 18.23
C ILE C 302 -3.24 13.72 17.31
N GLN C 303 -2.04 13.49 17.83
CA GLN C 303 -0.87 13.41 16.94
C GLN C 303 0.03 12.26 17.34
N ASP C 304 0.40 11.48 16.33
CA ASP C 304 1.11 10.24 16.63
C ASP C 304 0.23 9.41 17.56
N GLY C 305 -1.06 9.41 17.25
CA GLY C 305 -2.05 8.62 17.91
C GLY C 305 -2.39 8.97 19.35
N ARG C 306 -1.85 10.05 19.89
CA ARG C 306 -2.07 10.56 21.23
C ARG C 306 -2.98 11.78 21.30
N LYS C 307 -3.74 11.87 22.38
CA LYS C 307 -4.69 12.97 22.57
C LYS C 307 -4.03 14.17 23.23
N ILE C 308 -3.72 15.18 22.42
CA ILE C 308 -3.20 16.47 22.86
C ILE C 308 -4.37 17.41 23.14
N GLU C 309 -4.23 18.18 24.21
CA GLU C 309 -5.26 19.05 24.76
C GLU C 309 -4.79 20.49 24.89
N ILE C 310 -5.27 21.37 24.02
CA ILE C 310 -4.97 22.79 24.02
C ILE C 310 -5.01 23.35 25.44
N PRO C 311 -3.90 24.00 25.80
CA PRO C 311 -3.69 24.52 27.15
C PRO C 311 -4.51 25.76 27.46
N PRO C 312 -4.81 25.99 28.74
CA PRO C 312 -5.60 27.18 29.09
C PRO C 312 -4.75 28.42 28.86
N PRO C 313 -5.34 29.60 28.94
CA PRO C 313 -4.58 30.85 28.77
C PRO C 313 -3.80 31.22 30.02
N THR C 314 -2.93 32.21 29.87
CA THR C 314 -2.02 32.64 30.93
C THR C 314 -2.21 34.07 31.39
N TRP C 315 -3.42 34.61 31.34
CA TRP C 315 -3.63 36.01 31.70
C TRP C 315 -4.60 36.17 32.86
N GLU C 316 -4.20 36.97 33.84
CA GLU C 316 -5.00 37.20 35.05
C GLU C 316 -6.40 37.69 34.69
N GLY C 317 -7.42 37.08 35.29
CA GLY C 317 -8.81 37.43 35.09
C GLY C 317 -9.42 36.67 33.93
N MET C 318 -8.78 35.55 33.58
CA MET C 318 -9.30 34.71 32.51
C MET C 318 -9.68 33.35 33.10
N PRO C 319 -10.55 32.59 32.45
CA PRO C 319 -10.92 31.28 32.98
C PRO C 319 -9.71 30.34 33.03
N ASN C 320 -9.92 29.21 33.70
CA ASN C 320 -8.89 28.20 33.83
C ASN C 320 -9.14 26.98 32.93
N SER C 321 -9.15 27.19 31.61
CA SER C 321 -9.23 26.11 30.65
C SER C 321 -9.22 26.64 29.21
N SER C 322 -9.21 25.70 28.27
CA SER C 322 -9.15 26.09 26.86
C SER C 322 -10.46 25.84 26.15
N GLU C 323 -11.57 26.06 26.86
CA GLU C 323 -12.89 25.86 26.25
C GLU C 323 -13.60 27.18 26.01
N ILE C 324 -14.23 27.29 24.85
CA ILE C 324 -15.02 28.49 24.54
C ILE C 324 -16.46 28.30 25.07
N THR C 325 -16.64 28.88 26.23
CA THR C 325 -17.79 28.96 27.11
C THR C 325 -18.20 30.42 27.25
N PRO C 326 -19.42 30.67 27.71
CA PRO C 326 -19.86 32.07 27.89
C PRO C 326 -18.88 32.90 28.73
N GLU C 327 -18.20 32.27 29.67
CA GLU C 327 -17.29 32.85 30.64
C GLU C 327 -15.96 33.29 30.05
N LEU C 328 -15.35 32.42 29.24
CA LEU C 328 -14.14 32.80 28.54
C LEU C 328 -14.39 34.05 27.69
N CYS C 329 -15.52 34.05 26.98
CA CYS C 329 -15.83 35.16 26.08
C CYS C 329 -16.20 36.43 26.85
N SER C 330 -16.22 36.37 28.18
CA SER C 330 -16.45 37.59 28.97
C SER C 330 -15.12 38.21 29.40
N THR C 331 -14.23 37.37 29.91
CA THR C 331 -12.96 37.75 30.52
C THR C 331 -11.96 38.26 29.49
N MET C 332 -11.86 37.50 28.41
CA MET C 332 -11.02 37.71 27.26
C MET C 332 -10.86 39.18 26.88
N PHE C 333 -11.97 39.85 26.60
CA PHE C 333 -11.91 41.21 26.12
C PHE C 333 -11.48 42.19 27.20
N ASP C 334 -11.93 42.01 28.44
CA ASP C 334 -11.49 42.90 29.51
C ASP C 334 -9.97 42.84 29.63
N VAL C 335 -9.45 41.65 29.35
CA VAL C 335 -8.03 41.34 29.50
C VAL C 335 -7.27 41.68 28.23
N PHE C 336 -7.96 41.66 27.09
CA PHE C 336 -7.33 42.05 25.84
C PHE C 336 -7.76 43.48 25.50
N ASN C 337 -8.46 44.07 26.44
CA ASN C 337 -9.12 45.36 26.44
C ASN C 337 -9.52 45.76 25.03
N ASP C 338 -10.46 45.00 24.48
CA ASP C 338 -10.98 45.18 23.13
C ASP C 338 -12.50 45.16 23.10
N ARG C 339 -13.05 45.75 22.06
CA ARG C 339 -14.49 45.77 21.78
C ARG C 339 -15.10 44.39 21.97
N ASN C 340 -16.20 44.31 22.70
CA ASN C 340 -16.90 43.04 22.89
C ASN C 340 -18.13 42.97 22.00
N ARG C 341 -17.90 42.92 20.69
CA ARG C 341 -18.97 42.89 19.71
C ARG C 341 -19.86 41.66 19.87
N PHE C 342 -19.35 40.64 20.55
CA PHE C 342 -20.11 39.40 20.74
C PHE C 342 -21.45 39.70 21.39
N GLU C 343 -21.40 40.08 22.66
CA GLU C 343 -22.48 40.58 23.47
C GLU C 343 -23.45 41.41 22.61
N GLU C 344 -22.81 42.35 21.91
CA GLU C 344 -23.44 43.31 21.04
C GLU C 344 -24.54 42.64 20.23
N VAL C 345 -24.16 41.74 19.33
CA VAL C 345 -25.13 41.09 18.45
C VAL C 345 -25.82 39.92 19.14
N GLY C 346 -25.66 39.78 20.46
CA GLY C 346 -26.33 38.67 21.12
C GLY C 346 -25.42 37.88 22.03
N GLY C 347 -24.14 37.79 21.67
CA GLY C 347 -23.19 37.06 22.49
C GLY C 347 -23.28 35.55 22.28
N PHE C 348 -22.99 34.79 23.33
CA PHE C 348 -22.95 33.34 23.30
C PHE C 348 -24.34 32.73 23.14
N GLU C 349 -25.34 33.25 23.85
CA GLU C 349 -26.67 32.70 23.60
C GLU C 349 -27.05 32.89 22.13
N GLN C 350 -26.57 33.99 21.55
CA GLN C 350 -26.78 34.25 20.13
C GLN C 350 -26.04 33.22 19.29
N LEU C 351 -24.92 32.69 19.79
CA LEU C 351 -24.20 31.70 19.00
C LEU C 351 -25.00 30.40 18.96
N ASN C 352 -25.54 30.07 20.13
CA ASN C 352 -26.38 28.92 20.40
C ASN C 352 -27.30 28.57 19.25
N ASN C 353 -28.05 29.57 18.75
CA ASN C 353 -28.95 29.26 17.63
C ASN C 353 -28.22 29.34 16.30
N ALA C 354 -27.00 29.90 16.29
CA ALA C 354 -26.23 29.86 15.04
C ALA C 354 -25.87 28.39 14.77
N LEU C 355 -25.40 27.76 15.84
CA LEU C 355 -25.05 26.36 15.96
C LEU C 355 -26.22 25.47 15.57
N ARG C 356 -27.42 26.02 15.76
CA ARG C 356 -28.64 25.32 15.36
C ARG C 356 -28.97 25.60 13.90
N VAL C 357 -28.43 26.68 13.35
CA VAL C 357 -28.63 26.96 11.93
C VAL C 357 -27.65 26.13 11.10
N PRO C 358 -28.17 25.08 10.47
CA PRO C 358 -27.41 24.14 9.64
C PRO C 358 -26.40 24.86 8.75
N MET C 359 -25.18 24.33 8.65
CA MET C 359 -24.18 25.08 7.89
C MET C 359 -23.44 24.24 6.87
N VAL C 360 -22.64 24.94 6.07
CA VAL C 360 -21.88 24.33 5.00
C VAL C 360 -20.39 24.44 5.29
N LEU C 361 -19.68 23.36 5.02
CA LEU C 361 -18.25 23.27 5.23
C LEU C 361 -17.45 23.70 3.99
N VAL C 362 -16.66 24.75 4.18
CA VAL C 362 -15.85 25.42 3.20
C VAL C 362 -14.34 25.27 3.43
N MET C 363 -13.63 24.63 2.51
CA MET C 363 -12.16 24.52 2.65
C MET C 363 -11.45 25.54 1.77
N SER C 364 -10.44 26.22 2.27
CA SER C 364 -9.84 27.31 1.50
C SER C 364 -8.41 27.63 1.93
N ILE C 365 -7.64 28.18 1.00
CA ILE C 365 -6.32 28.74 1.21
C ILE C 365 -6.23 30.09 0.50
N TRP C 366 -5.74 31.12 1.19
CA TRP C 366 -5.77 32.44 0.58
C TRP C 366 -5.01 33.50 1.41
N ASP C 367 -4.98 34.66 0.77
CA ASP C 367 -4.30 35.90 1.10
C ASP C 367 -5.29 36.97 1.59
N ASP C 368 -4.82 37.73 2.56
CA ASP C 368 -5.44 38.85 3.23
C ASP C 368 -4.77 40.18 2.85
N HIS C 369 -5.27 40.80 1.80
CA HIS C 369 -4.76 42.05 1.28
C HIS C 369 -4.71 43.16 2.33
N TYR C 370 -5.63 43.07 3.29
CA TYR C 370 -5.79 44.08 4.32
C TYR C 370 -4.73 44.04 5.41
N ALA C 371 -4.73 42.96 6.18
CA ALA C 371 -3.96 42.79 7.38
C ALA C 371 -2.85 41.74 7.26
N ASN C 372 -2.66 41.24 6.04
CA ASN C 372 -1.62 40.24 5.79
C ASN C 372 -1.71 39.07 6.77
N MET C 373 -2.92 38.75 7.17
CA MET C 373 -3.17 37.76 8.21
C MET C 373 -2.24 38.03 9.40
N LEU C 374 -2.10 39.30 9.74
CA LEU C 374 -1.23 39.70 10.83
C LEU C 374 -1.82 39.26 12.18
N TRP C 375 -3.11 39.43 12.28
CA TRP C 375 -4.05 39.15 13.34
C TRP C 375 -4.04 37.67 13.76
N LEU C 376 -3.76 36.82 12.78
CA LEU C 376 -3.70 35.38 12.90
C LEU C 376 -2.40 34.90 13.54
N ASP C 377 -1.29 35.30 12.91
CA ASP C 377 0.00 34.74 13.35
C ASP C 377 0.93 35.83 13.86
N SER C 378 0.49 37.07 13.98
CA SER C 378 1.44 38.06 14.50
C SER C 378 0.82 38.93 15.60
N ILE C 379 1.27 40.17 15.64
CA ILE C 379 0.83 41.25 16.50
C ILE C 379 -0.10 42.20 15.73
N TYR C 380 -1.26 42.41 16.34
CA TYR C 380 -2.38 43.11 15.75
C TYR C 380 -3.32 43.63 16.83
N PRO C 381 -3.75 44.87 16.66
CA PRO C 381 -3.25 45.67 15.53
C PRO C 381 -1.98 46.36 16.01
N PRO C 382 -1.06 46.66 15.12
CA PRO C 382 0.26 47.18 15.51
C PRO C 382 0.17 48.38 16.47
N GLU C 383 -0.90 49.14 16.36
CA GLU C 383 -1.26 50.36 17.04
C GLU C 383 -1.34 50.25 18.56
N LYS C 384 -0.93 49.13 19.15
CA LYS C 384 -0.88 49.01 20.60
C LYS C 384 0.38 48.28 21.04
N GLU C 385 0.55 47.06 20.55
CA GLU C 385 1.68 46.20 20.83
C GLU C 385 1.99 46.07 22.32
N GLY C 386 2.55 44.93 22.71
CA GLY C 386 2.93 44.70 24.09
C GLY C 386 1.77 44.20 24.94
N GLN C 387 0.59 44.76 24.65
CA GLN C 387 -0.63 44.44 25.38
C GLN C 387 -1.26 43.11 24.95
N PRO C 388 -1.93 42.50 25.92
CA PRO C 388 -2.65 41.23 25.77
C PRO C 388 -3.33 41.06 24.42
N GLY C 389 -3.60 39.82 24.01
CA GLY C 389 -4.26 39.57 22.75
C GLY C 389 -3.38 39.85 21.54
N ALA C 390 -2.88 41.07 21.46
CA ALA C 390 -2.03 41.63 20.43
C ALA C 390 -1.10 40.60 19.80
N ALA C 391 -0.52 39.74 20.62
CA ALA C 391 0.35 38.67 20.16
C ALA C 391 -0.45 37.45 19.74
N ARG C 392 -0.52 37.16 18.43
CA ARG C 392 -1.32 36.01 18.01
C ARG C 392 -0.43 34.90 17.47
N GLY C 393 0.78 35.26 17.08
CA GLY C 393 1.79 34.30 16.64
C GLY C 393 3.16 34.95 16.68
N ASP C 394 4.19 34.26 16.19
CA ASP C 394 5.50 34.92 16.19
C ASP C 394 6.07 35.04 14.78
N CYS C 395 5.18 35.21 13.80
CA CYS C 395 5.64 35.44 12.44
C CYS C 395 6.22 36.85 12.33
N PRO C 396 7.14 37.07 11.41
CA PRO C 396 7.76 38.40 11.25
C PRO C 396 6.68 39.47 11.12
N THR C 397 6.93 40.64 11.69
CA THR C 397 6.03 41.78 11.68
C THR C 397 5.79 42.34 10.28
N ASP C 398 6.53 41.84 9.31
CA ASP C 398 6.43 42.13 7.89
C ASP C 398 5.48 41.20 7.17
N SER C 399 5.65 39.90 7.39
CA SER C 399 4.99 38.79 6.76
C SER C 399 3.55 39.09 6.36
N GLY C 400 3.07 38.34 5.37
CA GLY C 400 1.69 38.40 4.96
C GLY C 400 1.44 39.04 3.61
N VAL C 401 2.14 40.13 3.35
CA VAL C 401 2.00 40.98 2.20
C VAL C 401 1.67 40.25 0.90
N PRO C 402 0.51 40.61 0.38
CA PRO C 402 -0.07 40.14 -0.88
C PRO C 402 0.97 39.68 -1.89
N ALA C 403 1.45 40.59 -2.74
CA ALA C 403 2.47 40.21 -3.72
C ALA C 403 3.65 39.50 -3.08
N GLU C 404 4.10 39.98 -1.93
CA GLU C 404 5.31 39.50 -1.26
C GLU C 404 5.38 37.97 -1.15
N VAL C 405 4.64 37.42 -0.19
CA VAL C 405 4.78 36.01 0.17
C VAL C 405 4.16 35.07 -0.86
N GLU C 406 3.83 35.58 -2.02
CA GLU C 406 3.27 34.83 -3.13
C GLU C 406 4.37 34.32 -4.07
N ALA C 407 5.35 35.19 -4.32
CA ALA C 407 6.43 34.86 -5.24
C ALA C 407 7.63 34.36 -4.45
N GLN C 408 7.41 34.23 -3.13
CA GLN C 408 8.48 33.72 -2.30
C GLN C 408 8.13 32.33 -1.77
N PHE C 409 6.96 31.86 -2.14
CA PHE C 409 6.41 30.57 -1.72
C PHE C 409 5.14 30.23 -2.48
N PRO C 410 5.20 30.14 -3.81
CA PRO C 410 4.00 29.81 -4.59
C PRO C 410 3.62 28.34 -4.48
N ASP C 411 4.47 27.58 -3.83
CA ASP C 411 4.38 26.13 -3.68
C ASP C 411 3.48 25.70 -2.53
N ALA C 412 3.15 26.61 -1.61
CA ALA C 412 2.36 26.28 -0.43
C ALA C 412 1.08 25.51 -0.80
N GLN C 413 0.51 24.85 0.21
CA GLN C 413 -0.66 24.02 0.09
C GLN C 413 -1.33 23.74 1.44
N VAL C 414 -2.30 22.83 1.42
CA VAL C 414 -3.06 22.30 2.53
C VAL C 414 -3.90 21.13 2.02
N VAL C 415 -3.59 19.92 2.50
CA VAL C 415 -4.43 18.80 2.06
C VAL C 415 -5.25 18.32 3.25
N TRP C 416 -6.57 18.44 3.10
CA TRP C 416 -7.55 18.05 4.11
C TRP C 416 -7.96 16.61 3.88
N SER C 417 -7.69 15.71 4.83
CA SER C 417 -8.08 14.32 4.60
C SER C 417 -8.95 13.80 5.74
N ASN C 418 -9.65 12.71 5.47
CA ASN C 418 -10.43 12.06 6.52
C ASN C 418 -11.35 13.02 7.25
N ILE C 419 -12.32 13.64 6.59
CA ILE C 419 -13.29 14.48 7.31
C ILE C 419 -14.18 13.60 8.20
N ARG C 420 -14.61 14.13 9.34
CA ARG C 420 -15.45 13.35 10.25
C ARG C 420 -16.43 14.21 11.05
N PHE C 421 -17.64 13.70 11.27
CA PHE C 421 -18.68 14.45 11.97
C PHE C 421 -19.76 13.51 12.51
N GLY C 422 -20.36 13.91 13.62
CA GLY C 422 -21.38 13.15 14.31
C GLY C 422 -21.61 13.69 15.71
N PRO C 423 -22.41 12.99 16.51
CA PRO C 423 -22.58 13.39 17.92
C PRO C 423 -21.28 13.10 18.67
N ILE C 424 -20.82 14.04 19.46
CA ILE C 424 -19.56 14.00 20.19
C ILE C 424 -19.17 12.60 20.66
N GLY C 425 -17.92 12.24 20.38
CA GLY C 425 -17.25 11.03 20.76
C GLY C 425 -17.28 9.93 19.71
N SER C 426 -18.05 10.13 18.66
CA SER C 426 -18.32 9.11 17.64
C SER C 426 -17.15 8.93 16.67
N THR C 427 -16.58 10.07 16.31
CA THR C 427 -15.42 10.17 15.44
C THR C 427 -14.20 9.56 16.12
N TYR C 428 -13.72 10.17 17.20
CA TYR C 428 -12.61 9.52 17.90
C TYR C 428 -12.89 9.38 19.40
N ASP C 429 -12.55 8.19 19.90
CA ASP C 429 -12.71 7.75 21.27
C ASP C 429 -11.92 8.60 22.25
N PHE C 430 -12.35 9.82 22.52
CA PHE C 430 -11.62 10.64 23.48
C PHE C 430 -12.51 11.59 24.25
N PCA D 1 25.50 -23.30 31.04
CA PCA D 1 25.32 -24.16 29.86
CB PCA D 1 23.82 -24.41 29.85
CG PCA D 1 23.20 -23.44 30.78
CD PCA D 1 24.28 -22.49 31.23
OE PCA D 1 24.13 -21.65 32.11
C PCA D 1 25.74 -23.45 28.57
O PCA D 1 25.91 -22.24 28.49
N ARG D 2 25.92 -24.28 27.55
CA ARG D 2 26.41 -23.90 26.24
C ARG D 2 25.31 -23.43 25.29
N ALA D 3 25.76 -22.78 24.23
CA ALA D 3 24.91 -22.23 23.18
C ALA D 3 24.58 -23.32 22.16
N GLY D 4 23.30 -23.48 21.86
CA GLY D 4 22.89 -24.51 20.91
C GLY D 4 23.55 -24.36 19.56
N ASN D 5 23.08 -25.12 18.56
CA ASN D 5 23.66 -25.02 17.22
C ASN D 5 22.64 -25.46 16.17
N GLU D 6 21.49 -25.96 16.64
CA GLU D 6 20.42 -26.34 15.73
C GLU D 6 19.63 -25.10 15.31
N THR D 7 19.27 -24.30 16.32
CA THR D 7 18.49 -23.10 16.09
C THR D 7 19.26 -21.80 16.38
N PRO D 8 19.10 -20.90 15.42
CA PRO D 8 19.54 -19.51 15.47
C PRO D 8 18.66 -18.64 16.36
N GLU D 9 19.28 -17.79 17.18
CA GLU D 9 18.56 -16.94 18.11
C GLU D 9 18.41 -15.53 17.54
N ASN D 10 17.16 -15.12 17.36
CA ASN D 10 16.86 -13.87 16.69
C ASN D 10 16.13 -12.87 17.56
N HIS D 11 16.90 -12.10 18.33
CA HIS D 11 16.32 -11.10 19.20
C HIS D 11 15.35 -10.21 18.45
N PRO D 12 14.11 -10.21 18.91
CA PRO D 12 13.18 -9.17 18.43
C PRO D 12 13.84 -7.81 18.58
N PRO D 13 13.75 -6.97 17.55
CA PRO D 13 14.20 -5.59 17.65
C PRO D 13 13.17 -4.81 18.48
N LEU D 14 13.63 -3.90 19.31
CA LEU D 14 12.77 -3.02 20.09
C LEU D 14 13.47 -1.69 20.37
N THR D 15 12.84 -0.59 19.96
CA THR D 15 13.37 0.75 20.18
C THR D 15 12.87 1.31 21.52
N TRP D 16 13.76 1.99 22.22
CA TRP D 16 13.63 2.63 23.50
C TRP D 16 14.51 3.87 23.54
N GLN D 17 14.06 4.98 24.13
CA GLN D 17 14.90 6.18 24.08
C GLN D 17 15.30 6.71 25.46
N ARG D 18 16.56 7.13 25.54
CA ARG D 18 17.02 7.88 26.72
C ARG D 18 16.65 9.35 26.54
N CYS D 19 16.53 10.15 27.59
CA CYS D 19 16.10 11.54 27.44
C CYS D 19 16.94 12.52 28.24
N THR D 20 17.26 13.67 27.63
CA THR D 20 18.13 14.64 28.30
C THR D 20 17.36 15.80 28.88
N ALA D 21 16.25 16.15 28.25
CA ALA D 21 15.40 17.25 28.69
C ALA D 21 14.02 17.16 28.03
N PRO D 22 13.04 17.85 28.61
CA PRO D 22 11.70 17.88 28.04
C PRO D 22 11.70 18.28 26.56
N GLY D 23 11.73 17.23 25.73
CA GLY D 23 11.71 17.35 24.29
C GLY D 23 13.06 16.95 23.72
N ASN D 24 13.90 16.33 24.53
CA ASN D 24 15.23 15.96 24.09
C ASN D 24 15.43 14.45 24.18
N CYS D 25 14.72 13.71 23.35
CA CYS D 25 14.84 12.25 23.32
C CYS D 25 15.12 11.77 21.91
N GLN D 26 16.07 10.84 21.78
CA GLN D 26 16.46 10.34 20.47
C GLN D 26 16.51 8.81 20.40
N THR D 27 16.47 8.36 19.17
CA THR D 27 16.41 7.06 18.55
C THR D 27 17.48 6.10 19.05
N VAL D 28 17.05 5.07 19.77
CA VAL D 28 17.93 4.04 20.27
C VAL D 28 17.39 2.65 19.94
N ASN D 29 17.90 2.09 18.85
CA ASN D 29 17.54 0.82 18.25
C ASN D 29 18.22 -0.38 18.93
N ALA D 30 17.50 -1.06 19.81
CA ALA D 30 17.95 -2.18 20.60
C ALA D 30 17.33 -3.53 20.22
N GLU D 31 17.11 -4.34 21.27
CA GLU D 31 16.66 -5.72 21.10
C GLU D 31 16.23 -6.38 22.41
N VAL D 32 15.37 -7.41 22.29
CA VAL D 32 14.97 -8.16 23.48
C VAL D 32 15.15 -9.65 23.24
N VAL D 33 15.24 -10.45 24.29
CA VAL D 33 15.39 -11.90 24.25
C VAL D 33 14.63 -12.51 25.41
N ILE D 34 14.28 -13.80 25.37
CA ILE D 34 13.57 -14.42 26.48
C ILE D 34 14.53 -15.01 27.50
N ASP D 35 14.06 -15.14 28.75
CA ASP D 35 14.87 -15.80 29.77
C ASP D 35 15.07 -17.27 29.43
N ALA D 36 16.20 -17.81 29.85
CA ALA D 36 16.63 -19.16 29.52
C ALA D 36 15.67 -20.25 29.98
N ASN D 37 14.80 -19.99 30.95
CA ASN D 37 13.93 -21.09 31.41
C ASN D 37 13.07 -21.61 30.26
N TRP D 38 12.72 -20.73 29.33
CA TRP D 38 12.10 -21.11 28.07
C TRP D 38 13.24 -21.30 27.04
N ARG D 39 13.68 -22.54 26.83
CA ARG D 39 14.79 -22.82 25.93
C ARG D 39 15.04 -24.31 25.77
N TRP D 40 15.48 -24.74 24.58
CA TRP D 40 15.62 -26.16 24.26
C TRP D 40 17.00 -26.74 24.59
N LEU D 41 17.15 -27.07 25.85
CA LEU D 41 18.29 -27.68 26.52
C LEU D 41 18.45 -29.14 26.10
N HIS D 42 19.70 -29.56 25.91
CA HIS D 42 20.00 -30.93 25.58
C HIS D 42 21.48 -31.17 25.28
N ASP D 43 21.85 -32.43 25.35
CA ASP D 43 23.09 -33.08 24.97
C ASP D 43 23.46 -32.81 23.52
N ASP D 44 24.44 -33.55 23.00
CA ASP D 44 24.79 -33.41 21.59
C ASP D 44 24.13 -34.52 20.77
N ASN D 45 23.87 -35.64 21.43
CA ASN D 45 23.26 -36.83 20.85
C ASN D 45 21.74 -36.75 20.90
N MET D 46 21.24 -35.60 21.33
CA MET D 46 19.86 -35.19 21.33
C MET D 46 19.12 -35.56 22.59
N GLN D 47 19.77 -36.22 23.56
CA GLN D 47 18.95 -36.51 24.74
C GLN D 47 18.67 -35.18 25.45
N ASN D 48 17.40 -34.80 25.40
CA ASN D 48 16.89 -33.64 26.12
C ASN D 48 17.41 -33.67 27.54
N CYS D 49 18.05 -32.62 28.04
CA CYS D 49 18.47 -32.69 29.44
C CYS D 49 17.24 -32.58 30.34
N TYR D 50 16.40 -31.59 30.07
CA TYR D 50 15.16 -31.44 30.82
C TYR D 50 13.99 -31.98 29.99
N ASP D 51 12.81 -31.56 30.35
CA ASP D 51 11.48 -31.89 29.91
C ASP D 51 10.62 -32.20 31.14
N GLY D 52 9.31 -32.00 31.02
CA GLY D 52 8.42 -32.19 32.16
C GLY D 52 8.90 -31.41 33.35
N ASN D 53 8.36 -31.64 34.56
CA ASN D 53 8.94 -30.88 35.67
C ASN D 53 10.10 -31.68 36.29
N GLN D 54 10.71 -32.52 35.47
CA GLN D 54 11.77 -33.43 35.87
C GLN D 54 12.92 -33.42 34.88
N TRP D 55 14.15 -33.52 35.40
CA TRP D 55 15.35 -33.58 34.59
C TRP D 55 15.54 -34.99 34.03
N THR D 56 16.24 -35.11 32.89
CA THR D 56 16.51 -36.39 32.26
C THR D 56 17.88 -36.94 32.62
N ASN D 57 18.12 -38.21 32.30
CA ASN D 57 19.45 -38.76 32.53
C ASN D 57 20.33 -38.44 31.32
N ALA D 58 20.41 -37.15 31.04
CA ALA D 58 21.23 -36.55 30.01
C ALA D 58 22.37 -35.75 30.68
N CYS D 59 22.30 -35.79 31.99
CA CYS D 59 23.03 -35.11 33.02
C CYS D 59 23.25 -35.97 34.25
N SER D 60 24.09 -35.54 35.20
CA SER D 60 24.23 -36.32 36.43
C SER D 60 24.61 -35.48 37.64
N THR D 61 25.33 -34.37 37.44
CA THR D 61 25.64 -33.49 38.56
C THR D 61 25.69 -32.03 38.09
N ALA D 62 25.28 -31.15 38.98
CA ALA D 62 25.14 -29.71 38.77
C ALA D 62 26.23 -29.15 37.86
N THR D 63 27.46 -29.62 38.07
CA THR D 63 28.62 -29.27 37.27
C THR D 63 28.44 -29.67 35.80
N ASP D 64 28.66 -30.96 35.57
CA ASP D 64 28.65 -31.61 34.28
C ASP D 64 27.50 -31.11 33.42
N CYS D 65 26.35 -30.90 34.04
CA CYS D 65 25.15 -30.37 33.42
C CYS D 65 25.42 -29.21 32.48
N ALA D 66 26.39 -28.38 32.84
CA ALA D 66 26.75 -27.26 31.97
C ALA D 66 27.64 -27.74 30.83
N GLU D 67 28.70 -28.47 31.18
CA GLU D 67 29.54 -29.09 30.15
C GLU D 67 28.96 -30.43 29.75
N LYS D 68 27.67 -30.42 29.49
CA LYS D 68 26.78 -31.46 29.05
C LYS D 68 25.68 -30.88 28.15
N CYS D 69 24.96 -29.97 28.76
CA CYS D 69 23.78 -29.28 28.29
C CYS D 69 24.08 -27.87 27.77
N MET D 70 23.52 -27.63 26.59
CA MET D 70 23.56 -26.37 25.87
C MET D 70 22.17 -25.83 25.63
N ILE D 71 21.85 -24.58 25.98
CA ILE D 71 20.47 -24.15 25.70
C ILE D 71 20.27 -24.04 24.19
N GLU D 72 19.17 -23.41 23.78
CA GLU D 72 18.91 -23.30 22.34
C GLU D 72 18.36 -21.95 21.89
N GLY D 73 18.51 -21.73 20.58
CA GLY D 73 18.01 -20.52 19.95
C GLY D 73 16.50 -20.48 20.02
N ALA D 74 15.92 -19.33 20.36
CA ALA D 74 14.47 -19.33 20.58
C ALA D 74 13.70 -19.67 19.31
N GLY D 75 14.16 -19.20 18.16
CA GLY D 75 13.43 -19.39 16.92
C GLY D 75 12.35 -18.32 16.77
N ASP D 76 11.20 -18.72 16.25
CA ASP D 76 10.06 -17.82 16.10
C ASP D 76 9.46 -17.53 17.48
N TYR D 77 9.68 -16.31 17.94
CA TYR D 77 9.17 -15.90 19.26
C TYR D 77 7.65 -15.97 19.24
N LEU D 78 7.06 -15.27 18.29
CA LEU D 78 5.65 -15.18 17.96
C LEU D 78 5.07 -16.50 17.44
N GLY D 79 5.82 -17.58 17.51
CA GLY D 79 5.42 -18.90 17.11
C GLY D 79 5.42 -19.89 18.26
N THR D 80 6.59 -20.23 18.80
CA THR D 80 6.53 -21.18 19.92
C THR D 80 6.25 -20.37 21.19
N TYR D 81 6.22 -19.02 21.10
CA TYR D 81 6.15 -18.26 22.35
C TYR D 81 5.11 -17.17 22.42
N GLY D 82 4.55 -16.66 21.34
CA GLY D 82 3.50 -15.65 21.47
C GLY D 82 4.09 -14.26 21.60
N ALA D 83 5.37 -14.16 21.32
CA ALA D 83 6.17 -12.96 21.46
C ALA D 83 6.23 -12.10 20.20
N SER D 84 6.01 -10.80 20.34
CA SER D 84 5.93 -9.90 19.20
C SER D 84 6.31 -8.46 19.52
N THR D 85 7.00 -7.81 18.57
CA THR D 85 7.38 -6.41 18.69
C THR D 85 6.96 -5.66 17.43
N SER D 86 6.61 -4.38 17.58
CA SER D 86 6.23 -3.50 16.49
C SER D 86 6.85 -2.13 16.75
N GLY D 87 7.75 -1.70 15.87
CA GLY D 87 8.46 -0.45 16.00
C GLY D 87 8.96 -0.21 17.42
N ASP D 88 8.14 0.46 18.22
CA ASP D 88 8.48 0.79 19.60
C ASP D 88 7.67 -0.02 20.60
N ALA D 89 7.01 -1.09 20.15
CA ALA D 89 6.18 -1.84 21.08
C ALA D 89 6.43 -3.34 21.04
N LEU D 90 6.80 -3.85 22.20
CA LEU D 90 6.76 -5.26 22.53
C LEU D 90 5.32 -5.60 22.91
N THR D 91 4.81 -6.71 22.40
CA THR D 91 3.54 -7.24 22.87
C THR D 91 3.85 -8.59 23.54
N LEU D 92 2.99 -9.01 24.46
CA LEU D 92 3.12 -10.27 25.18
C LEU D 92 1.75 -10.95 25.31
N LYS D 93 1.67 -12.23 24.99
CA LYS D 93 0.38 -12.93 25.04
C LYS D 93 0.37 -14.06 26.06
N PHE D 94 -0.65 -14.08 26.91
CA PHE D 94 -0.76 -15.07 27.98
C PHE D 94 -0.54 -16.47 27.44
N VAL D 95 -1.61 -17.13 27.01
CA VAL D 95 -1.45 -18.50 26.51
C VAL D 95 -1.05 -18.51 25.06
N THR D 96 -0.14 -19.41 24.71
CA THR D 96 0.36 -19.55 23.35
C THR D 96 0.32 -21.02 22.92
N LYS D 97 -0.71 -21.37 22.14
CA LYS D 97 -0.89 -22.77 21.76
C LYS D 97 -0.38 -23.07 20.36
N HIS D 98 0.89 -22.80 20.10
CA HIS D 98 1.56 -23.08 18.84
C HIS D 98 1.32 -24.50 18.36
N GLU D 99 1.80 -24.84 17.16
CA GLU D 99 1.53 -26.16 16.61
C GLU D 99 2.20 -27.27 17.43
N TYR D 100 3.10 -26.91 18.34
CA TYR D 100 3.74 -27.93 19.16
C TYR D 100 3.89 -27.46 20.60
N GLY D 101 2.87 -27.76 21.41
CA GLY D 101 2.89 -27.48 22.83
C GLY D 101 2.13 -26.24 23.26
N THR D 102 2.25 -25.92 24.55
CA THR D 102 1.58 -24.80 25.17
C THR D 102 2.54 -23.90 25.95
N ASN D 103 2.48 -22.61 25.64
CA ASN D 103 3.31 -21.67 26.38
C ASN D 103 2.47 -20.57 26.99
N VAL D 104 2.53 -20.41 28.31
CA VAL D 104 1.78 -19.35 28.95
C VAL D 104 2.74 -18.23 29.38
N GLY D 105 2.29 -16.99 29.23
CA GLY D 105 3.05 -15.80 29.57
C GLY D 105 4.48 -15.90 29.06
N SER D 106 5.40 -15.24 29.73
CA SER D 106 6.83 -15.25 29.44
C SER D 106 7.54 -14.10 30.16
N ARG D 107 8.87 -14.06 30.00
CA ARG D 107 9.75 -13.06 30.57
C ARG D 107 10.84 -12.67 29.59
N PHE D 108 10.88 -11.42 29.16
CA PHE D 108 11.92 -10.87 28.31
C PHE D 108 12.74 -9.83 29.06
N TYR D 109 13.97 -9.59 28.57
CA TYR D 109 14.82 -8.55 29.13
C TYR D 109 15.41 -7.67 28.04
N LEU D 110 15.45 -6.37 28.31
CA LEU D 110 16.00 -5.48 27.29
C LEU D 110 17.45 -5.80 26.97
N MET D 111 17.84 -5.59 25.71
CA MET D 111 19.19 -5.82 25.25
C MET D 111 19.90 -4.52 24.88
N ASN D 112 21.20 -4.67 24.62
CA ASN D 112 22.08 -3.58 24.23
C ASN D 112 23.18 -4.13 23.34
N GLY D 113 22.89 -4.31 22.04
CA GLY D 113 23.90 -4.94 21.21
C GLY D 113 24.07 -6.39 21.71
N PRO D 114 23.73 -7.32 20.85
CA PRO D 114 23.55 -8.76 21.04
C PRO D 114 24.33 -9.46 22.14
N ASP D 115 25.33 -8.89 22.77
CA ASP D 115 26.02 -9.55 23.87
C ASP D 115 25.60 -9.04 25.24
N LYS D 116 24.72 -8.04 25.36
CA LYS D 116 24.42 -7.52 26.69
C LYS D 116 23.00 -6.97 26.81
N TYR D 117 22.45 -7.09 28.03
CA TYR D 117 21.18 -6.43 28.34
C TYR D 117 21.50 -4.96 28.60
N GLN D 118 20.59 -4.03 28.34
CA GLN D 118 20.98 -2.64 28.57
C GLN D 118 20.96 -2.30 30.06
N MET D 119 22.05 -1.74 30.55
CA MET D 119 22.29 -1.36 31.94
C MET D 119 21.52 -0.11 32.34
N PHE D 120 21.02 -0.05 33.57
CA PHE D 120 20.34 1.19 33.96
C PHE D 120 20.81 1.68 35.34
N ASN D 121 21.10 2.96 35.45
CA ASN D 121 21.37 3.57 36.76
C ASN D 121 20.12 4.27 37.27
N LEU D 122 19.51 3.71 38.29
CA LEU D 122 18.19 4.04 38.78
C LEU D 122 18.13 5.30 39.62
N MET D 123 19.08 5.51 40.52
CA MET D 123 18.98 6.71 41.35
C MET D 123 19.21 7.98 40.54
N GLY D 124 18.34 8.98 40.70
CA GLY D 124 18.45 10.26 40.04
C GLY D 124 17.73 10.41 38.73
N ASN D 125 17.15 9.33 38.21
CA ASN D 125 16.48 9.34 36.91
C ASN D 125 15.14 8.62 36.97
N GLU D 126 14.26 8.83 36.00
CA GLU D 126 12.94 8.24 35.96
C GLU D 126 12.70 7.47 34.67
N LEU D 127 11.92 6.40 34.80
CA LEU D 127 11.45 5.52 33.76
C LEU D 127 10.02 5.83 33.34
N ALA D 128 9.85 6.16 32.06
CA ALA D 128 8.51 6.25 31.50
C ALA D 128 8.30 5.19 30.41
N PHE D 129 7.12 4.60 30.44
CA PHE D 129 6.62 3.67 29.43
C PHE D 129 5.11 3.81 29.29
N ASP D 130 4.57 3.28 28.21
CA ASP D 130 3.13 3.08 28.03
C ASP D 130 2.84 1.57 28.02
N VAL D 131 1.57 1.24 28.25
CA VAL D 131 1.18 -0.17 28.33
C VAL D 131 -0.32 -0.30 28.11
N ASP D 132 -0.79 -1.52 27.91
CA ASP D 132 -2.20 -1.85 27.92
C ASP D 132 -2.38 -3.27 28.49
N LEU D 133 -2.93 -3.29 29.68
CA LEU D 133 -3.29 -4.46 30.45
C LEU D 133 -4.78 -4.73 30.32
N SER D 134 -5.37 -4.13 29.27
CA SER D 134 -6.78 -4.42 29.01
C SER D 134 -6.86 -5.76 28.28
N THR D 135 -6.54 -6.79 29.03
CA THR D 135 -6.42 -8.16 28.61
C THR D 135 -5.91 -9.02 29.77
N VAL D 136 -5.29 -8.33 30.70
CA VAL D 136 -4.66 -8.81 31.92
C VAL D 136 -5.67 -8.81 33.06
N GLU D 137 -6.34 -9.94 33.20
CA GLU D 137 -7.47 -10.11 34.10
C GLU D 137 -7.07 -10.50 35.52
N CYS D 138 -8.11 -10.81 36.29
CA CYS D 138 -8.07 -11.32 37.64
C CYS D 138 -7.11 -12.50 37.74
N GLY D 139 -5.93 -12.29 38.34
CA GLY D 139 -5.00 -13.39 38.50
C GLY D 139 -3.93 -13.48 37.44
N ILE D 140 -3.83 -12.51 36.53
CA ILE D 140 -2.74 -12.64 35.54
C ILE D 140 -1.84 -11.42 35.58
N ASN D 141 -0.52 -11.61 35.65
CA ASN D 141 0.36 -10.50 35.97
C ASN D 141 1.14 -9.88 34.82
N SER D 142 0.85 -8.61 34.52
CA SER D 142 1.67 -7.80 33.62
C SER D 142 2.62 -6.92 34.41
N ALA D 143 3.89 -7.30 34.48
CA ALA D 143 4.89 -6.57 35.25
C ALA D 143 6.15 -6.23 34.48
N LEU D 144 6.62 -4.99 34.61
CA LEU D 144 7.88 -4.54 34.02
C LEU D 144 8.83 -4.09 35.12
N TYR D 145 9.87 -4.85 35.47
CA TYR D 145 10.63 -4.52 36.68
C TYR D 145 12.12 -4.32 36.42
N PHE D 146 12.83 -3.90 37.47
CA PHE D 146 14.27 -3.69 37.42
C PHE D 146 15.06 -4.51 38.41
N VAL D 147 15.80 -5.51 37.93
CA VAL D 147 16.57 -6.38 38.81
C VAL D 147 18.07 -6.18 38.69
N ALA D 148 18.84 -6.68 39.66
CA ALA D 148 20.26 -6.36 39.69
C ALA D 148 21.12 -7.41 39.00
N MET D 149 20.63 -7.94 37.88
CA MET D 149 21.40 -8.90 37.08
C MET D 149 22.75 -8.32 36.67
N GLU D 150 23.71 -9.16 36.27
CA GLU D 150 24.98 -8.64 35.76
C GLU D 150 24.87 -8.45 34.25
N GLU D 151 25.74 -7.63 33.69
CA GLU D 151 25.70 -7.32 32.26
C GLU D 151 25.61 -8.57 31.40
N ASP D 152 26.60 -9.46 31.46
CA ASP D 152 26.64 -10.59 30.52
C ASP D 152 25.77 -11.77 30.92
N GLY D 153 25.30 -11.83 32.16
CA GLY D 153 24.49 -12.98 32.58
C GLY D 153 25.29 -13.83 33.55
N GLY D 154 26.51 -13.41 33.87
CA GLY D 154 27.41 -14.15 34.73
C GLY D 154 28.37 -15.05 33.96
N MET D 155 28.52 -14.79 32.67
CA MET D 155 29.41 -15.61 31.85
C MET D 155 30.83 -15.61 32.42
N ALA D 156 31.38 -14.41 32.51
CA ALA D 156 32.70 -14.11 33.03
C ALA D 156 32.84 -14.47 34.51
N SER D 157 31.73 -14.51 35.24
CA SER D 157 31.87 -14.98 36.63
C SER D 157 31.98 -16.50 36.58
N TYR D 158 31.03 -17.03 35.83
CA TYR D 158 30.65 -18.40 35.66
C TYR D 158 30.97 -18.98 34.28
N PRO D 159 32.24 -19.07 33.92
CA PRO D 159 32.66 -19.44 32.56
C PRO D 159 31.84 -20.60 31.98
N SER D 160 31.47 -21.55 32.82
CA SER D 160 30.66 -22.69 32.42
C SER D 160 29.31 -22.25 31.85
N ASN D 161 28.88 -21.04 32.20
CA ASN D 161 27.75 -20.45 31.47
C ASN D 161 28.35 -19.88 30.19
N GLN D 162 27.91 -20.39 29.05
CA GLN D 162 28.53 -20.02 27.78
C GLN D 162 27.53 -19.35 26.86
N ALA D 163 26.26 -19.46 27.23
CA ALA D 163 25.16 -18.91 26.45
C ALA D 163 25.35 -17.43 26.18
N GLY D 164 25.69 -16.68 27.24
CA GLY D 164 25.93 -15.27 26.98
C GLY D 164 24.87 -14.38 27.60
N ALA D 165 24.67 -13.24 26.97
CA ALA D 165 23.55 -12.39 27.34
C ALA D 165 22.42 -12.63 26.33
N ARG D 166 22.78 -13.16 25.15
CA ARG D 166 21.80 -13.36 24.09
C ARG D 166 20.91 -14.58 24.34
N TYR D 167 21.15 -15.31 25.41
CA TYR D 167 20.33 -16.48 25.72
C TYR D 167 19.51 -16.29 26.99
N GLY D 168 19.25 -15.04 27.33
CA GLY D 168 18.45 -14.62 28.47
C GLY D 168 18.74 -15.42 29.72
N THR D 169 20.02 -15.75 29.90
CA THR D 169 20.52 -16.45 31.08
C THR D 169 20.81 -15.41 32.16
N GLY D 170 21.07 -15.92 33.35
CA GLY D 170 21.57 -15.25 34.51
C GLY D 170 20.71 -14.14 35.05
N TYR D 171 19.41 -14.36 35.12
CA TYR D 171 18.54 -13.29 35.68
C TYR D 171 18.48 -13.50 37.17
N CYS D 172 17.75 -12.70 37.95
CA CYS D 172 17.76 -12.89 39.40
C CYS D 172 16.69 -12.07 40.09
N ASP D 173 16.45 -12.32 41.38
CA ASP D 173 15.50 -11.43 42.05
C ASP D 173 15.50 -11.63 43.57
N ALA D 174 14.97 -10.63 44.28
CA ALA D 174 14.77 -10.57 45.70
C ALA D 174 14.06 -11.78 46.27
N GLN D 175 13.35 -12.57 45.46
CA GLN D 175 12.66 -13.75 45.99
C GLN D 175 13.49 -15.03 45.83
N CYS D 176 14.62 -14.95 45.16
CA CYS D 176 15.50 -16.08 44.89
C CYS D 176 14.79 -17.08 43.98
N ALA D 177 15.17 -17.06 42.71
CA ALA D 177 14.58 -17.87 41.65
C ALA D 177 15.23 -19.24 41.51
N ARG D 178 14.74 -20.23 42.24
CA ARG D 178 15.30 -21.58 42.14
C ARG D 178 14.45 -22.46 41.22
N ASP D 179 13.50 -21.85 40.51
CA ASP D 179 12.68 -22.49 39.50
C ASP D 179 13.46 -22.62 38.18
N LEU D 180 14.68 -22.12 38.26
CA LEU D 180 15.65 -22.00 37.19
C LEU D 180 16.45 -23.28 37.04
N LYS D 181 16.36 -23.91 35.88
CA LYS D 181 17.12 -25.15 35.70
C LYS D 181 18.60 -24.91 35.86
N PHE D 182 19.07 -23.69 35.63
CA PHE D 182 20.48 -23.36 35.79
C PHE D 182 20.61 -22.03 36.51
N VAL D 183 21.68 -21.87 37.29
CA VAL D 183 21.83 -20.70 38.15
C VAL D 183 23.23 -20.63 38.76
N GLY D 184 23.80 -19.43 38.81
CA GLY D 184 25.14 -19.24 39.37
C GLY D 184 26.20 -19.89 38.50
N GLY D 185 25.86 -20.09 37.22
CA GLY D 185 26.73 -20.75 36.28
C GLY D 185 26.62 -22.25 36.39
N LYS D 186 26.52 -22.75 37.62
CA LYS D 186 26.29 -24.18 37.82
C LYS D 186 24.81 -24.47 37.63
N ALA D 187 24.40 -25.71 37.85
CA ALA D 187 23.06 -26.16 37.50
C ALA D 187 22.05 -26.11 38.64
N ASN D 188 20.92 -26.76 38.36
CA ASN D 188 19.79 -26.88 39.28
C ASN D 188 19.05 -28.19 39.06
N ILE D 189 19.82 -29.28 39.06
CA ILE D 189 19.32 -30.64 38.95
C ILE D 189 19.08 -31.22 40.35
N GLU D 190 20.15 -31.63 41.00
CA GLU D 190 20.37 -32.30 42.25
C GLU D 190 19.57 -31.75 43.43
N GLY D 191 18.30 -31.44 43.23
CA GLY D 191 17.41 -30.93 44.25
C GLY D 191 15.97 -30.85 43.77
N TRP D 192 15.79 -30.74 42.46
CA TRP D 192 14.53 -30.47 41.78
C TRP D 192 13.37 -31.22 42.41
N LYS D 193 12.47 -30.43 43.03
CA LYS D 193 11.25 -31.04 43.54
C LYS D 193 10.08 -30.57 42.67
N SER D 194 9.87 -31.34 41.62
CA SER D 194 8.89 -31.16 40.57
C SER D 194 7.56 -30.62 41.09
N SER D 195 7.25 -29.38 40.70
CA SER D 195 6.02 -28.75 41.18
C SER D 195 4.78 -29.58 40.85
N THR D 196 3.67 -29.09 41.38
CA THR D 196 2.33 -29.65 41.27
C THR D 196 1.59 -29.10 40.07
N SER D 197 0.91 -27.96 40.25
CA SER D 197 0.14 -27.36 39.17
C SER D 197 1.04 -26.88 38.03
N ASP D 198 2.16 -26.27 38.38
CA ASP D 198 3.18 -25.76 37.47
C ASP D 198 3.41 -26.71 36.31
N PRO D 199 3.41 -26.14 35.11
CA PRO D 199 3.74 -26.86 33.88
C PRO D 199 4.93 -27.78 34.03
N ASN D 200 6.12 -27.36 33.60
CA ASN D 200 7.27 -28.27 33.64
C ASN D 200 8.35 -27.82 34.62
N ALA D 201 8.01 -26.88 35.50
CA ALA D 201 9.02 -26.33 36.40
C ALA D 201 8.88 -26.89 37.81
N GLY D 202 10.01 -26.92 38.50
CA GLY D 202 10.16 -27.41 39.86
C GLY D 202 11.35 -26.73 40.53
N VAL D 203 11.43 -26.76 41.85
CA VAL D 203 12.50 -26.05 42.52
C VAL D 203 13.78 -26.88 42.62
N GLY D 204 14.92 -26.25 42.39
CA GLY D 204 16.23 -26.87 42.57
C GLY D 204 16.77 -26.58 43.96
N PRO D 205 18.08 -26.65 44.17
CA PRO D 205 18.70 -26.30 45.45
C PRO D 205 19.23 -24.87 45.46
N TYR D 206 19.90 -24.43 44.39
CA TYR D 206 20.41 -23.07 44.32
C TYR D 206 19.35 -22.07 43.86
N GLY D 207 19.16 -21.00 44.64
CA GLY D 207 18.30 -19.91 44.19
C GLY D 207 19.15 -18.72 43.79
N SER D 208 18.79 -18.03 42.71
CA SER D 208 19.52 -16.82 42.33
C SER D 208 18.98 -15.63 43.11
N CYS D 209 19.84 -14.79 43.72
CA CYS D 209 19.20 -13.69 44.46
C CYS D 209 19.88 -12.37 44.15
N CYS D 210 19.08 -11.31 44.06
CA CYS D 210 19.49 -9.95 43.77
C CYS D 210 18.34 -8.97 44.01
N ALA D 211 18.68 -7.78 44.50
CA ALA D 211 17.73 -6.73 44.84
C ALA D 211 16.73 -6.51 43.72
N GLU D 212 15.50 -6.16 44.10
CA GLU D 212 14.41 -6.09 43.13
C GLU D 212 13.54 -4.86 43.32
N ILE D 213 13.50 -4.00 42.31
CA ILE D 213 12.59 -2.86 42.31
C ILE D 213 11.54 -3.04 41.23
N ASP D 214 10.42 -3.63 41.62
CA ASP D 214 9.23 -3.81 40.81
C ASP D 214 8.49 -2.50 40.61
N VAL D 215 8.79 -1.80 39.51
CA VAL D 215 8.14 -0.50 39.29
C VAL D 215 6.73 -0.70 38.75
N TRP D 216 6.40 -1.93 38.33
CA TRP D 216 5.02 -2.15 37.89
C TRP D 216 4.66 -3.63 37.94
N GLU D 217 3.98 -3.98 39.01
CA GLU D 217 3.24 -5.18 39.29
C GLU D 217 1.78 -4.91 38.97
N SER D 218 1.09 -5.71 38.15
CA SER D 218 -0.27 -5.21 37.92
C SER D 218 -1.19 -6.18 37.19
N ASN D 219 -2.44 -5.78 37.28
CA ASN D 219 -3.64 -6.18 36.63
C ASN D 219 -4.38 -4.94 36.11
N ALA D 220 -5.54 -5.21 35.53
CA ALA D 220 -6.53 -4.23 35.10
C ALA D 220 -7.51 -3.97 36.25
N TYR D 221 -7.14 -4.57 37.38
CA TYR D 221 -7.83 -4.71 38.63
C TYR D 221 -7.07 -4.12 39.80
N ALA D 222 -5.75 -4.17 39.69
CA ALA D 222 -4.87 -3.67 40.74
C ALA D 222 -3.43 -3.62 40.25
N PHE D 223 -2.57 -2.92 40.96
CA PHE D 223 -1.17 -2.71 40.62
C PHE D 223 -0.38 -2.33 41.87
N ALA D 224 0.88 -1.94 41.68
CA ALA D 224 1.71 -1.47 42.78
C ALA D 224 3.16 -1.20 42.40
N PHE D 225 3.75 -0.36 43.23
CA PHE D 225 5.17 -0.04 43.25
C PHE D 225 5.83 -0.84 44.36
N THR D 226 6.83 -1.67 44.04
CA THR D 226 7.38 -2.47 45.14
C THR D 226 8.89 -2.64 45.05
N PRO D 227 9.61 -1.75 45.70
CA PRO D 227 11.07 -1.86 45.79
C PRO D 227 11.51 -2.79 46.90
N HIS D 228 12.12 -3.93 46.60
CA HIS D 228 12.59 -4.82 47.67
C HIS D 228 14.11 -4.71 47.77
N ALA D 229 14.70 -5.06 48.91
CA ALA D 229 16.16 -4.99 49.00
C ALA D 229 16.76 -6.23 49.64
N CYS D 230 18.08 -6.27 49.77
CA CYS D 230 18.74 -7.39 50.43
C CYS D 230 20.01 -6.96 51.17
N THR D 231 20.59 -7.88 51.94
CA THR D 231 21.88 -7.61 52.59
C THR D 231 22.99 -7.82 51.56
N THR D 232 22.66 -8.54 50.49
CA THR D 232 23.48 -8.59 49.28
C THR D 232 22.51 -8.28 48.13
N ASN D 233 22.80 -7.25 47.34
CA ASN D 233 21.85 -6.84 46.30
C ASN D 233 22.40 -7.03 44.91
N GLU D 234 23.43 -7.87 44.77
CA GLU D 234 24.15 -8.01 43.51
C GLU D 234 24.45 -9.48 43.20
N TYR D 235 23.54 -10.11 42.49
CA TYR D 235 23.47 -11.53 42.17
C TYR D 235 24.21 -12.35 43.22
N HIS D 236 23.48 -13.10 44.05
CA HIS D 236 24.11 -14.06 44.94
C HIS D 236 23.49 -15.44 44.69
N VAL D 237 24.09 -16.44 45.32
CA VAL D 237 23.60 -17.80 45.17
C VAL D 237 23.10 -18.34 46.51
N CYS D 238 21.84 -18.05 46.83
CA CYS D 238 21.30 -18.65 48.05
C CYS D 238 21.34 -20.16 47.88
N GLU D 239 21.54 -20.92 48.96
CA GLU D 239 21.47 -22.38 48.75
C GLU D 239 20.62 -23.09 49.80
N THR D 240 19.62 -23.79 49.28
CA THR D 240 18.62 -24.55 50.01
C THR D 240 18.17 -23.82 51.27
N THR D 241 18.58 -24.31 52.43
CA THR D 241 18.14 -23.84 53.74
C THR D 241 18.39 -22.35 53.96
N ASN D 242 19.22 -21.72 53.14
CA ASN D 242 19.47 -20.29 53.30
C ASN D 242 18.90 -19.48 52.13
N CYS D 243 17.78 -19.93 51.58
CA CYS D 243 17.07 -19.26 50.50
C CYS D 243 15.74 -18.67 50.96
N GLY D 244 15.49 -17.44 50.55
CA GLY D 244 14.23 -16.77 50.82
C GLY D 244 13.28 -16.87 49.64
N GLY D 245 12.29 -15.97 49.61
CA GLY D 245 11.37 -15.92 48.49
C GLY D 245 10.16 -16.81 48.64
N THR D 246 9.60 -17.24 47.51
CA THR D 246 8.38 -18.04 47.61
C THR D 246 8.69 -19.50 47.31
N TYR D 247 9.78 -19.71 46.58
CA TYR D 247 10.15 -21.09 46.27
C TYR D 247 10.79 -21.77 47.48
N SER D 248 11.03 -20.97 48.51
CA SER D 248 11.75 -21.51 49.66
C SER D 248 10.83 -21.77 50.84
N GLU D 249 11.32 -22.60 51.75
CA GLU D 249 10.61 -23.01 52.95
C GLU D 249 10.30 -21.83 53.85
N ASP D 250 11.16 -20.81 53.86
CA ASP D 250 10.93 -19.60 54.66
C ASP D 250 11.14 -18.37 53.76
N ARG D 251 10.11 -17.58 53.53
CA ARG D 251 10.08 -16.42 52.65
C ARG D 251 10.81 -15.21 53.26
N PHE D 252 11.54 -15.46 54.33
CA PHE D 252 12.38 -14.50 55.03
C PHE D 252 13.74 -15.11 55.37
N ALA D 253 14.06 -16.22 54.72
CA ALA D 253 15.25 -17.02 54.99
C ALA D 253 16.42 -16.73 54.06
N GLY D 254 16.45 -15.59 53.38
CA GLY D 254 17.70 -15.33 52.65
C GLY D 254 18.36 -14.08 53.23
N LYS D 255 18.87 -13.27 52.33
CA LYS D 255 19.40 -11.95 52.58
C LYS D 255 18.37 -10.91 52.11
N CYS D 256 17.56 -11.37 51.18
CA CYS D 256 16.73 -10.60 50.28
C CYS D 256 15.27 -10.52 50.75
N ASP D 257 14.60 -9.53 50.17
CA ASP D 257 13.25 -9.10 50.44
C ASP D 257 12.27 -9.56 49.37
N ALA D 258 11.57 -10.64 49.70
CA ALA D 258 10.55 -11.26 48.88
C ALA D 258 9.21 -10.53 49.00
N ASN D 259 9.21 -9.44 49.76
CA ASN D 259 8.03 -8.71 50.16
C ASN D 259 8.05 -7.23 49.77
N GLY D 260 9.18 -6.57 49.98
CA GLY D 260 9.48 -5.19 49.71
C GLY D 260 8.35 -4.22 49.91
N CYS D 261 8.65 -3.03 50.42
CA CYS D 261 7.67 -1.96 50.61
C CYS D 261 6.78 -1.72 49.41
N ASP D 262 5.46 -1.92 49.54
CA ASP D 262 4.66 -1.74 48.32
C ASP D 262 3.72 -0.54 48.41
N TYR D 263 3.16 -0.19 47.25
CA TYR D 263 2.13 0.83 47.17
C TYR D 263 1.03 0.43 46.19
N ASN D 264 0.11 -0.37 46.71
CA ASN D 264 -1.18 -0.56 46.06
C ASN D 264 -2.19 0.43 46.65
N PRO D 265 -2.60 1.44 45.91
CA PRO D 265 -3.56 2.41 46.47
C PRO D 265 -4.85 1.73 46.88
N TYR D 266 -5.21 0.60 46.26
CA TYR D 266 -6.36 -0.15 46.74
C TYR D 266 -6.02 -0.63 48.17
N ARG D 267 -4.88 -1.32 48.23
CA ARG D 267 -4.36 -1.79 49.52
C ARG D 267 -4.05 -0.62 50.44
N MET D 268 -3.89 0.57 49.90
CA MET D 268 -3.54 1.76 50.66
C MET D 268 -4.75 2.66 50.89
N GLY D 269 -5.92 2.06 50.76
CA GLY D 269 -7.24 2.48 51.08
C GLY D 269 -8.04 3.24 50.06
N ASN D 270 -7.82 3.02 48.77
CA ASN D 270 -8.53 3.70 47.70
C ASN D 270 -8.96 2.73 46.59
N PRO D 271 -10.08 2.03 46.74
CA PRO D 271 -10.41 0.89 45.89
C PRO D 271 -11.11 1.30 44.60
N ASP D 272 -11.25 2.61 44.45
CA ASP D 272 -11.91 3.24 43.32
C ASP D 272 -10.98 4.17 42.54
N PHE D 273 -9.70 3.84 42.40
CA PHE D 273 -8.77 4.71 41.69
C PHE D 273 -8.41 4.20 40.28
N TYR D 274 -8.15 2.91 40.21
CA TYR D 274 -7.52 2.12 39.19
C TYR D 274 -8.35 0.85 38.91
N GLY D 275 -8.72 0.69 37.66
CA GLY D 275 -9.51 -0.40 37.12
C GLY D 275 -10.23 0.11 35.87
N LYS D 276 -10.78 -0.80 35.08
CA LYS D 276 -11.55 -0.42 33.90
C LYS D 276 -12.58 0.65 34.29
N GLY D 277 -12.56 1.78 33.60
CA GLY D 277 -13.39 2.93 33.84
C GLY D 277 -13.07 3.69 35.11
N LYS D 278 -12.12 3.25 35.93
CA LYS D 278 -11.81 4.02 37.14
C LYS D 278 -11.05 5.29 36.80
N THR D 279 -10.49 5.97 37.80
CA THR D 279 -9.79 7.24 37.62
C THR D 279 -8.72 7.15 36.54
N LEU D 280 -7.68 6.37 36.85
CA LEU D 280 -6.77 5.86 35.83
C LEU D 280 -7.44 4.59 35.26
N ASP D 281 -8.08 4.75 34.10
CA ASP D 281 -8.92 3.72 33.50
C ASP D 281 -8.11 2.75 32.66
N THR D 282 -8.24 1.46 32.97
CA THR D 282 -7.41 0.42 32.37
C THR D 282 -7.97 -0.15 31.08
N SER D 283 -9.16 0.26 30.66
CA SER D 283 -9.70 -0.21 29.38
C SER D 283 -9.01 0.53 28.23
N ARG D 284 -8.25 1.56 28.59
CA ARG D 284 -7.56 2.47 27.70
C ARG D 284 -6.09 2.66 28.06
N LYS D 285 -5.28 2.86 27.05
CA LYS D 285 -3.87 3.19 27.13
C LYS D 285 -3.61 4.21 28.23
N PHE D 286 -2.37 4.29 28.72
CA PHE D 286 -2.02 5.19 29.82
C PHE D 286 -0.52 5.12 30.12
N THR D 287 0.07 6.24 30.52
CA THR D 287 1.50 6.32 30.77
C THR D 287 1.82 6.24 32.26
N VAL D 288 2.94 5.58 32.57
CA VAL D 288 3.45 5.36 33.92
C VAL D 288 4.87 5.90 34.06
N VAL D 289 5.00 7.11 34.60
CA VAL D 289 6.32 7.72 34.81
C VAL D 289 6.76 7.50 36.25
N SER D 290 7.78 6.68 36.46
CA SER D 290 8.27 6.36 37.80
C SER D 290 9.65 6.96 38.03
N ARG D 291 9.84 7.67 39.13
CA ARG D 291 11.10 8.38 39.40
C ARG D 291 11.94 7.66 40.43
N PHE D 292 13.27 7.81 40.36
CA PHE D 292 14.04 7.10 41.40
C PHE D 292 15.01 8.04 42.11
N GLU D 293 14.60 8.49 43.29
CA GLU D 293 15.36 9.43 44.10
C GLU D 293 15.87 8.80 45.39
N GLU D 294 16.94 9.39 45.93
CA GLU D 294 17.40 8.93 47.23
C GLU D 294 16.26 9.07 48.23
N ASN D 295 16.08 8.07 49.06
CA ASN D 295 15.10 7.98 50.14
C ASN D 295 13.67 8.30 49.69
N LYS D 296 13.37 8.34 48.41
CA LYS D 296 12.11 8.82 47.85
C LYS D 296 11.89 8.34 46.42
N LEU D 297 10.92 7.45 46.27
CA LEU D 297 10.48 6.98 44.95
C LEU D 297 9.18 7.68 44.57
N SER D 298 9.00 8.00 43.29
CA SER D 298 7.74 8.62 42.88
C SER D 298 7.22 7.97 41.60
N GLN D 299 5.90 8.01 41.41
CA GLN D 299 5.25 7.35 40.29
C GLN D 299 3.81 7.84 40.05
N TYR D 300 3.65 8.69 39.05
CA TYR D 300 2.37 9.16 38.56
C TYR D 300 2.12 8.52 37.19
N PHE D 301 0.90 8.63 36.70
CA PHE D 301 0.45 8.21 35.39
C PHE D 301 0.00 9.41 34.53
N ILE D 302 -0.26 9.14 33.26
CA ILE D 302 -0.80 10.06 32.28
C ILE D 302 -1.72 9.33 31.29
N GLN D 303 -2.88 9.92 31.01
CA GLN D 303 -3.84 9.47 30.02
C GLN D 303 -4.35 10.65 29.19
N ASP D 304 -4.71 10.38 27.93
CA ASP D 304 -5.25 11.38 27.02
C ASP D 304 -4.50 12.70 27.04
N GLY D 305 -3.18 12.68 27.24
CA GLY D 305 -2.53 13.99 27.34
C GLY D 305 -2.97 14.68 28.63
N ARG D 306 -3.09 13.90 29.69
CA ARG D 306 -3.52 14.46 30.97
C ARG D 306 -2.81 13.77 32.13
N LYS D 307 -2.37 14.53 33.13
CA LYS D 307 -1.70 13.87 34.26
C LYS D 307 -2.73 13.22 35.16
N ILE D 308 -2.32 12.22 35.92
CA ILE D 308 -3.21 11.59 36.90
C ILE D 308 -2.42 11.16 38.12
N GLU D 309 -2.87 11.58 39.30
CA GLU D 309 -2.11 11.39 40.52
C GLU D 309 -2.78 10.43 41.50
N ILE D 310 -2.02 9.42 41.89
CA ILE D 310 -2.41 8.38 42.82
C ILE D 310 -2.72 8.96 44.19
N PRO D 311 -3.76 8.47 44.85
CA PRO D 311 -4.18 8.99 46.15
C PRO D 311 -3.39 8.40 47.31
N PRO D 312 -2.99 9.23 48.27
CA PRO D 312 -2.26 8.72 49.43
C PRO D 312 -3.13 7.76 50.24
N PRO D 313 -2.52 7.07 51.20
CA PRO D 313 -3.27 6.27 52.17
C PRO D 313 -4.47 6.98 52.75
N THR D 314 -5.37 6.23 53.41
CA THR D 314 -6.49 6.77 54.14
C THR D 314 -6.31 6.57 55.66
N TRP D 315 -6.29 5.32 56.07
CA TRP D 315 -6.09 4.88 57.46
C TRP D 315 -5.05 5.77 58.14
N GLU D 316 -5.43 6.50 59.19
CA GLU D 316 -4.44 7.43 59.73
C GLU D 316 -3.24 6.63 60.26
N GLY D 317 -2.10 7.29 60.39
CA GLY D 317 -0.87 6.63 60.78
C GLY D 317 0.20 6.82 59.71
N MET D 318 -0.15 6.46 58.49
CA MET D 318 0.71 6.63 57.32
C MET D 318 0.90 8.11 57.02
N PRO D 319 1.93 8.45 56.24
CA PRO D 319 2.16 9.84 55.85
C PRO D 319 0.98 10.42 55.08
N ASN D 320 1.22 11.49 54.34
CA ASN D 320 0.16 12.14 53.57
C ASN D 320 0.55 12.27 52.11
N SER D 321 0.93 11.13 51.52
CA SER D 321 1.38 11.13 50.14
C SER D 321 1.73 9.71 49.67
N SER D 322 1.35 9.41 48.44
CA SER D 322 1.56 8.12 47.83
C SER D 322 3.03 7.85 47.54
N GLU D 323 3.87 8.85 47.75
CA GLU D 323 5.30 8.68 47.49
C GLU D 323 5.85 7.50 48.28
N ILE D 324 6.97 6.93 47.85
CA ILE D 324 7.58 5.84 48.60
C ILE D 324 8.75 6.39 49.42
N THR D 325 8.46 6.60 50.69
CA THR D 325 9.27 7.24 51.71
C THR D 325 9.52 6.34 52.91
N PRO D 326 10.54 6.68 53.69
CA PRO D 326 10.78 5.92 54.92
C PRO D 326 9.58 5.98 55.86
N GLU D 327 8.93 7.14 55.98
CA GLU D 327 7.80 7.22 56.91
C GLU D 327 6.64 6.39 56.36
N LEU D 328 6.54 6.32 55.03
CA LEU D 328 5.56 5.41 54.45
C LEU D 328 5.79 4.00 55.01
N CYS D 329 6.82 3.35 54.49
CA CYS D 329 7.13 1.96 54.84
C CYS D 329 7.03 1.70 56.35
N SER D 330 7.72 2.44 57.20
CA SER D 330 7.62 2.29 58.66
C SER D 330 6.21 2.50 59.19
N THR D 331 5.45 3.47 58.66
CA THR D 331 4.08 3.69 59.09
C THR D 331 3.11 2.73 58.39
N MET D 332 3.61 1.58 58.02
CA MET D 332 2.98 0.47 57.33
C MET D 332 3.10 -0.76 58.20
N PHE D 333 4.08 -0.68 59.11
CA PHE D 333 4.30 -1.82 60.02
C PHE D 333 3.91 -1.44 61.44
N ASP D 334 2.75 -0.79 61.47
CA ASP D 334 1.94 -0.39 62.58
C ASP D 334 0.46 -0.62 62.19
N VAL D 335 0.13 -0.13 60.99
CA VAL D 335 -1.22 -0.18 60.45
C VAL D 335 -1.53 -1.54 59.84
N PHE D 336 -0.69 -2.02 58.92
CA PHE D 336 -1.07 -3.27 58.25
C PHE D 336 -0.78 -4.47 59.12
N ASN D 337 0.20 -4.38 60.01
CA ASN D 337 0.45 -5.49 60.92
C ASN D 337 0.95 -6.72 60.16
N ASP D 338 2.17 -6.62 59.67
CA ASP D 338 2.88 -7.71 58.98
C ASP D 338 4.34 -7.72 59.43
N ARG D 339 5.01 -8.86 59.32
CA ARG D 339 6.42 -8.94 59.68
C ARG D 339 7.20 -7.85 58.95
N ASN D 340 7.99 -7.08 59.68
CA ASN D 340 8.70 -5.97 59.07
C ASN D 340 10.07 -6.38 58.55
N ARG D 341 10.09 -7.08 57.41
CA ARG D 341 11.33 -7.57 56.86
C ARG D 341 12.20 -6.47 56.27
N PHE D 342 11.57 -5.46 55.69
CA PHE D 342 12.30 -4.37 55.04
C PHE D 342 13.27 -3.73 56.01
N GLU D 343 12.93 -3.74 57.31
CA GLU D 343 13.91 -3.12 58.21
C GLU D 343 14.97 -4.15 58.57
N GLU D 344 14.56 -5.41 58.51
CA GLU D 344 15.39 -6.55 58.84
C GLU D 344 16.52 -6.75 57.83
N VAL D 345 16.48 -5.99 56.74
CA VAL D 345 17.39 -6.18 55.63
C VAL D 345 18.34 -5.02 55.43
N GLY D 346 18.26 -3.98 56.26
CA GLY D 346 19.20 -2.88 56.10
C GLY D 346 18.50 -1.54 55.97
N GLY D 347 17.19 -1.58 55.79
CA GLY D 347 16.30 -0.46 55.77
C GLY D 347 16.01 0.17 54.42
N PHE D 348 15.55 1.43 54.44
CA PHE D 348 15.27 2.17 53.23
C PHE D 348 16.57 2.77 52.70
N GLU D 349 17.56 2.87 53.60
CA GLU D 349 18.81 3.44 53.09
C GLU D 349 19.55 2.36 52.33
N GLN D 350 19.29 1.12 52.70
CA GLN D 350 19.89 -0.04 52.05
C GLN D 350 19.35 -0.17 50.63
N LEU D 351 18.20 0.48 50.43
CA LEU D 351 17.44 0.56 49.20
C LEU D 351 18.07 1.61 48.30
N ASN D 352 18.62 2.67 48.89
CA ASN D 352 19.43 3.56 48.05
C ASN D 352 20.70 2.80 47.69
N ASN D 353 21.13 1.91 48.58
CA ASN D 353 22.24 1.00 48.26
C ASN D 353 21.87 0.16 47.02
N ALA D 354 20.65 -0.38 47.02
CA ALA D 354 20.09 -1.06 45.87
C ALA D 354 19.88 -0.13 44.69
N LEU D 355 19.19 0.98 44.92
CA LEU D 355 18.78 1.93 43.91
C LEU D 355 19.94 2.45 43.08
N ARG D 356 21.17 2.34 43.57
CA ARG D 356 22.35 2.72 42.82
C ARG D 356 23.08 1.50 42.28
N VAL D 357 22.34 0.61 41.64
CA VAL D 357 22.94 -0.52 40.92
C VAL D 357 22.44 -0.53 39.48
N PRO D 358 23.36 -0.60 38.53
CA PRO D 358 22.93 -0.81 37.14
C PRO D 358 22.05 -2.04 37.06
N MET D 359 20.76 -1.83 36.80
CA MET D 359 19.86 -2.98 36.74
C MET D 359 19.44 -3.29 35.31
N VAL D 360 18.94 -4.51 35.14
CA VAL D 360 18.49 -4.99 33.84
C VAL D 360 16.96 -5.01 33.80
N LEU D 361 16.40 -4.25 32.88
CA LEU D 361 14.96 -4.05 32.70
C LEU D 361 14.26 -5.32 32.23
N VAL D 362 13.36 -5.83 33.06
CA VAL D 362 12.61 -7.04 32.81
C VAL D 362 11.15 -6.70 32.49
N MET D 363 10.55 -7.52 31.64
CA MET D 363 9.16 -7.42 31.18
C MET D 363 8.55 -8.81 31.06
N SER D 364 7.31 -8.97 31.52
CA SER D 364 6.68 -10.28 31.59
C SER D 364 5.20 -10.28 31.97
N ILE D 365 4.54 -11.35 31.56
CA ILE D 365 3.15 -11.70 31.76
C ILE D 365 3.09 -13.14 32.30
N TRP D 366 2.29 -13.38 33.33
CA TRP D 366 2.32 -14.64 34.05
C TRP D 366 1.33 -14.73 35.21
N ASP D 367 1.07 -15.96 35.63
CA ASP D 367 0.18 -16.33 36.72
C ASP D 367 0.91 -17.01 37.88
N ASP D 368 0.20 -17.14 39.00
CA ASP D 368 0.77 -17.55 40.27
C ASP D 368 0.25 -18.88 40.78
N HIS D 369 1.04 -19.94 40.64
CA HIS D 369 0.62 -21.26 41.12
C HIS D 369 0.74 -21.34 42.64
N TYR D 370 1.40 -20.31 43.18
CA TYR D 370 1.64 -20.31 44.62
C TYR D 370 0.50 -19.63 45.35
N ALA D 371 0.15 -18.42 44.92
CA ALA D 371 -0.91 -17.68 45.59
C ALA D 371 -1.72 -16.84 44.61
N ASN D 372 -1.93 -17.36 43.41
CA ASN D 372 -2.86 -16.86 42.42
C ASN D 372 -3.08 -15.37 42.33
N MET D 373 -2.15 -14.53 42.76
CA MET D 373 -2.23 -13.09 42.52
C MET D 373 -3.34 -12.43 43.32
N LEU D 374 -3.91 -13.19 44.22
CA LEU D 374 -4.91 -12.85 45.20
C LEU D 374 -4.50 -11.66 46.06
N TRP D 375 -3.20 -11.48 46.17
CA TRP D 375 -2.54 -10.39 46.86
C TRP D 375 -2.44 -9.17 45.96
N LEU D 376 -2.32 -9.43 44.66
CA LEU D 376 -2.17 -8.34 43.72
C LEU D 376 -3.54 -7.74 43.39
N ASP D 377 -4.51 -8.60 43.12
CA ASP D 377 -5.82 -8.13 42.67
C ASP D 377 -6.97 -8.57 43.56
N SER D 378 -6.71 -9.07 44.76
CA SER D 378 -7.81 -9.50 45.60
C SER D 378 -7.56 -9.19 47.08
N ILE D 379 -7.99 -10.13 47.91
CA ILE D 379 -7.84 -10.17 49.35
C ILE D 379 -7.09 -11.43 49.80
N TYR D 380 -5.84 -11.23 50.17
CA TYR D 380 -4.88 -12.21 50.63
C TYR D 380 -4.38 -11.91 52.04
N PRO D 381 -4.52 -12.79 53.00
CA PRO D 381 -5.40 -13.95 53.05
C PRO D 381 -6.77 -13.62 53.64
N PRO D 382 -7.73 -14.52 53.49
CA PRO D 382 -9.09 -14.31 53.96
C PRO D 382 -9.40 -14.91 55.33
N GLU D 383 -8.42 -15.48 56.02
CA GLU D 383 -8.64 -16.16 57.30
C GLU D 383 -9.46 -15.32 58.29
N LYS D 384 -8.99 -14.10 58.53
CA LYS D 384 -9.62 -13.16 59.43
C LYS D 384 -10.08 -11.90 58.67
N GLU D 385 -9.22 -11.38 57.82
CA GLU D 385 -9.32 -10.30 56.88
C GLU D 385 -10.02 -9.04 57.41
N GLY D 386 -10.45 -8.19 56.48
CA GLY D 386 -11.17 -6.96 56.73
C GLY D 386 -10.31 -5.82 57.23
N GLN D 387 -9.21 -6.19 57.85
CA GLN D 387 -8.21 -5.38 58.50
C GLN D 387 -7.25 -4.77 57.47
N PRO D 388 -6.55 -3.73 57.87
CA PRO D 388 -5.50 -3.13 57.06
C PRO D 388 -4.60 -4.12 56.34
N GLY D 389 -4.41 -3.82 55.06
CA GLY D 389 -3.51 -4.49 54.17
C GLY D 389 -3.98 -5.81 53.60
N ALA D 390 -5.20 -6.27 53.93
CA ALA D 390 -5.61 -7.54 53.33
C ALA D 390 -6.13 -7.27 51.92
N ALA D 391 -6.95 -6.25 51.88
CA ALA D 391 -7.62 -5.67 50.74
C ALA D 391 -6.60 -5.02 49.81
N ARG D 392 -6.47 -5.68 48.66
CA ARG D 392 -5.55 -5.35 47.59
C ARG D 392 -6.29 -5.28 46.26
N GLY D 393 -7.52 -5.79 46.25
CA GLY D 393 -8.35 -5.81 45.07
C GLY D 393 -9.75 -6.38 45.25
N ASP D 394 -10.46 -6.48 44.14
CA ASP D 394 -11.84 -6.93 44.11
C ASP D 394 -12.00 -8.23 43.32
N CYS D 395 -10.89 -8.95 43.15
CA CYS D 395 -10.90 -10.26 42.53
C CYS D 395 -11.46 -11.31 43.48
N PRO D 396 -12.08 -12.35 42.96
CA PRO D 396 -12.69 -13.40 43.78
C PRO D 396 -11.69 -14.41 44.37
N THR D 397 -12.21 -15.15 45.34
CA THR D 397 -11.49 -16.09 46.17
C THR D 397 -11.38 -17.46 45.50
N ASP D 398 -11.97 -17.60 44.32
CA ASP D 398 -11.73 -18.81 43.53
C ASP D 398 -10.97 -18.42 42.27
N SER D 399 -10.54 -17.17 42.24
CA SER D 399 -9.80 -16.51 41.20
C SER D 399 -8.30 -16.77 41.27
N GLY D 400 -7.66 -16.90 40.11
CA GLY D 400 -6.23 -16.97 39.96
C GLY D 400 -5.64 -18.33 39.68
N VAL D 401 -6.41 -19.37 39.94
CA VAL D 401 -5.92 -20.74 39.70
C VAL D 401 -5.49 -20.87 38.24
N PRO D 402 -4.17 -20.92 38.09
CA PRO D 402 -3.46 -20.96 36.81
C PRO D 402 -4.20 -21.73 35.73
N ALA D 403 -4.31 -23.05 35.88
CA ALA D 403 -5.02 -23.79 34.83
C ALA D 403 -6.49 -23.41 34.80
N GLU D 404 -6.97 -22.86 35.92
CA GLU D 404 -8.37 -22.43 35.97
C GLU D 404 -8.55 -21.14 35.17
N VAL D 405 -7.56 -20.26 35.29
CA VAL D 405 -7.61 -18.96 34.61
C VAL D 405 -7.03 -19.07 33.20
N GLU D 406 -6.03 -19.94 33.05
CA GLU D 406 -5.36 -20.14 31.77
C GLU D 406 -6.30 -20.70 30.71
N ALA D 407 -7.33 -21.44 31.16
CA ALA D 407 -8.26 -22.06 30.23
C ALA D 407 -9.44 -21.14 29.93
N GLN D 408 -9.62 -20.10 30.74
CA GLN D 408 -10.75 -19.20 30.50
C GLN D 408 -10.31 -17.94 29.77
N PHE D 409 -9.07 -17.48 29.96
CA PHE D 409 -8.64 -16.30 29.23
C PHE D 409 -7.27 -16.46 28.58
N PRO D 410 -7.17 -17.37 27.61
CA PRO D 410 -5.92 -17.61 26.88
C PRO D 410 -5.60 -16.53 25.84
N ASP D 411 -6.48 -15.57 25.59
CA ASP D 411 -6.12 -14.56 24.60
C ASP D 411 -5.79 -13.22 25.27
N ALA D 412 -5.42 -13.29 26.54
CA ALA D 412 -4.91 -12.16 27.31
C ALA D 412 -3.53 -11.74 26.83
N GLN D 413 -3.21 -10.46 26.86
CA GLN D 413 -1.91 -9.98 26.43
C GLN D 413 -1.55 -8.60 26.97
N VAL D 414 -0.28 -8.43 27.35
CA VAL D 414 0.20 -7.12 27.75
C VAL D 414 1.00 -6.47 26.63
N VAL D 415 0.68 -5.21 26.31
CA VAL D 415 1.40 -4.62 25.18
C VAL D 415 2.22 -3.41 25.65
N TRP D 416 3.50 -3.65 25.90
CA TRP D 416 4.32 -2.52 26.34
C TRP D 416 4.81 -1.70 25.14
N SER D 417 4.83 -0.38 25.32
CA SER D 417 5.36 0.52 24.31
C SER D 417 5.91 1.78 24.99
N ASN D 418 6.49 2.65 24.19
CA ASN D 418 7.13 3.89 24.60
C ASN D 418 8.00 3.73 25.85
N ILE D 419 9.11 3.02 25.72
CA ILE D 419 10.07 2.89 26.82
C ILE D 419 11.16 3.95 26.69
N ARG D 420 11.27 4.81 27.69
CA ARG D 420 12.14 5.98 27.71
C ARG D 420 12.95 6.05 29.00
N PHE D 421 14.08 6.76 29.04
CA PHE D 421 14.88 6.80 30.25
C PHE D 421 15.81 8.01 30.34
N GLY D 422 15.67 8.82 31.39
CA GLY D 422 16.52 9.94 31.72
C GLY D 422 16.26 10.55 33.08
N PRO D 423 16.63 11.83 33.27
CA PRO D 423 16.41 12.54 34.53
C PRO D 423 14.95 12.69 34.94
N ILE D 424 14.74 13.17 36.17
CA ILE D 424 13.42 13.37 36.76
C ILE D 424 12.60 14.35 35.92
N GLY D 425 11.38 13.95 35.60
CA GLY D 425 10.44 14.68 34.78
C GLY D 425 11.05 15.07 33.45
N SER D 426 12.00 14.26 32.99
CA SER D 426 12.82 14.60 31.83
C SER D 426 12.40 13.85 30.57
N THR D 427 11.32 13.08 30.62
CA THR D 427 10.89 12.33 29.44
C THR D 427 9.54 12.85 28.91
N TYR D 428 8.63 13.23 29.79
CA TYR D 428 7.41 13.92 29.42
C TYR D 428 7.37 15.27 30.13
N ASP D 429 6.96 16.34 29.44
CA ASP D 429 6.89 17.65 30.10
C ASP D 429 5.76 17.65 31.13
N PHE D 430 6.01 16.94 32.21
CA PHE D 430 5.10 16.65 33.30
C PHE D 430 5.85 16.41 34.61
C2 BGC E . 11.68 -42.10 -14.49
C3 BGC E . 10.53 -41.13 -14.18
C4 BGC E . 11.17 -39.79 -13.85
C5 BGC E . 11.95 -39.31 -15.06
C6 BGC E . 12.54 -37.94 -14.75
C1 BGC E . 12.47 -41.55 -15.67
O1 BGC E . 13.56 -42.44 -15.97
O2 BGC E . 11.19 -43.41 -14.73
O3 BGC E . 9.74 -41.63 -13.11
O4 BGC E . 10.25 -38.80 -13.41
O5 BGC E . 12.99 -40.26 -15.35
O6 BGC E . 13.84 -37.82 -15.31
C2 BGC E . 9.05 -38.09 -11.42
C3 BGC E . 9.15 -38.09 -9.89
C4 BGC E . 9.31 -39.53 -9.40
C5 BGC E . 10.52 -40.17 -10.09
C6 BGC E . 10.78 -41.58 -9.61
C1 BGC E . 10.31 -38.75 -11.98
O2 BGC E . 8.91 -36.75 -11.91
O3 BGC E . 7.99 -37.49 -9.31
O4 BGC E . 9.50 -39.55 -7.98
O5 BGC E . 10.36 -40.11 -11.51
O6 BGC E . 9.80 -42.52 -10.06
C2 BGC F . 7.33 -35.71 0.98
C3 BGC F . 6.67 -36.43 2.16
C4 BGC F . 5.48 -35.56 2.63
C5 BGC F . 4.53 -35.49 1.45
C6 BGC F . 3.22 -34.78 1.80
C1 BGC F . 6.28 -35.51 -0.12
O1 BGC F . 6.88 -34.77 -1.20
O2 BGC F . 8.41 -36.49 0.47
O3 BGC F . 7.60 -36.64 3.21
O4 BGC F . 4.85 -36.14 3.77
O5 BGC F . 5.17 -34.76 0.39
O6 BGC F . 2.81 -33.99 0.69
C2 BGC F . 3.81 -35.61 5.89
C3 BGC F . 3.87 -34.71 7.13
C4 BGC F . 5.29 -34.42 7.59
C5 BGC F . 6.16 -34.05 6.38
C6 BGC F . 7.58 -33.73 6.86
C1 BGC F . 4.87 -35.21 4.86
O2 BGC F . 2.52 -35.44 5.32
O3 BGC F . 3.13 -35.31 8.20
O4 BGC F . 5.29 -33.32 8.51
O5 BGC F . 6.16 -35.16 5.47
O6 BGC F . 8.36 -34.92 6.87
C2 BGC G . -5.28 11.00 -51.75
C3 BGC G . -4.58 10.68 -50.43
C4 BGC G . -5.21 9.49 -49.71
C5 BGC G . -5.52 8.38 -50.71
C6 BGC G . -6.37 7.32 -50.01
C1 BGC G . -5.48 9.76 -52.63
O1 BGC G . -6.25 10.10 -53.79
O2 BGC G . -4.54 11.97 -52.49
O3 BGC G . -4.63 11.80 -49.54
O4 BGC G . -4.24 8.97 -48.79
O5 BGC G . -6.24 8.83 -51.86
O6 BGC G . -5.79 6.02 -50.24
C2 BGC G . -3.63 8.40 -46.55
C3 BGC G . -3.73 8.78 -45.08
C4 BGC G . -3.56 10.27 -44.82
C5 BGC G . -4.23 11.11 -45.89
C6 BGC G . -3.86 12.57 -45.72
C1 BGC G . -4.45 9.36 -47.43
O2 BGC G . -4.07 7.05 -46.74
O3 BGC G . -2.76 8.05 -44.31
O4 BGC G . -4.18 10.55 -43.55
O5 BGC G . -3.90 10.67 -47.21
O6 BGC G . -2.44 12.72 -45.80
C2 BGC G . -2.98 12.14 -42.23
C3 BGC G . -2.14 12.37 -40.96
C4 BGC G . -2.78 11.54 -39.84
C5 BGC G . -2.68 10.10 -40.27
C6 BGC G . -2.92 9.10 -39.16
C1 BGC G . -3.15 10.66 -42.54
O2 BGC G . -2.37 12.79 -43.36
O3 BGC G . -2.12 13.74 -40.60
O4 BGC G . -2.29 11.88 -38.55
O5 BGC G . -3.54 9.89 -41.39
O6 BGC G . -4.17 9.30 -38.50
C2 BGC G . -3.45 12.68 -36.56
C3 BGC G . -4.20 13.85 -35.91
C4 BGC G . -3.49 15.17 -36.22
C5 BGC G . -3.23 15.28 -37.73
C6 BGC G . -2.50 16.60 -38.01
C1 BGC G . -3.08 12.96 -38.01
O2 BGC G . -4.30 11.52 -36.51
O3 BGC G . -4.29 13.69 -34.50
O4 BGC G . -4.26 16.26 -35.73
O5 BGC G . -2.37 14.19 -38.12
O6 BGC G . -1.08 16.38 -37.92
C2 BGC H . -8.57 41.89 14.77
C3 BGC H . -9.52 40.99 13.99
C4 BGC H . -9.73 39.62 14.62
C5 BGC H . -9.90 39.69 16.13
C6 BGC H . -9.78 38.27 16.70
C1 BGC H . -8.96 41.84 16.26
O1 BGC H . -8.10 42.71 17.00
O2 BGC H . -8.82 43.23 14.31
O3 BGC H . -9.14 40.91 12.63
O4 BGC H . -10.93 39.06 14.03
O5 BGC H . -8.89 40.50 16.72
O6 BGC H . -10.45 38.16 17.97
C2 BGC H . -11.68 37.10 12.89
C3 BGC H . -11.45 36.17 11.70
C4 BGC H . -11.14 36.97 10.44
C5 BGC H . -10.09 38.05 10.66
C6 BGC H . -10.07 38.93 9.40
C1 BGC H . -10.57 38.17 12.97
O2 BGC H . -11.67 36.37 14.12
O3 BGC H . -12.62 35.41 11.42
O4 BGC H . -10.77 36.07 9.38
O5 BGC H . -10.47 38.90 11.76
O6 BGC H . -11.20 39.82 9.49
C2 BGC I . 2.14 -11.46 50.54
C3 BGC I . 3.39 -11.21 49.69
C4 BGC I . 3.38 -9.78 49.12
C5 BGC I . 3.09 -8.79 50.24
C6 BGC I . 2.99 -7.39 49.61
C1 BGC I . 1.92 -10.34 51.55
O1 BGC I . 0.70 -10.59 52.27
O2 BGC I . 2.22 -12.72 51.20
O3 BGC I . 3.39 -12.12 48.58
O4 BGC I . 4.68 -9.54 48.58
O5 BGC I . 1.83 -9.08 50.87
O6 BGC I . 1.89 -7.36 48.70
C2 BGC I . 5.89 -8.76 46.68
C3 BGC I . 5.94 -8.72 45.15
C4 BGC I . 5.94 -10.18 44.66
C5 BGC I . 4.67 -10.85 45.18
C6 BGC I . 4.62 -12.29 44.67
C1 BGC I . 4.63 -9.49 47.15
O2 BGC I . 6.00 -7.47 47.26
O3 BGC I . 7.06 -8.01 44.64
O4 BGC I . 6.01 -10.21 43.25
O5 BGC I . 4.63 -10.83 46.61
O6 BGC I . 5.40 -13.13 45.51
C2 BGC J . 8.74 -13.06 36.45
C3 BGC J . 7.66 -14.06 36.04
C4 BGC J . 7.56 -15.18 37.07
C5 BGC J . 7.39 -14.55 38.45
C6 BGC J . 7.13 -15.62 39.51
C1 BGC J . 8.66 -12.67 37.91
O1 BGC J . 9.86 -11.95 38.26
O2 BGC J . 8.71 -11.91 35.60
O3 BGC J . 7.98 -14.61 34.76
O4 BGC J . 6.45 -16.04 36.80
O5 BGC J . 8.61 -13.84 38.74
O6 BGC J . 8.22 -16.54 39.58
C2 BGC J . 5.91 -18.30 36.13
C3 BGC J . 6.49 -19.65 35.71
C4 BGC J . 7.76 -19.43 34.90
C5 BGC J . 8.76 -18.63 35.75
C6 BGC J . 10.07 -18.49 34.99
C1 BGC J . 6.98 -17.38 36.73
O2 BGC J . 4.84 -18.44 37.07
O3 BGC J . 5.51 -20.37 34.95
O4 BGC J . 8.35 -20.63 34.42
O5 BGC J . 8.18 -17.32 35.95
O6 BGC J . 11.12 -18.09 35.88
#